data_6KOE
#
_entry.id   6KOE
#
_cell.length_a   112.988
_cell.length_b   162.110
_cell.length_c   149.509
_cell.angle_alpha   90.000
_cell.angle_beta   109.020
_cell.angle_gamma   90.000
#
_symmetry.space_group_name_H-M   'P 1 21 1'
#
loop_
_entity.id
_entity.type
_entity.pdbx_description
1 polymer 'AA3-600 quinol oxidase subunit I'
2 polymer 'Quinol oxidase subunit 2'
3 polymer 'AA3-600 quinol oxidase subunit IIII'
4 polymer 'AA3-600 quinol oxidase subunit IV'
5 non-polymer HEME-A
6 non-polymer 'COPPER (II) ION'
7 non-polymer '2-HEPTYL-4-HYDROXY QUINOLINE N-OXIDE'
#
loop_
_entity_poly.entity_id
_entity_poly.type
_entity_poly.pdbx_seq_one_letter_code
_entity_poly.pdbx_strand_id
1 'polypeptide(L)'
;MKFKWDEFFVTGDPLILGAQVSIALSTIAIIFVLTYFKKWKWLWSEWITTVDHKKLGIMYIISAVIMLFRGGVDGLMMRA
QLALPNNSFLDSNHYNEIFTTHGTIMIIFMAMPFLIGLINVVVPLQIGARDVAFPYLNNLSFWTFFVGAMLFNISFVIGG
SPNAGWTSYMPLASNDMSPGPGENYYLLGLQIAGIGTLMTGINFMVTILKMRTKGMTLMRMPMFTWTTLITMVIIVFAFP
VLTVALALLSFDRLFGAHFFTLEAGGMPMLWANLFWIWGHPEVYIVILPAFGIFSEIISSFARKQLFGYKAMVGSIIAIS
VLSFLVWTHHFFTMGNSASVNSFFSITTMAISIPTGVKIFNWLFTMYKGRISFTTPMLWALAFIPNFVIGGVTGVMLAMA
AADYQYHNTYFLVSHFHYVLIAGTVFACFAGFIFWYPKMFGHKLNERIGKWFFWIFMIGFNICFFPQYFLGLQGMPRRIY
TYGPNDGWTTLNFISTVGAFMMGVGFLILCYNIYYSFRYSTREISGDSWGVGRTLDWATSSAIPPHYNFAVLPEVKSQDA
FLHMKEEKTELYPESKFKKIHMPSNSGRPFFMSVAFGLAGFGLVFEWYWMGVVGLIGVLLCMVLRSFEYDNGYYISVDEI
KETERKISEHHHHHH
;
A,E
2 'polypeptide(L)'
;CSNASVLDPKGPVAEQQSDLILLSIGFMLFIVGVVFVLFTIILVKYRDRKGKDNGSYNPEIHGNTFLEVVWTVIPILIVI
ALSVPTVQTIYSLEKAPEATKDKEPLVVYATSVDWKWVFSYPEQDIETVNYLNIPVDRPILFKISSADSMASLWIPQLGG
QKYAMAGMLMDQYLQADKVGTYEGRNANFTGEHFADQEFDVNAVTEKDFNSWVKKTQNEAPKLTKEKYDELMLPENVDEL
TFSSTHLKYVDHGQDAEYAMEARKRLGYQAVSPHSKTDPFENVKKNEFKKSDDTEE
;
B,F
3 'polypeptide(L)'
;MEHAEHGNSNAPMEYQSETGRLNILGFWIFLGAEIVLFSTLFATFFVLKNRTAGGVLPDELFEVNLVMIMTFLLLISSFT
CGIAVHEMRRGSLKGVVIWTIITLLLGAGFVGCEINEFVHYVHEGAALSTSAFWSGFFVLLGTHGTHVTIGIFWITGILI
QLKKRGLTPQTSSKIFISSLYWHFLDVVWIFIFTGVYLMGLGGL
;
C,G
4 'polypeptide(L)'
;(UNK)(UNK)(UNK)(UNK)(UNK)(UNK)(UNK)(UNK)(UNK)(UNK)(UNK)(UNK)(UNK)(UNK)(UNK)(UNK)
(UNK)(UNK)(UNK)(UNK)(UNK)(UNK)(UNK)(UNK)(UNK)(UNK)(UNK)(UNK)(UNK)(UNK)(UNK)(UNK)
(UNK)(UNK)(UNK)(UNK)(UNK)(UNK)(UNK)(UNK)(UNK)(UNK)(UNK)(UNK)(UNK)(UNK)(UNK)FGFAF
IQAALQLLMFMHMTESENGTIQVGNTLFGFFGAIVIVLGSIWIFAAHYHHGDHMDGNPPGGAEHSEHSGHNE
;
D,H
#
loop_
_chem_comp.id
_chem_comp.type
_chem_comp.name
_chem_comp.formula
CU non-polymer 'COPPER (II) ION' 'Cu 2'
HEA non-polymer HEME-A 'C49 H56 Fe N4 O6'
HQO non-polymer '2-HEPTYL-4-HYDROXY QUINOLINE N-OXIDE' 'C16 H21 N O2'
#
# COMPACT_ATOMS: atom_id res chain seq x y z
N PRO A 14 -26.38 2.18 3.60
CA PRO A 14 -26.13 2.06 5.04
C PRO A 14 -27.35 2.43 5.87
N LEU A 15 -28.16 3.34 5.34
CA LEU A 15 -29.35 3.79 6.07
C LEU A 15 -30.42 2.70 6.11
N ILE A 16 -30.61 1.95 5.01
CA ILE A 16 -31.63 0.91 4.99
C ILE A 16 -31.26 -0.24 5.91
N LEU A 17 -29.98 -0.62 5.91
CA LEU A 17 -29.53 -1.77 6.69
C LEU A 17 -29.58 -1.51 8.20
N GLY A 18 -29.89 -0.29 8.62
CA GLY A 18 -30.02 0.00 10.04
C GLY A 18 -31.37 -0.33 10.63
N ALA A 19 -32.41 -0.38 9.80
CA ALA A 19 -33.73 -0.70 10.33
C ALA A 19 -33.92 -2.18 10.53
N GLN A 20 -33.37 -3.00 9.63
CA GLN A 20 -33.59 -4.44 9.73
C GLN A 20 -32.78 -5.06 10.85
N VAL A 21 -31.60 -4.52 11.17
CA VAL A 21 -30.85 -5.04 12.30
C VAL A 21 -31.64 -4.84 13.59
N SER A 22 -32.46 -3.78 13.64
CA SER A 22 -33.39 -3.63 14.74
C SER A 22 -34.58 -4.56 14.58
N ILE A 23 -35.07 -4.71 13.34
CA ILE A 23 -36.12 -5.68 13.07
C ILE A 23 -35.59 -7.10 13.29
N ALA A 24 -34.32 -7.34 12.94
CA ALA A 24 -33.73 -8.64 13.23
C ALA A 24 -33.61 -8.85 14.74
N LEU A 25 -33.24 -7.81 15.48
CA LEU A 25 -33.19 -7.93 16.94
C LEU A 25 -34.59 -7.92 17.55
N SER A 26 -35.56 -7.29 16.89
CA SER A 26 -36.94 -7.33 17.38
C SER A 26 -37.52 -8.72 17.23
N THR A 27 -37.32 -9.34 16.07
CA THR A 27 -37.78 -10.72 15.87
C THR A 27 -37.16 -11.65 16.89
N ILE A 28 -35.87 -11.47 17.19
CA ILE A 28 -35.23 -12.26 18.23
C ILE A 28 -35.82 -11.92 19.60
N ALA A 29 -36.12 -10.64 19.84
CA ALA A 29 -36.74 -10.26 21.10
C ALA A 29 -38.19 -10.72 21.20
N ILE A 30 -38.85 -10.94 20.06
CA ILE A 30 -40.24 -11.40 20.07
C ILE A 30 -40.31 -12.88 20.41
N ILE A 31 -39.34 -13.67 19.94
CA ILE A 31 -39.35 -15.11 20.21
C ILE A 31 -39.24 -15.37 21.70
N PHE A 32 -38.53 -14.51 22.43
CA PHE A 32 -38.32 -14.74 23.86
C PHE A 32 -39.60 -14.53 24.65
N VAL A 33 -40.31 -13.43 24.41
CA VAL A 33 -41.46 -13.07 25.23
C VAL A 33 -42.68 -13.93 24.88
N LEU A 34 -43.03 -13.98 23.59
CA LEU A 34 -44.26 -14.66 23.20
C LEU A 34 -44.10 -16.18 23.21
N THR A 35 -42.97 -16.69 22.73
CA THR A 35 -42.78 -18.13 22.54
C THR A 35 -42.06 -18.81 23.69
N TYR A 36 -41.01 -18.20 24.24
CA TYR A 36 -40.19 -18.87 25.27
C TYR A 36 -40.73 -18.67 26.68
N PHE A 37 -42.01 -18.99 26.91
CA PHE A 37 -42.50 -19.12 28.28
C PHE A 37 -41.98 -20.40 28.93
N LYS A 38 -41.90 -21.49 28.17
CA LYS A 38 -41.27 -22.75 28.59
C LYS A 38 -41.19 -23.70 27.41
N LYS A 39 -39.99 -23.90 26.85
CA LYS A 39 -39.83 -24.65 25.62
C LYS A 39 -38.99 -25.92 25.76
N TRP A 40 -38.40 -26.18 26.94
CA TRP A 40 -37.67 -27.43 27.13
C TRP A 40 -38.63 -28.57 27.48
N LYS A 41 -39.66 -28.75 26.66
CA LYS A 41 -40.60 -29.86 26.81
C LYS A 41 -41.34 -30.08 25.51
N TRP A 42 -41.44 -29.03 24.69
CA TRP A 42 -42.04 -29.10 23.36
C TRP A 42 -41.06 -28.73 22.25
N LEU A 43 -40.23 -27.70 22.46
CA LEU A 43 -39.30 -27.27 21.42
C LEU A 43 -38.04 -28.14 21.39
N TRP A 44 -37.49 -28.50 22.54
CA TRP A 44 -36.28 -29.31 22.60
C TRP A 44 -36.55 -30.81 22.56
N SER A 45 -37.77 -31.26 22.85
CA SER A 45 -38.09 -32.69 22.89
C SER A 45 -38.62 -33.18 21.55
N GLU A 46 -39.86 -32.81 21.21
CA GLU A 46 -40.51 -33.28 19.99
C GLU A 46 -40.05 -32.55 18.73
N TRP A 47 -39.09 -31.64 18.83
CA TRP A 47 -38.61 -30.88 17.66
C TRP A 47 -37.09 -30.70 17.79
N ILE A 48 -36.56 -29.77 16.99
CA ILE A 48 -35.13 -29.45 16.93
C ILE A 48 -34.31 -30.72 16.67
N THR A 49 -34.19 -31.57 17.68
CA THR A 49 -33.40 -32.79 17.59
C THR A 49 -34.27 -34.03 17.39
N THR A 50 -35.40 -33.89 16.70
CA THR A 50 -36.29 -35.02 16.46
C THR A 50 -35.73 -35.93 15.37
N VAL A 51 -36.28 -37.15 15.32
CA VAL A 51 -35.78 -38.18 14.43
C VAL A 51 -36.76 -38.51 13.32
N ASP A 52 -38.07 -38.42 13.58
CA ASP A 52 -39.09 -38.72 12.58
C ASP A 52 -38.87 -37.93 11.30
N HIS A 53 -38.79 -38.65 10.18
CA HIS A 53 -38.54 -38.02 8.88
C HIS A 53 -39.63 -37.04 8.49
N LYS A 54 -40.85 -37.25 8.98
CA LYS A 54 -41.96 -36.36 8.61
C LYS A 54 -41.73 -34.94 9.11
N LYS A 55 -41.20 -34.80 10.33
CA LYS A 55 -41.02 -33.48 10.92
C LYS A 55 -39.82 -32.74 10.33
N LEU A 56 -38.80 -33.46 9.85
CA LEU A 56 -37.62 -32.82 9.31
C LEU A 56 -37.93 -32.10 8.00
N GLY A 57 -38.62 -32.79 7.08
CA GLY A 57 -38.97 -32.19 5.79
C GLY A 57 -39.78 -30.92 5.91
N ILE A 58 -40.51 -30.76 7.02
CA ILE A 58 -41.24 -29.51 7.27
C ILE A 58 -40.28 -28.36 7.50
N MET A 59 -39.29 -28.56 8.38
CA MET A 59 -38.33 -27.51 8.70
C MET A 59 -37.52 -27.09 7.48
N TYR A 60 -37.47 -27.92 6.45
CA TYR A 60 -36.74 -27.58 5.23
C TYR A 60 -37.48 -26.52 4.42
N ILE A 61 -38.79 -26.69 4.23
CA ILE A 61 -39.52 -25.79 3.34
C ILE A 61 -39.91 -24.49 4.03
N ILE A 62 -40.21 -24.51 5.33
CA ILE A 62 -40.54 -23.26 6.01
C ILE A 62 -39.33 -22.33 6.05
N SER A 63 -38.12 -22.86 5.91
CA SER A 63 -36.96 -22.01 5.73
C SER A 63 -36.94 -21.45 4.31
N ALA A 64 -37.38 -22.25 3.34
CA ALA A 64 -37.41 -21.77 1.96
C ALA A 64 -38.47 -20.70 1.75
N VAL A 65 -39.57 -20.75 2.51
CA VAL A 65 -40.57 -19.68 2.45
C VAL A 65 -40.05 -18.43 3.14
N ILE A 66 -39.31 -18.59 4.23
CA ILE A 66 -38.65 -17.45 4.86
C ILE A 66 -37.63 -16.84 3.91
N MET A 67 -36.82 -17.69 3.26
CA MET A 67 -35.90 -17.20 2.25
C MET A 67 -36.63 -16.64 1.04
N LEU A 68 -37.89 -17.05 0.82
CA LEU A 68 -38.66 -16.49 -0.28
C LEU A 68 -38.96 -15.01 -0.05
N PHE A 69 -39.30 -14.63 1.18
CA PHE A 69 -39.52 -13.21 1.47
C PHE A 69 -38.19 -12.46 1.53
N ARG A 70 -37.17 -13.07 2.13
CA ARG A 70 -35.84 -12.49 2.07
C ARG A 70 -35.37 -12.38 0.63
N GLY A 71 -35.54 -13.45 -0.14
CA GLY A 71 -35.32 -13.35 -1.57
C GLY A 71 -36.35 -12.51 -2.28
N GLY A 72 -37.50 -12.28 -1.65
CA GLY A 72 -38.58 -11.53 -2.26
C GLY A 72 -38.36 -10.05 -2.25
N VAL A 73 -38.16 -9.47 -1.06
CA VAL A 73 -37.84 -8.05 -0.99
C VAL A 73 -36.58 -7.76 -1.77
N ASP A 74 -35.70 -8.76 -1.91
CA ASP A 74 -34.50 -8.62 -2.74
C ASP A 74 -34.87 -8.53 -4.22
N GLY A 75 -35.59 -9.53 -4.72
CA GLY A 75 -35.95 -9.55 -6.13
C GLY A 75 -36.80 -8.37 -6.53
N LEU A 76 -37.65 -7.88 -5.61
CA LEU A 76 -38.49 -6.74 -5.93
C LEU A 76 -37.69 -5.45 -6.00
N MET A 77 -36.93 -5.13 -4.94
CA MET A 77 -36.18 -3.89 -4.93
C MET A 77 -35.09 -3.85 -5.99
N MET A 78 -34.63 -5.01 -6.46
CA MET A 78 -33.68 -5.03 -7.57
C MET A 78 -34.30 -4.48 -8.84
N ARG A 79 -35.42 -5.05 -9.26
CA ARG A 79 -36.10 -4.59 -10.46
C ARG A 79 -36.75 -3.23 -10.23
N ALA A 80 -37.16 -2.93 -8.99
CA ALA A 80 -37.63 -1.60 -8.66
C ALA A 80 -36.53 -0.56 -8.92
N GLN A 81 -35.29 -0.92 -8.58
CA GLN A 81 -34.15 -0.08 -8.96
C GLN A 81 -33.97 -0.03 -10.47
N LEU A 82 -34.18 -1.15 -11.15
CA LEU A 82 -34.06 -1.23 -12.61
C LEU A 82 -35.34 -0.88 -13.33
N ALA A 83 -36.18 -0.01 -12.74
CA ALA A 83 -37.42 0.38 -13.41
C ALA A 83 -37.12 1.13 -14.70
N LEU A 84 -36.23 2.11 -14.64
CA LEU A 84 -35.86 2.91 -15.80
C LEU A 84 -34.44 3.40 -15.59
N PRO A 85 -33.76 3.85 -16.64
CA PRO A 85 -32.40 4.37 -16.48
C PRO A 85 -32.31 5.51 -15.47
N ASN A 86 -31.08 5.87 -15.13
CA ASN A 86 -30.73 6.89 -14.14
C ASN A 86 -31.60 6.83 -12.89
N ASN A 87 -31.90 5.63 -12.42
CA ASN A 87 -32.70 5.44 -11.21
C ASN A 87 -31.79 5.35 -9.99
N SER A 88 -32.13 6.10 -8.95
CA SER A 88 -31.29 6.20 -7.76
C SER A 88 -31.91 5.51 -6.55
N PHE A 89 -32.36 4.27 -6.72
CA PHE A 89 -32.81 3.48 -5.57
C PHE A 89 -31.61 2.84 -4.88
N LEU A 90 -30.88 2.00 -5.61
CA LEU A 90 -29.70 1.34 -5.10
C LEU A 90 -28.47 1.84 -5.87
N ASP A 91 -27.35 1.99 -5.18
CA ASP A 91 -26.11 2.43 -5.78
C ASP A 91 -25.35 1.24 -6.37
N SER A 92 -24.13 1.49 -6.83
CA SER A 92 -23.33 0.46 -7.50
C SER A 92 -23.20 -0.78 -6.62
N ASN A 93 -22.66 -0.61 -5.42
CA ASN A 93 -22.68 -1.65 -4.41
C ASN A 93 -23.94 -1.49 -3.58
N HIS A 94 -24.18 -2.44 -2.67
CA HIS A 94 -25.49 -2.64 -2.07
C HIS A 94 -26.52 -2.80 -3.20
N TYR A 95 -26.17 -3.66 -4.14
CA TYR A 95 -26.98 -4.10 -5.27
C TYR A 95 -26.24 -5.33 -5.74
N ASN A 96 -24.93 -5.16 -5.95
CA ASN A 96 -24.05 -6.29 -6.19
C ASN A 96 -24.15 -7.29 -5.06
N GLU A 97 -24.08 -6.81 -3.82
CA GLU A 97 -24.40 -7.65 -2.67
C GLU A 97 -25.88 -8.08 -2.69
N ILE A 98 -26.77 -7.17 -3.06
CA ILE A 98 -28.20 -7.46 -3.06
C ILE A 98 -28.52 -8.57 -4.06
N PHE A 99 -28.09 -8.38 -5.32
CA PHE A 99 -28.39 -9.38 -6.34
C PHE A 99 -27.61 -10.67 -6.13
N THR A 100 -26.51 -10.63 -5.37
CA THR A 100 -25.81 -11.86 -5.05
C THR A 100 -26.54 -12.64 -3.95
N THR A 101 -27.02 -11.93 -2.92
CA THR A 101 -27.79 -12.59 -1.87
C THR A 101 -29.08 -13.19 -2.41
N HIS A 102 -29.70 -12.53 -3.39
CA HIS A 102 -30.95 -13.05 -3.95
C HIS A 102 -30.74 -14.39 -4.63
N GLY A 103 -29.70 -14.49 -5.47
CA GLY A 103 -29.47 -15.72 -6.22
C GLY A 103 -29.02 -16.88 -5.35
N THR A 104 -28.19 -16.59 -4.34
CA THR A 104 -27.70 -17.64 -3.46
C THR A 104 -28.76 -18.06 -2.46
N ILE A 105 -29.70 -17.17 -2.13
CA ILE A 105 -30.81 -17.55 -1.26
C ILE A 105 -31.69 -18.56 -1.96
N MET A 106 -31.94 -18.36 -3.25
CA MET A 106 -32.57 -19.38 -4.08
C MET A 106 -31.57 -20.51 -4.34
N ILE A 107 -32.05 -21.57 -5.00
CA ILE A 107 -31.23 -22.71 -5.40
C ILE A 107 -30.61 -23.35 -4.16
N ILE A 108 -29.77 -22.60 -3.45
CA ILE A 108 -29.02 -23.17 -2.33
C ILE A 108 -29.86 -23.19 -1.07
N PHE A 109 -30.41 -22.05 -0.68
CA PHE A 109 -31.13 -21.92 0.58
C PHE A 109 -32.64 -21.84 0.41
N MET A 110 -33.13 -21.87 -0.82
CA MET A 110 -34.56 -21.94 -1.08
C MET A 110 -34.92 -23.19 -1.87
N ALA A 111 -34.43 -23.33 -3.10
CA ALA A 111 -34.85 -24.46 -3.93
C ALA A 111 -34.27 -25.78 -3.43
N MET A 112 -33.04 -25.79 -2.90
CA MET A 112 -32.52 -27.02 -2.32
C MET A 112 -33.30 -27.44 -1.07
N PRO A 113 -33.52 -26.57 -0.07
CA PRO A 113 -34.33 -27.01 1.07
C PRO A 113 -35.79 -27.23 0.70
N PHE A 114 -36.28 -26.54 -0.33
CA PHE A 114 -37.66 -26.74 -0.75
C PHE A 114 -37.83 -28.07 -1.47
N LEU A 115 -36.83 -28.46 -2.26
CA LEU A 115 -36.91 -29.73 -2.98
C LEU A 115 -36.65 -30.92 -2.05
N ILE A 116 -35.56 -30.86 -1.28
CA ILE A 116 -35.27 -31.95 -0.35
C ILE A 116 -36.39 -32.09 0.68
N GLY A 117 -36.98 -30.96 1.09
CA GLY A 117 -38.10 -31.02 2.01
C GLY A 117 -39.29 -31.77 1.42
N LEU A 118 -39.63 -31.47 0.16
CA LEU A 118 -40.64 -32.26 -0.53
C LEU A 118 -40.17 -33.68 -0.79
N ILE A 119 -38.87 -33.94 -0.70
CA ILE A 119 -38.35 -35.30 -0.79
C ILE A 119 -38.31 -35.94 0.58
N ASN A 120 -37.85 -35.19 1.59
CA ASN A 120 -37.73 -35.76 2.93
C ASN A 120 -39.07 -36.13 3.54
N VAL A 121 -40.17 -35.92 2.82
CA VAL A 121 -41.51 -36.16 3.33
C VAL A 121 -42.29 -37.12 2.43
N VAL A 122 -42.29 -36.86 1.13
CA VAL A 122 -43.18 -37.59 0.23
C VAL A 122 -42.61 -38.96 -0.12
N VAL A 123 -41.30 -39.05 -0.29
CA VAL A 123 -40.65 -40.29 -0.71
C VAL A 123 -40.77 -41.42 0.32
N PRO A 124 -40.45 -41.19 1.60
CA PRO A 124 -40.50 -42.33 2.55
C PRO A 124 -41.88 -42.88 2.82
N LEU A 125 -42.96 -42.14 2.53
CA LEU A 125 -44.29 -42.72 2.65
C LEU A 125 -44.66 -43.54 1.42
N GLN A 126 -44.25 -43.09 0.23
CA GLN A 126 -44.58 -43.82 -0.99
C GLN A 126 -43.84 -45.14 -1.11
N ILE A 127 -42.88 -45.42 -0.22
CA ILE A 127 -42.17 -46.69 -0.24
C ILE A 127 -42.59 -47.64 0.87
N GLY A 128 -43.42 -47.20 1.81
CA GLY A 128 -43.88 -48.06 2.87
C GLY A 128 -42.92 -48.26 4.02
N ALA A 129 -41.71 -47.69 3.95
CA ALA A 129 -40.74 -47.87 5.01
C ALA A 129 -41.11 -47.03 6.24
N ARG A 130 -40.44 -47.32 7.35
CA ARG A 130 -40.65 -46.59 8.60
C ARG A 130 -40.10 -45.18 8.52
N ASP A 131 -38.80 -45.04 8.73
CA ASP A 131 -38.15 -43.74 8.62
C ASP A 131 -37.25 -43.75 7.40
N VAL A 132 -36.04 -43.21 7.53
CA VAL A 132 -35.08 -43.32 6.45
C VAL A 132 -33.98 -44.30 6.87
N ALA A 133 -32.89 -44.35 6.11
CA ALA A 133 -31.80 -45.27 6.42
C ALA A 133 -31.14 -44.88 7.75
N PHE A 134 -30.69 -43.64 7.85
CA PHE A 134 -30.05 -43.12 9.07
C PHE A 134 -30.87 -41.93 9.54
N PRO A 135 -32.00 -42.16 10.20
CA PRO A 135 -32.82 -41.04 10.69
C PRO A 135 -32.09 -40.22 11.75
N TYR A 136 -30.87 -40.66 12.09
CA TYR A 136 -29.98 -39.94 12.98
C TYR A 136 -29.11 -38.94 12.24
N LEU A 137 -28.42 -39.41 11.17
CA LEU A 137 -27.60 -38.51 10.37
C LEU A 137 -28.42 -37.55 9.54
N ASN A 138 -29.67 -37.87 9.26
CA ASN A 138 -30.53 -36.95 8.55
C ASN A 138 -30.95 -35.78 9.43
N ASN A 139 -30.90 -35.95 10.76
CA ASN A 139 -31.21 -34.87 11.67
C ASN A 139 -30.23 -33.73 11.52
N LEU A 140 -28.93 -34.01 11.71
CA LEU A 140 -27.92 -32.99 11.50
C LEU A 140 -27.93 -32.49 10.06
N SER A 141 -28.34 -33.35 9.12
CA SER A 141 -28.42 -32.96 7.72
C SER A 141 -29.34 -31.76 7.49
N PHE A 142 -30.27 -31.50 8.42
CA PHE A 142 -31.05 -30.27 8.32
C PHE A 142 -30.29 -29.08 8.90
N TRP A 143 -29.85 -29.21 10.15
CA TRP A 143 -29.14 -28.11 10.80
C TRP A 143 -27.86 -27.76 10.06
N THR A 144 -27.21 -28.76 9.45
CA THR A 144 -26.03 -28.47 8.65
C THR A 144 -26.36 -27.50 7.52
N PHE A 145 -27.59 -27.57 6.97
CA PHE A 145 -28.01 -26.53 6.05
C PHE A 145 -28.42 -25.26 6.76
N PHE A 146 -29.09 -25.40 7.92
CA PHE A 146 -29.70 -24.24 8.55
C PHE A 146 -28.66 -23.30 9.13
N VAL A 147 -27.61 -23.84 9.76
CA VAL A 147 -26.54 -22.99 10.27
C VAL A 147 -25.81 -22.33 9.10
N GLY A 148 -25.80 -22.96 7.93
CA GLY A 148 -25.33 -22.29 6.73
C GLY A 148 -26.28 -21.24 6.21
N ALA A 149 -27.57 -21.36 6.54
CA ALA A 149 -28.54 -20.35 6.16
C ALA A 149 -28.44 -19.11 7.04
N MET A 150 -28.34 -19.30 8.36
CA MET A 150 -28.14 -18.17 9.25
C MET A 150 -26.78 -17.53 9.05
N LEU A 151 -25.76 -18.33 8.72
CA LEU A 151 -24.48 -17.76 8.36
C LEU A 151 -24.63 -16.82 7.17
N PHE A 152 -25.24 -17.31 6.09
CA PHE A 152 -25.38 -16.48 4.90
C PHE A 152 -26.41 -15.37 5.09
N ASN A 153 -27.32 -15.50 6.06
CA ASN A 153 -28.27 -14.43 6.32
C ASN A 153 -27.69 -13.34 7.21
N ILE A 154 -26.80 -13.71 8.15
CA ILE A 154 -26.25 -12.74 9.07
C ILE A 154 -25.26 -11.80 8.40
N SER A 155 -24.91 -12.06 7.13
CA SER A 155 -24.11 -11.13 6.33
C SER A 155 -24.86 -9.83 6.08
N PHE A 156 -26.08 -9.75 6.62
CA PHE A 156 -26.99 -8.64 6.37
C PHE A 156 -26.44 -7.34 6.94
N VAL A 157 -26.36 -7.27 8.26
CA VAL A 157 -25.84 -6.09 8.95
C VAL A 157 -24.62 -6.43 9.79
N ILE A 158 -24.44 -7.69 10.20
CA ILE A 158 -23.31 -8.06 11.05
C ILE A 158 -21.99 -7.89 10.29
N GLY A 159 -21.96 -8.26 9.02
CA GLY A 159 -20.74 -8.11 8.23
C GLY A 159 -21.00 -7.38 6.93
N GLY A 160 -21.05 -8.14 5.85
CA GLY A 160 -21.33 -7.59 4.53
C GLY A 160 -21.61 -8.71 3.54
N SER A 161 -22.78 -8.69 2.92
CA SER A 161 -23.13 -9.77 2.01
C SER A 161 -22.16 -9.76 0.82
N PRO A 162 -21.82 -10.94 0.29
CA PRO A 162 -20.88 -10.98 -0.84
C PRO A 162 -21.47 -10.29 -2.05
N ASN A 163 -20.58 -9.77 -2.90
CA ASN A 163 -20.96 -8.96 -4.05
C ASN A 163 -20.18 -9.41 -5.29
N ALA A 164 -20.12 -10.73 -5.50
CA ALA A 164 -19.46 -11.31 -6.65
C ALA A 164 -20.37 -12.23 -7.45
N GLY A 165 -21.67 -12.20 -7.19
CA GLY A 165 -22.59 -13.13 -7.81
C GLY A 165 -22.59 -14.49 -7.15
N TRP A 166 -23.61 -15.28 -7.48
CA TRP A 166 -23.68 -16.64 -6.97
C TRP A 166 -22.52 -17.49 -7.50
N THR A 167 -21.98 -17.13 -8.66
CA THR A 167 -20.77 -17.78 -9.16
C THR A 167 -19.56 -17.36 -8.33
N SER A 168 -19.31 -16.06 -8.25
CA SER A 168 -18.16 -15.49 -7.54
C SER A 168 -16.86 -16.08 -8.07
N TYR A 169 -16.56 -15.71 -9.31
CA TYR A 169 -15.29 -16.12 -9.91
C TYR A 169 -14.13 -15.65 -9.05
N MET A 170 -12.98 -16.30 -9.26
CA MET A 170 -11.84 -16.01 -8.39
C MET A 170 -11.21 -14.66 -8.66
N PRO A 171 -10.87 -14.29 -9.90
CA PRO A 171 -10.14 -13.03 -10.12
C PRO A 171 -10.82 -11.78 -9.57
N LEU A 172 -12.08 -11.87 -9.14
CA LEU A 172 -12.77 -10.75 -8.49
C LEU A 172 -13.37 -11.22 -7.17
N ALA A 173 -12.53 -11.78 -6.30
CA ALA A 173 -13.05 -12.41 -5.10
C ALA A 173 -12.11 -12.30 -3.90
N SER A 174 -10.83 -12.00 -4.13
CA SER A 174 -9.85 -11.96 -3.06
C SER A 174 -9.46 -10.51 -2.82
N ASN A 175 -8.33 -10.04 -3.35
CA ASN A 175 -7.88 -8.68 -3.09
C ASN A 175 -8.44 -7.67 -4.09
N ASP A 176 -8.66 -8.09 -5.34
CA ASP A 176 -9.31 -7.21 -6.31
C ASP A 176 -10.73 -6.88 -5.87
N MET A 177 -11.39 -7.79 -5.17
CA MET A 177 -12.70 -7.54 -4.59
C MET A 177 -12.62 -6.50 -3.48
N SER A 178 -12.04 -6.90 -2.33
CA SER A 178 -11.58 -6.14 -1.16
C SER A 178 -12.41 -6.39 0.10
N PRO A 179 -13.75 -6.41 0.08
CA PRO A 179 -14.50 -6.66 1.33
C PRO A 179 -14.09 -7.96 1.98
N GLY A 180 -13.64 -7.88 3.23
CA GLY A 180 -13.28 -9.04 4.01
C GLY A 180 -14.43 -10.00 4.21
N PRO A 181 -15.43 -9.58 4.97
CA PRO A 181 -16.52 -10.49 5.32
C PRO A 181 -17.58 -10.64 4.24
N GLY A 182 -17.18 -10.74 2.98
CA GLY A 182 -18.14 -10.90 1.90
C GLY A 182 -18.17 -12.29 1.32
N GLU A 183 -17.10 -12.66 0.62
CA GLU A 183 -17.01 -13.97 0.01
C GLU A 183 -16.88 -15.08 1.04
N ASN A 184 -16.45 -14.77 2.26
CA ASN A 184 -16.30 -15.81 3.26
C ASN A 184 -17.63 -16.42 3.67
N TYR A 185 -18.68 -15.59 3.79
CA TYR A 185 -20.00 -16.13 4.05
C TYR A 185 -20.43 -17.07 2.94
N TYR A 186 -20.10 -16.73 1.69
CA TYR A 186 -20.40 -17.60 0.58
C TYR A 186 -19.58 -18.87 0.65
N LEU A 187 -18.31 -18.77 1.02
CA LEU A 187 -17.46 -19.95 1.09
C LEU A 187 -17.86 -20.84 2.25
N LEU A 188 -17.94 -20.27 3.45
CA LEU A 188 -18.23 -21.07 4.64
C LEU A 188 -19.71 -21.37 4.78
N GLY A 189 -20.58 -20.53 4.22
CA GLY A 189 -22.01 -20.81 4.27
C GLY A 189 -22.39 -22.02 3.43
N LEU A 190 -21.86 -22.12 2.22
CA LEU A 190 -22.15 -23.26 1.37
C LEU A 190 -21.30 -24.47 1.74
N GLN A 191 -20.11 -24.25 2.28
CA GLN A 191 -19.26 -25.36 2.69
C GLN A 191 -19.98 -26.24 3.70
N ILE A 192 -20.71 -25.62 4.64
CA ILE A 192 -21.45 -26.39 5.63
C ILE A 192 -22.67 -27.06 5.03
N ALA A 193 -23.52 -26.28 4.35
CA ALA A 193 -24.73 -26.84 3.74
C ALA A 193 -24.38 -27.93 2.74
N GLY A 194 -23.21 -27.83 2.11
CA GLY A 194 -22.77 -28.90 1.22
C GLY A 194 -22.55 -30.20 1.96
N ILE A 195 -22.07 -30.12 3.21
CA ILE A 195 -21.93 -31.31 4.03
C ILE A 195 -23.31 -31.87 4.39
N GLY A 196 -24.24 -30.99 4.79
CA GLY A 196 -25.59 -31.44 5.08
C GLY A 196 -26.30 -31.97 3.86
N THR A 197 -26.17 -31.28 2.72
CA THR A 197 -26.84 -31.74 1.52
C THR A 197 -26.21 -33.02 1.00
N LEU A 198 -24.91 -33.21 1.22
CA LEU A 198 -24.26 -34.44 0.82
C LEU A 198 -24.84 -35.63 1.57
N MET A 199 -25.12 -35.45 2.86
CA MET A 199 -25.67 -36.55 3.65
C MET A 199 -27.13 -36.83 3.31
N THR A 200 -27.87 -35.81 2.87
CA THR A 200 -29.24 -36.03 2.45
C THR A 200 -29.31 -36.93 1.21
N GLY A 201 -28.31 -36.85 0.35
CA GLY A 201 -28.25 -37.74 -0.80
C GLY A 201 -27.82 -39.15 -0.42
N ILE A 202 -27.04 -39.28 0.66
CA ILE A 202 -26.59 -40.60 1.10
C ILE A 202 -27.70 -41.32 1.86
N ASN A 203 -28.45 -40.61 2.70
CA ASN A 203 -29.55 -41.22 3.44
C ASN A 203 -30.60 -41.78 2.50
N PHE A 204 -31.01 -40.98 1.51
CA PHE A 204 -32.09 -41.39 0.60
C PHE A 204 -31.61 -42.35 -0.47
N MET A 205 -30.31 -42.42 -0.74
CA MET A 205 -29.82 -43.43 -1.66
C MET A 205 -29.86 -44.81 -1.03
N VAL A 206 -29.79 -44.90 0.30
CA VAL A 206 -29.91 -46.17 0.99
C VAL A 206 -31.35 -46.45 1.44
N THR A 207 -32.14 -45.40 1.69
CA THR A 207 -33.53 -45.60 2.13
C THR A 207 -34.37 -46.25 1.03
N ILE A 208 -34.15 -45.87 -0.23
CA ILE A 208 -34.96 -46.37 -1.33
C ILE A 208 -34.39 -47.65 -1.95
N LEU A 209 -33.31 -48.20 -1.41
CA LEU A 209 -32.76 -49.44 -1.94
C LEU A 209 -32.91 -50.63 -1.01
N LYS A 210 -32.89 -50.44 0.30
CA LYS A 210 -32.92 -51.55 1.24
C LYS A 210 -34.07 -51.51 2.24
N MET A 211 -34.95 -50.51 2.15
CA MET A 211 -36.04 -50.39 3.11
C MET A 211 -37.40 -50.39 2.43
N ARG A 212 -37.45 -50.74 1.16
CA ARG A 212 -38.73 -50.82 0.48
C ARG A 212 -39.56 -51.97 1.05
N THR A 213 -40.87 -51.85 0.88
CA THR A 213 -41.78 -52.86 1.40
C THR A 213 -41.82 -54.07 0.46
N LYS A 214 -42.31 -55.18 1.00
CA LYS A 214 -42.44 -56.41 0.22
C LYS A 214 -43.40 -56.20 -0.94
N GLY A 215 -43.00 -56.64 -2.12
CA GLY A 215 -43.79 -56.50 -3.32
C GLY A 215 -43.47 -55.26 -4.13
N MET A 216 -42.97 -54.21 -3.47
CA MET A 216 -42.55 -53.00 -4.16
C MET A 216 -41.39 -53.32 -5.11
N THR A 217 -41.71 -53.66 -6.35
CA THR A 217 -40.68 -53.96 -7.33
C THR A 217 -39.89 -52.71 -7.68
N LEU A 218 -38.66 -52.93 -8.17
CA LEU A 218 -37.75 -51.81 -8.40
C LEU A 218 -38.18 -50.96 -9.60
N MET A 219 -38.64 -51.61 -10.67
CA MET A 219 -38.96 -50.90 -11.90
C MET A 219 -40.24 -50.06 -11.80
N ARG A 220 -41.07 -50.27 -10.78
CA ARG A 220 -42.35 -49.57 -10.67
C ARG A 220 -42.56 -49.18 -9.21
N MET A 221 -42.28 -47.91 -8.88
CA MET A 221 -42.36 -47.52 -7.48
C MET A 221 -42.68 -46.06 -7.18
N PRO A 222 -43.30 -45.27 -8.08
CA PRO A 222 -43.69 -45.38 -9.48
C PRO A 222 -42.71 -44.64 -10.40
N MET A 223 -42.65 -43.32 -10.31
CA MET A 223 -41.76 -42.54 -11.16
C MET A 223 -41.18 -41.33 -10.43
N PHE A 224 -41.97 -40.68 -9.56
CA PHE A 224 -41.42 -39.59 -8.75
C PHE A 224 -40.37 -40.10 -7.77
N THR A 225 -40.68 -41.20 -7.07
CA THR A 225 -39.69 -41.83 -6.21
C THR A 225 -38.46 -42.25 -7.00
N TRP A 226 -38.60 -42.40 -8.32
CA TRP A 226 -37.47 -42.64 -9.20
C TRP A 226 -36.67 -41.36 -9.44
N THR A 227 -37.36 -40.24 -9.67
CA THR A 227 -36.68 -38.97 -9.87
C THR A 227 -35.92 -38.55 -8.62
N THR A 228 -36.51 -38.77 -7.45
CA THR A 228 -35.81 -38.52 -6.20
C THR A 228 -34.58 -39.40 -6.09
N LEU A 229 -34.71 -40.67 -6.48
CA LEU A 229 -33.55 -41.55 -6.54
C LEU A 229 -32.46 -40.97 -7.43
N ILE A 230 -32.85 -40.38 -8.56
CA ILE A 230 -31.88 -39.72 -9.42
C ILE A 230 -31.36 -38.44 -8.77
N THR A 231 -32.22 -37.72 -8.03
CA THR A 231 -31.78 -36.52 -7.34
C THR A 231 -30.72 -36.84 -6.29
N MET A 232 -30.94 -37.90 -5.52
CA MET A 232 -30.02 -38.26 -4.45
C MET A 232 -28.80 -39.02 -4.95
N VAL A 233 -28.73 -39.34 -6.23
CA VAL A 233 -27.51 -39.88 -6.81
C VAL A 233 -26.58 -38.76 -7.28
N ILE A 234 -27.13 -37.70 -7.89
CA ILE A 234 -26.30 -36.61 -8.36
C ILE A 234 -25.70 -35.85 -7.18
N ILE A 235 -26.38 -35.82 -6.04
CA ILE A 235 -25.87 -35.12 -4.87
C ILE A 235 -24.59 -35.79 -4.36
N VAL A 236 -24.53 -37.12 -4.44
CA VAL A 236 -23.39 -37.85 -3.87
C VAL A 236 -22.10 -37.57 -4.65
N PHE A 237 -22.19 -37.39 -5.97
CA PHE A 237 -21.00 -37.21 -6.80
C PHE A 237 -20.78 -35.78 -7.25
N ALA A 238 -21.72 -34.88 -6.98
CA ALA A 238 -21.61 -33.48 -7.36
C ALA A 238 -21.93 -32.62 -6.13
N PHE A 239 -21.06 -32.75 -5.12
CA PHE A 239 -21.08 -31.97 -3.89
C PHE A 239 -19.72 -32.09 -3.19
N PRO A 240 -19.06 -33.26 -3.24
CA PRO A 240 -17.62 -33.28 -2.88
C PRO A 240 -16.78 -32.31 -3.69
N VAL A 241 -17.12 -32.10 -4.96
CA VAL A 241 -16.43 -31.06 -5.75
C VAL A 241 -16.63 -29.70 -5.08
N LEU A 242 -17.90 -29.38 -4.80
CA LEU A 242 -18.20 -28.12 -4.11
C LEU A 242 -17.51 -28.06 -2.76
N THR A 243 -17.39 -29.21 -2.07
CA THR A 243 -16.76 -29.22 -0.77
C THR A 243 -15.28 -28.87 -0.85
N VAL A 244 -14.60 -29.22 -1.94
CA VAL A 244 -13.21 -28.82 -2.09
C VAL A 244 -13.07 -27.54 -2.91
N ALA A 245 -13.97 -27.30 -3.87
CA ALA A 245 -13.90 -26.07 -4.66
C ALA A 245 -13.97 -24.86 -3.76
N LEU A 246 -14.85 -24.88 -2.76
CA LEU A 246 -14.85 -23.82 -1.76
C LEU A 246 -13.67 -23.98 -0.81
N ALA A 247 -13.37 -25.21 -0.39
CA ALA A 247 -12.25 -25.41 0.52
C ALA A 247 -10.95 -24.95 -0.11
N LEU A 248 -10.77 -25.20 -1.41
CA LEU A 248 -9.64 -24.59 -2.11
C LEU A 248 -9.76 -23.08 -2.07
N LEU A 249 -10.93 -22.54 -2.42
CA LEU A 249 -11.17 -21.11 -2.35
C LEU A 249 -11.08 -20.61 -0.92
N SER A 250 -11.60 -21.38 0.04
CA SER A 250 -11.50 -20.99 1.43
C SER A 250 -10.04 -20.99 1.88
N PHE A 251 -9.20 -21.81 1.24
CA PHE A 251 -7.77 -21.74 1.52
C PHE A 251 -7.15 -20.52 0.85
N ASP A 252 -7.60 -20.18 -0.36
CA ASP A 252 -7.09 -18.97 -1.00
C ASP A 252 -7.43 -17.74 -0.18
N ARG A 253 -8.65 -17.66 0.33
CA ARG A 253 -9.08 -16.48 1.08
C ARG A 253 -8.37 -16.41 2.44
N LEU A 254 -8.46 -17.48 3.22
CA LEU A 254 -8.05 -17.41 4.64
C LEU A 254 -6.59 -17.84 4.83
N PHE A 255 -6.32 -19.12 4.65
CA PHE A 255 -5.01 -19.66 5.02
C PHE A 255 -3.92 -19.26 4.05
N GLY A 256 -4.21 -18.41 3.07
CA GLY A 256 -3.19 -17.90 2.17
C GLY A 256 -2.66 -18.90 1.16
N ALA A 257 -3.57 -19.51 0.40
CA ALA A 257 -3.21 -20.43 -0.65
C ALA A 257 -3.29 -19.73 -2.01
N HIS A 258 -2.59 -20.30 -2.99
CA HIS A 258 -2.53 -19.70 -4.32
C HIS A 258 -3.02 -20.70 -5.35
N PHE A 259 -4.21 -21.27 -5.14
CA PHE A 259 -4.78 -22.18 -6.12
C PHE A 259 -5.21 -21.44 -7.37
N PHE A 260 -5.88 -20.29 -7.20
CA PHE A 260 -6.39 -19.52 -8.32
C PHE A 260 -6.03 -18.04 -8.20
N THR A 261 -5.04 -17.70 -7.38
CA THR A 261 -4.67 -16.31 -7.17
C THR A 261 -3.88 -15.74 -8.34
N LEU A 262 -4.19 -14.50 -8.70
CA LEU A 262 -3.51 -13.85 -9.82
C LEU A 262 -2.03 -13.64 -9.51
N GLU A 263 -1.72 -13.30 -8.26
CA GLU A 263 -0.38 -12.88 -7.85
C GLU A 263 0.65 -13.98 -8.04
N ALA A 264 0.54 -15.06 -7.28
CA ALA A 264 1.53 -16.12 -7.39
C ALA A 264 1.45 -16.88 -8.70
N GLY A 265 0.61 -16.43 -9.63
CA GLY A 265 0.53 -17.00 -10.96
C GLY A 265 -0.51 -18.09 -11.13
N GLY A 266 -1.23 -18.46 -10.08
CA GLY A 266 -2.20 -19.54 -10.17
C GLY A 266 -3.27 -19.27 -11.21
N MET A 267 -3.88 -20.35 -11.69
CA MET A 267 -4.87 -20.32 -12.75
C MET A 267 -6.15 -19.62 -12.29
N PRO A 268 -6.51 -18.47 -12.84
CA PRO A 268 -7.77 -17.83 -12.44
C PRO A 268 -9.00 -18.58 -12.92
N MET A 269 -8.90 -19.34 -14.01
CA MET A 269 -10.03 -20.09 -14.54
C MET A 269 -10.21 -21.47 -13.91
N LEU A 270 -9.21 -21.99 -13.19
CA LEU A 270 -9.35 -23.32 -12.60
C LEU A 270 -10.48 -23.36 -11.59
N TRP A 271 -10.72 -22.27 -10.86
CA TRP A 271 -11.85 -22.27 -9.95
C TRP A 271 -13.16 -22.21 -10.69
N ALA A 272 -13.17 -21.72 -11.93
CA ALA A 272 -14.38 -21.73 -12.72
C ALA A 272 -14.79 -23.16 -13.07
N ASN A 273 -13.83 -23.98 -13.52
CA ASN A 273 -14.16 -25.33 -13.95
C ASN A 273 -14.52 -26.24 -12.77
N LEU A 274 -13.91 -26.02 -11.61
CA LEU A 274 -14.31 -26.80 -10.43
C LEU A 274 -15.72 -26.45 -10.00
N PHE A 275 -16.07 -25.16 -10.02
CA PHE A 275 -17.41 -24.76 -9.63
C PHE A 275 -18.46 -25.33 -10.57
N TRP A 276 -18.15 -25.40 -11.86
CA TRP A 276 -19.13 -25.88 -12.83
C TRP A 276 -19.15 -27.39 -12.99
N ILE A 277 -18.04 -28.08 -12.72
CA ILE A 277 -18.10 -29.53 -12.57
C ILE A 277 -19.15 -29.90 -11.53
N TRP A 278 -19.29 -29.06 -10.50
CA TRP A 278 -20.40 -29.16 -9.56
C TRP A 278 -21.63 -28.40 -10.02
N GLY A 279 -21.46 -27.36 -10.83
CA GLY A 279 -22.54 -26.46 -11.19
C GLY A 279 -23.72 -27.05 -11.95
N HIS A 280 -23.49 -27.48 -13.19
CA HIS A 280 -24.56 -27.98 -14.04
C HIS A 280 -25.14 -29.31 -13.57
N PRO A 281 -24.34 -30.23 -13.01
CA PRO A 281 -24.96 -31.41 -12.38
C PRO A 281 -25.92 -31.07 -11.27
N GLU A 282 -25.57 -30.11 -10.41
CA GLU A 282 -26.50 -29.65 -9.37
C GLU A 282 -27.70 -28.95 -9.99
N VAL A 283 -27.51 -28.33 -11.14
CA VAL A 283 -28.62 -27.71 -11.86
C VAL A 283 -29.73 -28.71 -12.13
N TYR A 284 -29.37 -29.98 -12.37
CA TYR A 284 -30.40 -31.02 -12.54
C TYR A 284 -30.92 -31.53 -11.21
N ILE A 285 -30.15 -31.39 -10.13
CA ILE A 285 -30.65 -31.75 -8.81
C ILE A 285 -31.78 -30.83 -8.40
N VAL A 286 -31.87 -29.64 -8.99
CA VAL A 286 -32.98 -28.74 -8.72
C VAL A 286 -34.13 -28.96 -9.69
N ILE A 287 -33.91 -29.72 -10.76
CA ILE A 287 -34.98 -30.00 -11.71
C ILE A 287 -35.43 -31.46 -11.67
N LEU A 288 -34.62 -32.36 -11.10
CA LEU A 288 -35.03 -33.77 -11.03
C LEU A 288 -36.23 -33.98 -10.12
N PRO A 289 -36.23 -33.56 -8.85
CA PRO A 289 -37.44 -33.74 -8.04
C PRO A 289 -38.61 -32.93 -8.56
N ALA A 290 -38.33 -31.78 -9.18
CA ALA A 290 -39.38 -30.99 -9.80
C ALA A 290 -40.12 -31.80 -10.86
N PHE A 291 -39.37 -32.55 -11.67
CA PHE A 291 -40.00 -33.44 -12.64
C PHE A 291 -40.82 -34.53 -11.95
N GLY A 292 -40.31 -35.08 -10.85
CA GLY A 292 -41.03 -36.15 -10.17
C GLY A 292 -42.34 -35.68 -9.55
N ILE A 293 -42.30 -34.55 -8.84
CA ILE A 293 -43.51 -34.04 -8.18
C ILE A 293 -44.59 -33.76 -9.21
N PHE A 294 -44.19 -33.33 -10.40
CA PHE A 294 -45.15 -33.11 -11.48
C PHE A 294 -45.57 -34.39 -12.18
N SER A 295 -44.81 -35.47 -12.01
CA SER A 295 -45.15 -36.73 -12.69
C SER A 295 -46.35 -37.42 -12.04
N GLU A 296 -46.48 -37.32 -10.72
CA GLU A 296 -47.62 -37.93 -10.05
C GLU A 296 -48.89 -37.11 -10.21
N ILE A 297 -48.80 -35.79 -9.98
CA ILE A 297 -50.00 -34.95 -9.95
C ILE A 297 -50.72 -34.98 -11.30
N ILE A 298 -49.96 -34.98 -12.39
CA ILE A 298 -50.57 -35.04 -13.72
C ILE A 298 -51.09 -36.42 -14.09
N SER A 299 -50.70 -37.45 -13.35
CA SER A 299 -51.22 -38.79 -13.56
C SER A 299 -52.12 -39.22 -12.41
N SER A 300 -52.35 -38.35 -11.43
CA SER A 300 -53.22 -38.65 -10.29
C SER A 300 -54.62 -38.10 -10.51
N PHE A 301 -54.75 -36.78 -10.69
CA PHE A 301 -56.04 -36.19 -10.99
C PHE A 301 -56.46 -36.43 -12.44
N ALA A 302 -55.58 -37.00 -13.26
CA ALA A 302 -55.97 -37.44 -14.61
C ALA A 302 -56.49 -38.87 -14.63
N ARG A 303 -56.21 -39.65 -13.59
CA ARG A 303 -56.76 -41.00 -13.44
C ARG A 303 -56.37 -41.91 -14.60
N LYS A 304 -55.11 -41.83 -15.01
CA LYS A 304 -54.59 -42.67 -16.09
C LYS A 304 -53.23 -43.22 -15.67
N GLN A 305 -52.66 -44.07 -16.53
CA GLN A 305 -51.37 -44.71 -16.29
C GLN A 305 -50.27 -43.95 -17.01
N LEU A 306 -49.15 -43.75 -16.32
CA LEU A 306 -47.97 -43.13 -16.92
C LEU A 306 -47.49 -43.94 -18.12
N PHE A 307 -48.15 -43.77 -19.26
CA PHE A 307 -47.85 -44.59 -20.43
C PHE A 307 -46.44 -44.30 -20.91
N GLY A 308 -45.53 -45.24 -20.67
CA GLY A 308 -44.12 -45.03 -20.99
C GLY A 308 -43.24 -45.23 -19.77
N TYR A 309 -42.52 -46.35 -19.73
CA TYR A 309 -41.56 -46.65 -18.66
C TYR A 309 -40.24 -47.18 -19.20
N LYS A 310 -40.27 -48.08 -20.17
CA LYS A 310 -39.05 -48.50 -20.85
C LYS A 310 -38.40 -47.36 -21.62
N ALA A 311 -39.05 -46.20 -21.68
CA ALA A 311 -38.50 -45.03 -22.34
C ALA A 311 -38.65 -43.75 -21.53
N MET A 312 -39.19 -43.81 -20.31
CA MET A 312 -39.25 -42.64 -19.43
C MET A 312 -38.33 -42.77 -18.22
N VAL A 313 -38.40 -43.89 -17.49
CA VAL A 313 -37.39 -44.14 -16.46
C VAL A 313 -36.03 -44.41 -17.10
N GLY A 314 -36.03 -45.05 -18.27
CA GLY A 314 -34.81 -45.15 -19.05
C GLY A 314 -34.29 -43.81 -19.51
N SER A 315 -35.17 -42.81 -19.60
CA SER A 315 -34.77 -41.45 -19.92
C SER A 315 -34.32 -40.66 -18.71
N ILE A 316 -34.72 -41.07 -17.51
CA ILE A 316 -34.29 -40.38 -16.29
C ILE A 316 -32.85 -40.72 -15.94
N ILE A 317 -32.33 -41.83 -16.46
CA ILE A 317 -30.94 -42.21 -16.23
C ILE A 317 -29.98 -41.54 -17.20
N ALA A 318 -30.47 -41.09 -18.36
CA ALA A 318 -29.60 -40.47 -19.35
C ALA A 318 -29.07 -39.12 -18.85
N ILE A 319 -29.98 -38.24 -18.41
CA ILE A 319 -29.55 -36.94 -17.88
C ILE A 319 -28.75 -37.05 -16.60
N SER A 320 -28.78 -38.22 -15.95
CA SER A 320 -28.03 -38.37 -14.70
C SER A 320 -26.53 -38.43 -14.94
N VAL A 321 -26.10 -39.07 -16.03
CA VAL A 321 -24.69 -39.21 -16.35
C VAL A 321 -24.24 -38.18 -17.37
N LEU A 322 -25.12 -37.84 -18.30
CA LEU A 322 -24.79 -36.85 -19.32
C LEU A 322 -24.81 -35.43 -18.77
N SER A 323 -24.89 -35.27 -17.45
CA SER A 323 -24.75 -33.97 -16.82
C SER A 323 -23.30 -33.60 -16.53
N PHE A 324 -22.40 -34.57 -16.57
CA PHE A 324 -20.98 -34.35 -16.38
C PHE A 324 -20.19 -34.35 -17.68
N LEU A 325 -20.85 -34.52 -18.83
CA LEU A 325 -20.22 -34.41 -20.13
C LEU A 325 -20.72 -33.18 -20.87
N VAL A 326 -21.13 -32.16 -20.12
CA VAL A 326 -21.86 -31.03 -20.68
C VAL A 326 -21.54 -29.77 -19.88
N TRP A 327 -20.93 -29.95 -18.70
CA TRP A 327 -20.71 -28.82 -17.80
C TRP A 327 -19.83 -27.73 -18.39
N THR A 328 -19.04 -28.04 -19.42
CA THR A 328 -18.17 -27.05 -20.04
C THR A 328 -18.93 -26.12 -20.99
N HIS A 329 -20.27 -26.10 -20.94
CA HIS A 329 -21.03 -25.20 -21.80
C HIS A 329 -21.20 -23.82 -21.19
N HIS A 330 -20.93 -23.66 -19.88
CA HIS A 330 -20.93 -22.35 -19.26
C HIS A 330 -19.69 -21.52 -19.59
N PHE A 331 -18.68 -22.12 -20.21
CA PHE A 331 -17.50 -21.38 -20.62
C PHE A 331 -17.69 -20.84 -22.04
N PHE A 332 -17.08 -21.51 -23.02
CA PHE A 332 -17.17 -21.16 -24.43
C PHE A 332 -16.57 -19.80 -24.76
N THR A 333 -16.97 -18.77 -24.01
CA THR A 333 -16.52 -17.42 -24.35
C THR A 333 -15.03 -17.24 -24.12
N MET A 334 -14.44 -18.00 -23.19
CA MET A 334 -13.05 -17.82 -22.85
C MET A 334 -12.09 -18.48 -23.84
N GLY A 335 -12.56 -18.80 -25.04
CA GLY A 335 -11.68 -19.34 -26.07
C GLY A 335 -11.01 -20.64 -25.66
N ASN A 336 -11.74 -21.74 -25.73
CA ASN A 336 -11.19 -23.05 -25.40
C ASN A 336 -10.57 -23.66 -26.65
N SER A 337 -10.37 -24.97 -26.65
CA SER A 337 -9.67 -25.64 -27.75
C SER A 337 -10.58 -25.92 -28.93
N ALA A 338 -11.60 -25.08 -29.14
CA ALA A 338 -12.51 -25.18 -30.27
C ALA A 338 -13.15 -26.57 -30.36
N SER A 339 -12.31 -27.58 -30.62
CA SER A 339 -12.79 -28.96 -30.62
C SER A 339 -13.48 -29.31 -29.32
N VAL A 340 -12.92 -28.87 -28.19
CA VAL A 340 -13.57 -29.08 -26.91
C VAL A 340 -14.76 -28.16 -26.71
N ASN A 341 -14.85 -27.07 -27.48
CA ASN A 341 -16.03 -26.23 -27.45
C ASN A 341 -17.14 -26.73 -28.36
N SER A 342 -16.83 -27.63 -29.29
CA SER A 342 -17.86 -28.32 -30.06
C SER A 342 -18.26 -29.65 -29.45
N PHE A 343 -17.33 -30.31 -28.73
CA PHE A 343 -17.66 -31.57 -28.05
C PHE A 343 -18.81 -31.36 -27.07
N PHE A 344 -18.65 -30.41 -26.15
CA PHE A 344 -19.71 -30.10 -25.20
C PHE A 344 -20.87 -29.34 -25.83
N SER A 345 -20.70 -28.85 -27.07
CA SER A 345 -21.82 -28.24 -27.78
C SER A 345 -22.73 -29.29 -28.40
N ILE A 346 -22.13 -30.27 -29.07
CA ILE A 346 -22.91 -31.41 -29.57
C ILE A 346 -23.50 -32.18 -28.39
N THR A 347 -22.72 -32.34 -27.33
CA THR A 347 -23.18 -33.13 -26.19
C THR A 347 -24.35 -32.44 -25.49
N THR A 348 -24.33 -31.11 -25.40
CA THR A 348 -25.43 -30.41 -24.75
C THR A 348 -26.74 -30.62 -25.48
N MET A 349 -26.67 -30.71 -26.82
CA MET A 349 -27.86 -31.06 -27.58
C MET A 349 -28.31 -32.49 -27.28
N ALA A 350 -27.38 -33.36 -26.89
CA ALA A 350 -27.69 -34.70 -26.44
C ALA A 350 -28.22 -34.75 -25.01
N ILE A 351 -28.43 -33.59 -24.38
CA ILE A 351 -29.08 -33.56 -23.09
C ILE A 351 -30.49 -33.02 -23.18
N SER A 352 -30.81 -32.27 -24.24
CA SER A 352 -32.16 -31.78 -24.46
C SER A 352 -33.07 -32.83 -25.09
N ILE A 353 -32.54 -33.99 -25.44
CA ILE A 353 -33.34 -35.08 -26.01
C ILE A 353 -33.82 -36.01 -24.89
N PRO A 354 -32.95 -36.47 -23.97
CA PRO A 354 -33.47 -37.25 -22.83
C PRO A 354 -34.39 -36.44 -21.95
N THR A 355 -34.18 -35.12 -21.90
CA THR A 355 -35.13 -34.25 -21.23
C THR A 355 -36.38 -34.04 -22.07
N GLY A 356 -36.23 -34.14 -23.40
CA GLY A 356 -37.36 -33.87 -24.28
C GLY A 356 -38.44 -34.93 -24.24
N VAL A 357 -38.06 -36.20 -24.15
CA VAL A 357 -39.05 -37.27 -24.18
C VAL A 357 -39.95 -37.26 -22.94
N LYS A 358 -39.50 -36.66 -21.84
CA LYS A 358 -40.29 -36.63 -20.63
C LYS A 358 -41.47 -35.65 -20.70
N ILE A 359 -41.47 -34.75 -21.68
CA ILE A 359 -42.64 -33.88 -21.88
C ILE A 359 -43.69 -34.59 -22.71
N PHE A 360 -43.28 -35.39 -23.70
CA PHE A 360 -44.21 -36.20 -24.46
C PHE A 360 -44.80 -37.35 -23.65
N ASN A 361 -44.33 -37.55 -22.41
CA ASN A 361 -44.87 -38.58 -21.54
C ASN A 361 -45.96 -38.08 -20.60
N TRP A 362 -46.11 -36.77 -20.43
CA TRP A 362 -47.16 -36.22 -19.58
C TRP A 362 -48.44 -35.88 -20.34
N LEU A 363 -48.37 -35.71 -21.66
CA LEU A 363 -49.56 -35.37 -22.43
C LEU A 363 -50.35 -36.60 -22.88
N PHE A 364 -49.70 -37.73 -23.11
CA PHE A 364 -50.41 -38.96 -23.47
C PHE A 364 -50.82 -39.78 -22.26
N THR A 365 -50.39 -39.40 -21.06
CA THR A 365 -51.00 -39.88 -19.84
C THR A 365 -52.16 -38.99 -19.39
N MET A 366 -52.30 -37.80 -19.97
CA MET A 366 -53.43 -36.94 -19.68
C MET A 366 -54.54 -37.03 -20.72
N TYR A 367 -54.29 -37.69 -21.86
CA TYR A 367 -55.30 -37.82 -22.90
C TYR A 367 -55.98 -39.17 -22.78
N LYS A 368 -57.16 -39.28 -23.41
CA LYS A 368 -58.04 -40.43 -23.23
C LYS A 368 -58.56 -40.49 -21.79
N GLY A 369 -57.75 -40.02 -20.82
CA GLY A 369 -58.18 -39.98 -19.44
C GLY A 369 -58.90 -38.70 -19.08
N ARG A 370 -59.63 -38.76 -17.97
CA ARG A 370 -60.41 -37.64 -17.46
C ARG A 370 -59.53 -36.66 -16.69
N ILE A 371 -60.13 -35.54 -16.29
CA ILE A 371 -59.41 -34.48 -15.58
C ILE A 371 -60.42 -33.60 -14.87
N SER A 372 -59.97 -32.97 -13.78
CA SER A 372 -60.74 -31.97 -13.06
C SER A 372 -59.77 -30.88 -12.65
N PHE A 373 -59.95 -29.67 -13.17
CA PHE A 373 -59.00 -28.59 -12.93
C PHE A 373 -59.09 -28.07 -11.51
N THR A 374 -58.32 -28.67 -10.60
CA THR A 374 -58.19 -28.19 -9.24
C THR A 374 -56.96 -27.30 -9.16
N THR A 375 -56.62 -26.84 -7.97
CA THR A 375 -55.45 -25.96 -7.82
C THR A 375 -54.14 -26.67 -8.16
N PRO A 376 -53.82 -27.84 -7.58
CA PRO A 376 -52.55 -28.50 -7.97
C PRO A 376 -52.49 -28.83 -9.44
N MET A 377 -53.64 -29.05 -10.08
CA MET A 377 -53.64 -29.29 -11.52
C MET A 377 -53.14 -28.07 -12.27
N LEU A 378 -53.54 -26.88 -11.81
CA LEU A 378 -53.16 -25.64 -12.49
C LEU A 378 -51.64 -25.45 -12.51
N TRP A 379 -50.98 -25.79 -11.40
CA TRP A 379 -49.51 -25.72 -11.38
C TRP A 379 -48.89 -26.74 -12.35
N ALA A 380 -49.51 -27.91 -12.46
CA ALA A 380 -49.07 -28.88 -13.46
C ALA A 380 -49.52 -28.47 -14.85
N LEU A 381 -50.65 -27.78 -14.94
CA LEU A 381 -51.08 -27.23 -16.23
C LEU A 381 -50.10 -26.18 -16.73
N ALA A 382 -49.68 -25.26 -15.86
CA ALA A 382 -48.75 -24.20 -16.24
C ALA A 382 -47.31 -24.65 -16.32
N PHE A 383 -46.94 -25.79 -15.74
CA PHE A 383 -45.57 -26.25 -15.81
C PHE A 383 -45.19 -26.72 -17.21
N ILE A 384 -46.15 -27.24 -17.96
CA ILE A 384 -45.86 -27.79 -19.29
C ILE A 384 -45.28 -26.72 -20.24
N PRO A 385 -45.94 -25.55 -20.44
CA PRO A 385 -45.41 -24.60 -21.43
C PRO A 385 -44.20 -23.81 -20.96
N ASN A 386 -44.30 -23.20 -19.77
CA ASN A 386 -43.28 -22.25 -19.32
C ASN A 386 -41.90 -22.88 -19.26
N PHE A 387 -41.81 -24.16 -18.88
CA PHE A 387 -40.51 -24.81 -18.86
C PHE A 387 -39.96 -25.04 -20.26
N VAL A 388 -40.82 -25.24 -21.25
CA VAL A 388 -40.34 -25.42 -22.62
C VAL A 388 -39.93 -24.09 -23.22
N ILE A 389 -40.67 -23.01 -22.94
CA ILE A 389 -40.30 -21.71 -23.46
C ILE A 389 -38.91 -21.31 -22.97
N GLY A 390 -38.54 -21.77 -21.78
CA GLY A 390 -37.15 -21.64 -21.34
C GLY A 390 -36.26 -22.70 -21.94
N GLY A 391 -36.83 -23.87 -22.25
CA GLY A 391 -36.05 -24.92 -22.88
C GLY A 391 -35.82 -24.69 -24.36
N VAL A 392 -36.71 -23.94 -25.03
CA VAL A 392 -36.50 -23.60 -26.43
C VAL A 392 -35.53 -22.44 -26.58
N THR A 393 -35.00 -21.92 -25.49
CA THR A 393 -33.94 -20.93 -25.52
C THR A 393 -32.60 -21.50 -25.10
N GLY A 394 -32.59 -22.44 -24.16
CA GLY A 394 -31.35 -23.11 -23.80
C GLY A 394 -30.76 -23.94 -24.91
N VAL A 395 -31.61 -24.47 -25.80
CA VAL A 395 -31.11 -25.13 -27.00
C VAL A 395 -30.26 -24.15 -27.81
N MET A 396 -30.71 -22.89 -27.90
CA MET A 396 -29.88 -21.86 -28.54
C MET A 396 -28.60 -21.62 -27.76
N LEU A 397 -28.69 -21.63 -26.42
CA LEU A 397 -27.49 -21.44 -25.60
C LEU A 397 -26.49 -22.57 -25.80
N ALA A 398 -26.98 -23.75 -26.18
CA ALA A 398 -26.08 -24.89 -26.39
C ALA A 398 -25.21 -24.70 -27.64
N MET A 399 -25.67 -23.91 -28.60
CA MET A 399 -24.91 -23.61 -29.80
C MET A 399 -23.75 -22.69 -29.42
N ALA A 400 -22.54 -23.25 -29.31
CA ALA A 400 -21.39 -22.46 -28.89
C ALA A 400 -21.02 -21.39 -29.91
N ALA A 401 -21.31 -21.63 -31.19
CA ALA A 401 -20.99 -20.66 -32.22
C ALA A 401 -21.82 -19.38 -32.09
N ALA A 402 -23.01 -19.48 -31.52
CA ALA A 402 -23.87 -18.34 -31.30
C ALA A 402 -23.95 -17.94 -29.85
N ASP A 403 -23.35 -18.71 -28.95
CA ASP A 403 -23.32 -18.36 -27.54
C ASP A 403 -22.49 -17.11 -27.28
N TYR A 404 -21.54 -16.80 -28.16
CA TYR A 404 -20.69 -15.63 -27.95
C TYR A 404 -21.46 -14.33 -28.12
N GLN A 405 -22.56 -14.33 -28.87
CA GLN A 405 -23.33 -13.12 -29.07
C GLN A 405 -24.28 -12.86 -27.91
N TYR A 406 -24.96 -13.89 -27.42
CA TYR A 406 -25.88 -13.74 -26.30
C TYR A 406 -25.34 -14.38 -25.03
N HIS A 407 -24.02 -14.36 -24.84
CA HIS A 407 -23.47 -14.72 -23.54
C HIS A 407 -23.75 -13.60 -22.56
N ASN A 408 -24.26 -13.97 -21.37
CA ASN A 408 -24.72 -13.01 -20.37
C ASN A 408 -25.90 -12.26 -20.98
N THR A 409 -25.87 -10.91 -21.05
CA THR A 409 -26.91 -10.05 -21.62
C THR A 409 -28.34 -10.56 -21.49
N TYR A 410 -28.83 -10.73 -20.26
CA TYR A 410 -30.25 -10.92 -19.96
C TYR A 410 -30.94 -12.05 -20.72
N PHE A 411 -30.68 -12.18 -22.02
CA PHE A 411 -31.19 -13.32 -22.78
C PHE A 411 -30.83 -14.63 -22.11
N LEU A 412 -29.65 -14.68 -21.47
CA LEU A 412 -29.31 -15.83 -20.63
C LEU A 412 -30.14 -15.83 -19.35
N VAL A 413 -30.27 -14.67 -18.71
CA VAL A 413 -31.11 -14.56 -17.52
C VAL A 413 -32.56 -14.92 -17.86
N SER A 414 -33.01 -14.51 -19.05
CA SER A 414 -34.38 -14.78 -19.44
C SER A 414 -34.59 -16.26 -19.76
N HIS A 415 -33.55 -16.94 -20.25
CA HIS A 415 -33.67 -18.38 -20.52
C HIS A 415 -33.97 -19.15 -19.24
N PHE A 416 -33.07 -19.05 -18.25
CA PHE A 416 -33.11 -19.95 -17.12
C PHE A 416 -34.19 -19.61 -16.11
N HIS A 417 -34.51 -18.31 -15.95
CA HIS A 417 -35.63 -17.96 -15.08
C HIS A 417 -36.92 -18.63 -15.56
N TYR A 418 -37.05 -18.81 -16.88
CA TYR A 418 -38.15 -19.62 -17.41
C TYR A 418 -37.96 -21.09 -17.08
N VAL A 419 -36.71 -21.56 -17.02
CA VAL A 419 -36.46 -22.98 -16.82
C VAL A 419 -36.67 -23.38 -15.36
N LEU A 420 -36.13 -22.60 -14.43
CA LEU A 420 -36.12 -23.04 -13.04
C LEU A 420 -37.40 -22.65 -12.30
N ILE A 421 -37.85 -21.41 -12.44
CA ILE A 421 -39.04 -20.97 -11.73
C ILE A 421 -40.25 -21.77 -12.17
N ALA A 422 -40.40 -21.98 -13.47
CA ALA A 422 -41.44 -22.88 -13.96
C ALA A 422 -41.13 -24.32 -13.57
N GLY A 423 -39.85 -24.67 -13.56
CA GLY A 423 -39.45 -26.02 -13.20
C GLY A 423 -39.55 -26.29 -11.71
N THR A 424 -38.71 -25.61 -10.94
CA THR A 424 -38.61 -25.90 -9.51
C THR A 424 -39.58 -25.07 -8.66
N VAL A 425 -39.62 -23.75 -8.89
CA VAL A 425 -40.47 -22.91 -8.06
C VAL A 425 -41.94 -23.28 -8.21
N PHE A 426 -42.36 -23.71 -9.39
CA PHE A 426 -43.71 -24.22 -9.55
C PHE A 426 -43.87 -25.58 -8.88
N ALA A 427 -42.90 -26.47 -9.07
CA ALA A 427 -42.92 -27.75 -8.36
C ALA A 427 -42.85 -27.55 -6.86
N CYS A 428 -42.11 -26.52 -6.42
CA CYS A 428 -42.14 -26.17 -5.00
C CYS A 428 -43.52 -25.67 -4.59
N PHE A 429 -44.25 -25.04 -5.51
CA PHE A 429 -45.64 -24.66 -5.26
C PHE A 429 -46.60 -25.81 -5.49
N ALA A 430 -46.32 -26.68 -6.48
CA ALA A 430 -47.17 -27.85 -6.71
C ALA A 430 -47.12 -28.81 -5.53
N GLY A 431 -45.92 -29.20 -5.12
CA GLY A 431 -45.76 -30.03 -3.94
C GLY A 431 -46.28 -29.36 -2.69
N PHE A 432 -46.38 -28.03 -2.70
CA PHE A 432 -46.89 -27.30 -1.55
C PHE A 432 -48.38 -27.59 -1.31
N ILE A 433 -49.19 -27.54 -2.36
CA ILE A 433 -50.65 -27.65 -2.22
C ILE A 433 -51.15 -29.09 -2.38
N PHE A 434 -50.65 -29.84 -3.37
CA PHE A 434 -51.16 -31.19 -3.61
C PHE A 434 -50.89 -32.11 -2.42
N TRP A 435 -49.84 -31.84 -1.64
CA TRP A 435 -49.50 -32.62 -0.47
C TRP A 435 -49.55 -31.77 0.80
N TYR A 436 -50.50 -30.82 0.87
CA TYR A 436 -50.73 -30.02 2.06
C TYR A 436 -51.59 -30.77 3.08
N PRO A 437 -52.62 -31.52 2.67
CA PRO A 437 -53.36 -32.34 3.65
C PRO A 437 -52.50 -33.30 4.45
N LYS A 438 -51.27 -33.58 3.99
CA LYS A 438 -50.36 -34.40 4.78
C LYS A 438 -49.85 -33.65 6.01
N MET A 439 -49.75 -32.32 5.93
CA MET A 439 -49.09 -31.52 6.95
C MET A 439 -50.02 -31.13 8.10
N PHE A 440 -51.27 -30.76 7.81
CA PHE A 440 -52.25 -30.44 8.85
C PHE A 440 -53.64 -30.67 8.28
N GLY A 441 -54.66 -30.32 9.06
CA GLY A 441 -56.03 -30.64 8.68
C GLY A 441 -56.55 -29.82 7.52
N HIS A 442 -57.51 -30.39 6.80
CA HIS A 442 -58.13 -29.79 5.62
C HIS A 442 -57.06 -29.37 4.61
N LYS A 443 -57.39 -28.44 3.71
CA LYS A 443 -56.42 -28.01 2.69
C LYS A 443 -56.62 -26.53 2.43
N LEU A 444 -56.00 -26.04 1.36
CA LEU A 444 -56.11 -24.64 0.99
C LEU A 444 -57.43 -24.39 0.27
N ASN A 445 -57.96 -23.19 0.43
CA ASN A 445 -59.19 -22.83 -0.24
C ASN A 445 -58.96 -22.80 -1.74
N GLU A 446 -59.76 -23.59 -2.48
CA GLU A 446 -59.49 -23.80 -3.89
C GLU A 446 -59.76 -22.53 -4.69
N ARG A 447 -60.94 -21.93 -4.50
CA ARG A 447 -61.35 -20.82 -5.34
C ARG A 447 -60.44 -19.61 -5.18
N ILE A 448 -60.09 -19.24 -3.94
CA ILE A 448 -59.18 -18.10 -3.78
C ILE A 448 -57.72 -18.51 -3.94
N GLY A 449 -57.42 -19.81 -3.85
CA GLY A 449 -56.10 -20.27 -4.26
C GLY A 449 -55.88 -20.17 -5.75
N LYS A 450 -56.97 -20.16 -6.52
CA LYS A 450 -56.87 -19.88 -7.95
C LYS A 450 -56.43 -18.44 -8.21
N TRP A 451 -56.82 -17.50 -7.35
CA TRP A 451 -56.39 -16.10 -7.52
C TRP A 451 -54.88 -15.96 -7.40
N PHE A 452 -54.22 -16.77 -6.56
CA PHE A 452 -52.77 -16.69 -6.45
C PHE A 452 -52.09 -17.29 -7.68
N PHE A 453 -52.68 -18.32 -8.28
CA PHE A 453 -52.07 -18.96 -9.44
C PHE A 453 -52.01 -18.00 -10.63
N TRP A 454 -53.12 -17.32 -10.92
CA TRP A 454 -53.20 -16.52 -12.14
C TRP A 454 -52.26 -15.32 -12.08
N ILE A 455 -52.28 -14.58 -10.96
CA ILE A 455 -51.48 -13.36 -10.87
C ILE A 455 -49.99 -13.69 -10.89
N PHE A 456 -49.58 -14.74 -10.20
CA PHE A 456 -48.17 -15.13 -10.19
C PHE A 456 -47.72 -15.67 -11.53
N MET A 457 -48.65 -16.20 -12.32
CA MET A 457 -48.28 -16.75 -13.63
C MET A 457 -48.11 -15.67 -14.68
N ILE A 458 -49.02 -14.69 -14.72
CA ILE A 458 -48.97 -13.67 -15.76
C ILE A 458 -47.81 -12.70 -15.53
N GLY A 459 -47.50 -12.37 -14.28
CA GLY A 459 -46.35 -11.53 -14.00
C GLY A 459 -45.02 -12.20 -14.29
N PHE A 460 -45.01 -13.53 -14.39
CA PHE A 460 -43.79 -14.27 -14.67
C PHE A 460 -43.31 -14.02 -16.09
N ASN A 461 -44.23 -13.84 -17.05
CA ASN A 461 -43.85 -13.73 -18.45
C ASN A 461 -43.48 -12.29 -18.83
N ILE A 462 -44.27 -11.31 -18.41
CA ILE A 462 -43.99 -9.91 -18.75
C ILE A 462 -42.80 -9.40 -17.96
N CYS A 463 -42.19 -10.29 -17.20
CA CYS A 463 -40.97 -10.00 -16.46
C CYS A 463 -39.73 -10.47 -17.21
N PHE A 464 -39.78 -11.66 -17.82
CA PHE A 464 -38.61 -12.26 -18.44
C PHE A 464 -38.72 -12.40 -19.96
N PHE A 465 -39.90 -12.26 -20.55
CA PHE A 465 -39.96 -12.29 -22.01
C PHE A 465 -39.50 -10.97 -22.63
N PRO A 466 -39.83 -9.81 -22.06
CA PRO A 466 -39.15 -8.58 -22.51
C PRO A 466 -37.65 -8.64 -22.30
N GLN A 467 -37.18 -9.50 -21.39
CA GLN A 467 -35.75 -9.71 -21.22
C GLN A 467 -35.16 -10.46 -22.42
N TYR A 468 -35.97 -11.27 -23.10
CA TYR A 468 -35.53 -11.83 -24.37
C TYR A 468 -35.31 -10.73 -25.40
N PHE A 469 -36.15 -9.70 -25.37
CA PHE A 469 -35.93 -8.53 -26.22
C PHE A 469 -34.94 -7.55 -25.59
N LEU A 470 -34.94 -7.43 -24.25
CA LEU A 470 -33.94 -6.62 -23.59
C LEU A 470 -32.53 -7.09 -23.90
N GLY A 471 -32.30 -8.41 -23.79
CA GLY A 471 -30.95 -8.92 -24.00
C GLY A 471 -30.53 -8.91 -25.45
N LEU A 472 -31.45 -9.22 -26.36
CA LEU A 472 -31.11 -9.25 -27.78
C LEU A 472 -30.87 -7.86 -28.34
N GLN A 473 -31.57 -6.85 -27.81
CA GLN A 473 -31.38 -5.49 -28.31
C GLN A 473 -30.06 -4.89 -27.84
N GLY A 474 -29.69 -5.12 -26.59
CA GLY A 474 -28.38 -4.68 -26.13
C GLY A 474 -28.25 -4.27 -24.66
N MET A 475 -28.86 -5.04 -23.77
CA MET A 475 -28.78 -4.78 -22.32
C MET A 475 -28.03 -5.89 -21.61
N PRO A 476 -26.75 -5.72 -21.28
CA PRO A 476 -26.03 -6.76 -20.55
C PRO A 476 -26.57 -6.94 -19.15
N ARG A 477 -26.15 -8.04 -18.52
CA ARG A 477 -26.57 -8.38 -17.17
C ARG A 477 -25.65 -7.75 -16.13
N ARG A 478 -26.14 -7.71 -14.89
CA ARG A 478 -25.40 -7.17 -13.75
C ARG A 478 -25.04 -5.70 -13.98
N ILE A 479 -26.08 -4.91 -14.26
CA ILE A 479 -25.94 -3.50 -14.61
C ILE A 479 -27.02 -2.72 -13.87
N TYR A 480 -26.62 -1.60 -13.26
CA TYR A 480 -27.54 -0.79 -12.48
C TYR A 480 -28.14 0.38 -13.26
N THR A 481 -27.63 0.68 -14.45
CA THR A 481 -28.24 1.70 -15.29
C THR A 481 -28.02 1.37 -16.76
N TYR A 482 -29.08 1.40 -17.55
CA TYR A 482 -29.03 1.04 -18.97
C TYR A 482 -28.63 2.23 -19.85
N GLY A 483 -29.32 3.35 -19.72
CA GLY A 483 -29.09 4.49 -20.58
C GLY A 483 -30.01 4.50 -21.78
N PRO A 484 -30.34 5.70 -22.27
CA PRO A 484 -31.22 5.82 -23.45
C PRO A 484 -30.58 5.28 -24.71
N ASN A 485 -30.76 3.99 -24.97
CA ASN A 485 -30.19 3.32 -26.14
C ASN A 485 -31.32 2.90 -27.06
N ASP A 486 -31.55 3.67 -28.12
CA ASP A 486 -32.53 3.36 -29.16
C ASP A 486 -33.94 3.17 -28.60
N GLY A 487 -34.28 3.92 -27.55
CA GLY A 487 -35.59 3.80 -26.95
C GLY A 487 -35.87 2.47 -26.27
N TRP A 488 -34.84 1.79 -25.77
CA TRP A 488 -34.97 0.51 -25.09
C TRP A 488 -35.15 0.66 -23.58
N THR A 489 -35.91 1.66 -23.15
CA THR A 489 -36.24 1.84 -21.74
C THR A 489 -37.49 1.09 -21.32
N THR A 490 -38.51 1.05 -22.20
CA THR A 490 -39.78 0.46 -21.83
C THR A 490 -39.68 -1.05 -21.65
N LEU A 491 -38.87 -1.72 -22.48
CA LEU A 491 -38.66 -3.15 -22.30
C LEU A 491 -38.08 -3.46 -20.93
N ASN A 492 -37.31 -2.52 -20.36
CA ASN A 492 -36.78 -2.68 -19.01
C ASN A 492 -37.84 -2.43 -17.95
N PHE A 493 -38.70 -1.43 -18.15
CA PHE A 493 -39.75 -1.13 -17.17
C PHE A 493 -40.83 -2.19 -17.19
N ILE A 494 -41.19 -2.69 -18.38
CA ILE A 494 -42.14 -3.79 -18.47
C ILE A 494 -41.64 -4.99 -17.65
N SER A 495 -40.35 -5.29 -17.74
CA SER A 495 -39.77 -6.35 -16.94
C SER A 495 -39.92 -6.08 -15.45
N THR A 496 -39.86 -4.81 -15.04
CA THR A 496 -40.04 -4.48 -13.63
C THR A 496 -41.49 -4.54 -13.19
N VAL A 497 -42.41 -4.12 -14.07
CA VAL A 497 -43.83 -4.22 -13.75
C VAL A 497 -44.21 -5.68 -13.51
N GLY A 498 -43.84 -6.56 -14.45
CA GLY A 498 -44.02 -7.97 -14.22
C GLY A 498 -43.25 -8.49 -13.02
N ALA A 499 -42.09 -7.88 -12.72
CA ALA A 499 -41.35 -8.26 -11.53
C ALA A 499 -42.11 -7.92 -10.27
N PHE A 500 -42.58 -6.68 -10.15
CA PHE A 500 -43.35 -6.28 -8.97
C PHE A 500 -44.72 -6.95 -8.95
N MET A 501 -45.14 -7.51 -10.09
CA MET A 501 -46.43 -8.17 -10.15
C MET A 501 -46.38 -9.54 -9.46
N MET A 502 -45.26 -10.26 -9.63
CA MET A 502 -45.10 -11.53 -8.92
C MET A 502 -45.02 -11.32 -7.42
N GLY A 503 -44.44 -10.19 -6.98
CA GLY A 503 -44.47 -9.86 -5.57
C GLY A 503 -45.89 -9.81 -5.02
N VAL A 504 -46.78 -9.14 -5.74
CA VAL A 504 -48.19 -9.19 -5.45
C VAL A 504 -48.64 -10.63 -5.64
N GLY A 505 -48.95 -11.32 -4.55
CA GLY A 505 -49.23 -12.73 -4.62
C GLY A 505 -48.59 -13.45 -3.44
N PHE A 506 -47.34 -13.11 -3.15
CA PHE A 506 -46.70 -13.64 -1.96
C PHE A 506 -47.44 -13.19 -0.71
N LEU A 507 -48.09 -12.03 -0.77
CA LEU A 507 -49.03 -11.65 0.28
C LEU A 507 -50.25 -12.57 0.26
N ILE A 508 -50.72 -12.94 -0.92
CA ILE A 508 -51.84 -13.88 -1.03
C ILE A 508 -51.41 -15.26 -0.57
N LEU A 509 -50.20 -15.68 -0.94
CA LEU A 509 -49.70 -16.98 -0.51
C LEU A 509 -49.69 -17.08 1.01
N CYS A 510 -49.31 -16.00 1.70
CA CYS A 510 -49.31 -16.00 3.15
C CYS A 510 -50.71 -15.84 3.73
N TYR A 511 -51.62 -15.16 3.02
CA TYR A 511 -53.00 -15.06 3.49
C TYR A 511 -53.70 -16.41 3.47
N ASN A 512 -53.46 -17.21 2.43
CA ASN A 512 -54.03 -18.56 2.39
C ASN A 512 -53.56 -19.40 3.57
N ILE A 513 -52.35 -19.15 4.05
CA ILE A 513 -51.82 -19.84 5.22
C ILE A 513 -52.48 -19.38 6.52
N TYR A 514 -53.09 -18.19 6.53
CA TYR A 514 -53.69 -17.69 7.77
C TYR A 514 -54.90 -18.53 8.21
N TYR A 515 -55.48 -19.33 7.33
CA TYR A 515 -56.60 -20.20 7.71
C TYR A 515 -56.06 -21.33 8.58
N SER A 516 -55.80 -21.00 9.85
CA SER A 516 -55.24 -21.92 10.82
C SER A 516 -55.61 -21.54 12.24
N GLY A 530 -59.94 -35.45 -3.35
CA GLY A 530 -58.69 -35.85 -3.95
C GLY A 530 -58.75 -37.19 -4.64
N VAL A 531 -58.02 -37.32 -5.74
CA VAL A 531 -58.02 -38.54 -6.53
C VAL A 531 -56.64 -39.19 -6.46
N GLY A 532 -56.25 -39.63 -5.28
CA GLY A 532 -54.93 -40.20 -5.12
C GLY A 532 -54.76 -41.51 -5.88
N ARG A 533 -53.51 -41.79 -6.27
CA ARG A 533 -53.19 -43.01 -6.99
C ARG A 533 -51.96 -43.74 -6.46
N THR A 534 -51.34 -43.26 -5.38
CA THR A 534 -50.22 -43.95 -4.74
C THR A 534 -50.47 -43.98 -3.24
N LEU A 535 -49.41 -44.23 -2.46
CA LEU A 535 -49.57 -44.34 -1.02
C LEU A 535 -49.66 -42.97 -0.35
N ASP A 536 -50.24 -41.99 -1.04
CA ASP A 536 -50.43 -40.65 -0.49
C ASP A 536 -51.55 -40.62 0.53
N TRP A 537 -52.80 -40.72 0.05
CA TRP A 537 -53.97 -40.76 0.92
C TRP A 537 -54.24 -42.15 1.45
N ALA A 538 -53.34 -43.11 1.20
CA ALA A 538 -53.44 -44.47 1.71
C ALA A 538 -53.14 -44.56 3.19
N THR A 539 -52.77 -43.47 3.84
CA THR A 539 -52.48 -43.49 5.26
C THR A 539 -53.79 -43.68 6.04
N SER A 540 -53.64 -44.02 7.32
CA SER A 540 -54.81 -44.34 8.15
C SER A 540 -55.82 -43.19 8.18
N SER A 541 -55.35 -41.96 8.03
CA SER A 541 -56.18 -40.77 8.00
C SER A 541 -55.29 -39.63 7.52
N ALA A 542 -55.80 -38.41 7.59
CA ALA A 542 -54.94 -37.26 7.44
C ALA A 542 -53.88 -37.26 8.55
N ILE A 543 -52.87 -36.42 8.36
CA ILE A 543 -51.63 -36.37 9.16
C ILE A 543 -51.20 -37.75 9.63
N PRO A 544 -50.44 -38.47 8.82
CA PRO A 544 -50.04 -39.84 9.19
C PRO A 544 -49.21 -39.87 10.44
N PRO A 545 -49.24 -40.98 11.18
CA PRO A 545 -48.59 -41.07 12.50
C PRO A 545 -47.09 -41.26 12.43
N HIS A 546 -46.47 -41.38 13.61
CA HIS A 546 -45.01 -41.52 13.71
C HIS A 546 -44.52 -42.80 13.04
N TYR A 547 -45.11 -43.94 13.42
CA TYR A 547 -44.68 -45.22 12.89
C TYR A 547 -44.98 -45.35 11.40
N ASN A 548 -45.86 -44.51 10.86
CA ASN A 548 -46.30 -44.48 9.47
C ASN A 548 -46.55 -45.86 8.86
N PHE A 549 -47.82 -46.22 8.71
CA PHE A 549 -48.27 -47.52 8.21
C PHE A 549 -48.02 -48.59 9.26
N ALA A 550 -49.10 -49.14 9.80
CA ALA A 550 -48.98 -50.19 10.82
C ALA A 550 -48.46 -51.49 10.21
N VAL A 551 -48.95 -51.84 9.02
CA VAL A 551 -48.44 -52.98 8.27
C VAL A 551 -47.85 -52.45 6.96
N LEU A 552 -46.81 -53.12 6.49
CA LEU A 552 -46.22 -52.71 5.22
C LEU A 552 -47.06 -53.29 4.07
N PRO A 553 -47.40 -52.48 3.08
CA PRO A 553 -48.27 -52.97 2.01
C PRO A 553 -47.59 -54.02 1.15
N GLU A 554 -48.41 -54.94 0.62
CA GLU A 554 -47.90 -55.96 -0.28
C GLU A 554 -47.66 -55.40 -1.68
N VAL A 555 -48.47 -54.42 -2.10
CA VAL A 555 -48.35 -53.76 -3.40
C VAL A 555 -48.39 -54.80 -4.52
N LYS A 556 -47.21 -55.24 -4.95
CA LYS A 556 -47.06 -56.19 -6.04
C LYS A 556 -47.67 -55.66 -7.35
N SER A 557 -47.60 -54.35 -7.56
CA SER A 557 -48.13 -53.73 -8.77
C SER A 557 -47.52 -52.33 -8.93
N GLN A 558 -47.94 -51.64 -9.98
CA GLN A 558 -47.35 -50.35 -10.35
C GLN A 558 -47.92 -49.19 -9.52
N ASP A 559 -49.24 -49.06 -9.48
CA ASP A 559 -49.92 -48.04 -8.69
C ASP A 559 -50.65 -48.74 -7.55
N ALA A 560 -50.37 -48.32 -6.32
CA ALA A 560 -50.87 -49.05 -5.17
C ALA A 560 -52.29 -48.64 -4.81
N PHE A 561 -52.62 -47.35 -4.87
CA PHE A 561 -53.86 -46.87 -4.28
C PHE A 561 -55.09 -47.29 -5.09
N LEU A 562 -55.02 -47.23 -6.41
CA LEU A 562 -56.19 -47.56 -7.21
C LEU A 562 -56.49 -49.06 -7.17
N HIS A 563 -55.46 -49.89 -7.25
CA HIS A 563 -55.64 -51.33 -7.08
C HIS A 563 -56.02 -51.71 -5.66
N MET A 564 -55.91 -50.80 -4.70
CA MET A 564 -56.32 -51.03 -3.33
C MET A 564 -57.55 -50.20 -2.95
N LYS A 565 -58.40 -49.89 -3.92
CA LYS A 565 -59.63 -49.17 -3.66
C LYS A 565 -60.79 -49.84 -4.38
N GLU A 566 -60.83 -49.73 -5.71
CA GLU A 566 -61.85 -50.43 -6.47
C GLU A 566 -61.60 -51.93 -6.47
N GLU A 567 -60.37 -52.35 -6.77
CA GLU A 567 -60.00 -53.75 -6.72
C GLU A 567 -59.81 -54.16 -5.27
N LYS A 568 -60.73 -54.99 -4.76
CA LYS A 568 -60.70 -55.42 -3.38
C LYS A 568 -60.76 -54.21 -2.46
N THR A 569 -60.27 -54.36 -1.23
CA THR A 569 -60.19 -53.23 -0.32
C THR A 569 -58.79 -53.19 0.27
N GLU A 570 -58.46 -54.19 1.08
CA GLU A 570 -57.16 -54.34 1.73
C GLU A 570 -56.87 -53.15 2.64
N LEU A 571 -56.87 -53.39 3.95
CA LEU A 571 -56.68 -52.32 4.92
C LEU A 571 -55.61 -52.66 5.95
N TYR A 572 -55.72 -52.09 7.14
CA TYR A 572 -54.82 -52.42 8.24
C TYR A 572 -55.60 -53.19 9.29
N PRO A 573 -55.73 -54.51 9.15
CA PRO A 573 -56.56 -55.27 10.09
C PRO A 573 -55.90 -55.38 11.45
N GLU A 574 -56.71 -55.22 12.50
CA GLU A 574 -56.22 -55.41 13.85
C GLU A 574 -55.79 -56.86 14.05
N SER A 575 -55.09 -57.11 15.16
CA SER A 575 -54.49 -58.39 15.53
C SER A 575 -53.35 -58.78 14.60
N LYS A 576 -53.02 -57.96 13.60
CA LYS A 576 -51.87 -58.18 12.73
C LYS A 576 -50.75 -57.17 12.96
N PHE A 577 -50.82 -56.39 14.04
CA PHE A 577 -49.80 -55.38 14.35
C PHE A 577 -48.56 -56.02 14.99
N LYS A 578 -47.55 -55.18 15.26
CA LYS A 578 -46.33 -55.60 15.92
C LYS A 578 -45.68 -54.45 16.70
N LYS A 579 -44.35 -54.47 16.83
CA LYS A 579 -43.64 -53.54 17.72
C LYS A 579 -43.36 -52.20 17.05
N ILE A 580 -42.61 -51.35 17.76
CA ILE A 580 -42.27 -50.01 17.29
C ILE A 580 -40.86 -50.04 16.70
N HIS A 581 -40.41 -48.90 16.20
CA HIS A 581 -39.05 -48.82 15.66
C HIS A 581 -38.05 -48.39 16.72
N MET A 582 -38.43 -47.44 17.57
CA MET A 582 -37.59 -46.90 18.63
C MET A 582 -36.28 -46.34 18.09
N PRO A 583 -36.32 -45.33 17.19
CA PRO A 583 -35.11 -44.54 16.95
C PRO A 583 -35.24 -43.18 17.63
N SER A 584 -35.12 -43.16 18.95
CA SER A 584 -35.49 -41.96 19.68
C SER A 584 -34.45 -40.85 19.45
N ASN A 585 -34.65 -39.73 20.13
CA ASN A 585 -33.93 -38.51 19.86
C ASN A 585 -32.63 -38.43 20.64
N SER A 586 -31.65 -37.75 20.03
CA SER A 586 -30.37 -37.44 20.64
C SER A 586 -30.05 -35.98 20.32
N GLY A 587 -29.67 -35.21 21.33
CA GLY A 587 -29.45 -33.79 21.20
C GLY A 587 -28.16 -33.38 20.52
N ARG A 588 -27.41 -34.32 19.95
CA ARG A 588 -26.11 -34.04 19.36
C ARG A 588 -26.15 -33.34 18.01
N PRO A 589 -27.03 -33.74 17.05
CA PRO A 589 -27.07 -33.03 15.77
C PRO A 589 -27.21 -31.51 15.87
N PHE A 590 -27.97 -31.01 16.84
CA PHE A 590 -28.04 -29.54 17.00
C PHE A 590 -26.71 -29.00 17.49
N PHE A 591 -26.15 -29.60 18.53
CA PHE A 591 -24.84 -29.18 19.03
C PHE A 591 -23.74 -29.42 17.99
N MET A 592 -23.93 -30.43 17.13
CA MET A 592 -22.93 -30.70 16.09
C MET A 592 -22.89 -29.59 15.04
N SER A 593 -24.07 -29.11 14.61
CA SER A 593 -24.10 -28.08 13.58
C SER A 593 -23.80 -26.69 14.14
N VAL A 594 -24.09 -26.45 15.42
CA VAL A 594 -23.71 -25.18 16.03
C VAL A 594 -22.19 -25.01 16.00
N ALA A 595 -21.45 -26.10 16.23
CA ALA A 595 -20.01 -26.06 16.08
C ALA A 595 -19.62 -25.69 14.65
N PHE A 596 -20.33 -26.25 13.66
CA PHE A 596 -20.07 -25.87 12.27
C PHE A 596 -20.46 -24.43 12.02
N GLY A 597 -21.58 -23.98 12.57
CA GLY A 597 -21.97 -22.58 12.44
C GLY A 597 -21.09 -21.65 13.23
N LEU A 598 -20.54 -22.11 14.35
CA LEU A 598 -19.66 -21.26 15.15
C LEU A 598 -18.31 -21.09 14.48
N ALA A 599 -17.69 -22.21 14.08
CA ALA A 599 -16.41 -22.14 13.38
C ALA A 599 -16.56 -21.43 12.04
N GLY A 600 -17.69 -21.67 11.37
CA GLY A 600 -17.94 -20.99 10.10
C GLY A 600 -18.02 -19.48 10.28
N PHE A 601 -18.84 -19.03 11.24
CA PHE A 601 -18.94 -17.60 11.51
C PHE A 601 -17.64 -17.02 12.02
N GLY A 602 -16.86 -17.81 12.78
CA GLY A 602 -15.60 -17.33 13.30
C GLY A 602 -14.54 -17.12 12.24
N LEU A 603 -14.54 -17.93 11.19
CA LEU A 603 -13.59 -17.74 10.10
C LEU A 603 -14.00 -16.61 9.16
N VAL A 604 -15.30 -16.34 9.05
CA VAL A 604 -15.82 -15.33 8.14
C VAL A 604 -15.61 -13.94 8.71
N PHE A 605 -16.29 -13.64 9.82
CA PHE A 605 -16.27 -12.32 10.45
C PHE A 605 -14.87 -12.04 10.98
N GLU A 606 -14.09 -11.27 10.23
CA GLU A 606 -12.68 -11.01 10.51
C GLU A 606 -11.96 -12.36 10.68
N TRP A 607 -10.89 -12.40 11.48
CA TRP A 607 -10.05 -13.59 11.63
C TRP A 607 -9.49 -14.03 10.27
N TYR A 608 -8.62 -13.16 9.75
CA TYR A 608 -8.11 -13.35 8.39
C TYR A 608 -7.15 -14.53 8.30
N TRP A 609 -6.03 -14.47 9.03
CA TRP A 609 -4.98 -15.47 8.85
C TRP A 609 -5.40 -16.82 9.41
N MET A 610 -5.74 -16.86 10.69
CA MET A 610 -6.19 -18.08 11.35
C MET A 610 -7.36 -17.73 12.27
N GLY A 611 -8.08 -18.75 12.71
CA GLY A 611 -9.27 -18.57 13.53
C GLY A 611 -9.03 -19.01 14.96
N VAL A 612 -9.31 -18.09 15.89
CA VAL A 612 -9.23 -18.43 17.31
C VAL A 612 -10.38 -19.36 17.68
N VAL A 613 -11.60 -19.01 17.26
CA VAL A 613 -12.77 -19.85 17.53
C VAL A 613 -13.06 -20.83 16.38
N GLY A 614 -12.48 -20.62 15.20
CA GLY A 614 -12.69 -21.57 14.12
C GLY A 614 -12.10 -22.93 14.41
N LEU A 615 -11.03 -22.97 15.20
CA LEU A 615 -10.44 -24.24 15.60
C LEU A 615 -11.27 -24.94 16.67
N ILE A 616 -12.02 -24.17 17.47
CA ILE A 616 -12.85 -24.79 18.51
C ILE A 616 -14.03 -25.51 17.87
N GLY A 617 -14.65 -24.91 16.84
CA GLY A 617 -15.70 -25.60 16.14
C GLY A 617 -15.22 -26.94 15.59
N VAL A 618 -14.00 -26.96 15.06
CA VAL A 618 -13.37 -28.22 14.66
C VAL A 618 -13.16 -29.10 15.89
N LEU A 619 -12.82 -28.49 17.02
CA LEU A 619 -12.62 -29.26 18.25
C LEU A 619 -13.93 -29.85 18.76
N LEU A 620 -15.03 -29.08 18.71
CA LEU A 620 -16.32 -29.58 19.19
C LEU A 620 -16.90 -30.64 18.27
N CYS A 621 -16.74 -30.47 16.95
CA CYS A 621 -17.29 -31.45 16.01
C CYS A 621 -16.65 -32.82 16.19
N MET A 622 -15.33 -32.86 16.31
CA MET A 622 -14.64 -34.14 16.46
C MET A 622 -14.97 -34.81 17.79
N VAL A 623 -15.28 -34.03 18.82
CA VAL A 623 -15.73 -34.61 20.09
C VAL A 623 -17.09 -35.28 19.92
N LEU A 624 -17.97 -34.67 19.13
CA LEU A 624 -19.27 -35.29 18.88
C LEU A 624 -19.14 -36.47 17.92
N ARG A 625 -18.15 -36.43 17.02
CA ARG A 625 -17.92 -37.58 16.14
C ARG A 625 -17.39 -38.78 16.91
N SER A 626 -16.78 -38.56 18.08
CA SER A 626 -16.52 -39.67 18.98
C SER A 626 -17.81 -40.12 19.66
N PHE A 627 -18.65 -39.16 20.07
CA PHE A 627 -19.96 -39.49 20.60
C PHE A 627 -20.83 -40.14 19.54
N GLU A 628 -20.48 -39.97 18.27
CA GLU A 628 -21.18 -40.65 17.18
C GLU A 628 -21.08 -42.16 17.35
N TYR A 629 -19.87 -42.65 17.61
CA TYR A 629 -19.63 -44.07 17.85
C TYR A 629 -19.27 -44.33 19.30
N ASP A 630 -19.90 -43.58 20.21
CA ASP A 630 -19.84 -43.84 21.64
C ASP A 630 -21.23 -43.89 22.25
N ASN A 631 -22.27 -43.87 21.43
CA ASN A 631 -23.65 -43.86 21.90
C ASN A 631 -24.31 -45.13 21.37
N GLY A 632 -24.69 -46.03 22.28
CA GLY A 632 -25.35 -47.27 21.90
C GLY A 632 -26.85 -47.09 21.95
N TYR A 633 -27.52 -47.54 20.89
CA TYR A 633 -28.97 -47.37 20.81
C TYR A 633 -29.66 -48.51 20.06
N GLN B 16 -21.84 -9.94 -37.22
CA GLN B 16 -23.20 -10.36 -37.55
C GLN B 16 -23.20 -11.63 -38.39
N GLN B 17 -22.12 -12.40 -38.31
CA GLN B 17 -22.03 -13.62 -39.11
C GLN B 17 -22.95 -14.71 -38.56
N SER B 18 -23.00 -14.87 -37.24
CA SER B 18 -23.87 -15.84 -36.60
C SER B 18 -25.29 -15.33 -36.41
N ASP B 19 -25.59 -14.10 -36.84
CA ASP B 19 -26.94 -13.58 -36.72
C ASP B 19 -27.92 -14.33 -37.62
N LEU B 20 -27.43 -14.86 -38.76
CA LEU B 20 -28.29 -15.69 -39.58
C LEU B 20 -28.71 -16.98 -38.87
N ILE B 21 -27.88 -17.46 -37.92
CA ILE B 21 -28.32 -18.58 -37.09
C ILE B 21 -29.41 -18.14 -36.14
N LEU B 22 -29.27 -16.96 -35.55
CA LEU B 22 -30.27 -16.49 -34.57
C LEU B 22 -31.63 -16.32 -35.22
N LEU B 23 -31.67 -15.65 -36.38
CA LEU B 23 -32.94 -15.45 -37.05
C LEU B 23 -33.49 -16.76 -37.61
N SER B 24 -32.63 -17.59 -38.19
CA SER B 24 -33.10 -18.88 -38.71
C SER B 24 -33.46 -19.84 -37.59
N ILE B 25 -32.76 -19.79 -36.45
CA ILE B 25 -33.12 -20.67 -35.35
C ILE B 25 -34.34 -20.14 -34.61
N GLY B 26 -34.59 -18.84 -34.68
CA GLY B 26 -35.75 -18.29 -33.99
C GLY B 26 -37.04 -18.92 -34.46
N PHE B 27 -37.20 -19.06 -35.78
CA PHE B 27 -38.38 -19.74 -36.32
C PHE B 27 -38.35 -21.24 -36.05
N MET B 28 -37.17 -21.82 -35.84
CA MET B 28 -37.10 -23.27 -35.60
C MET B 28 -37.76 -23.63 -34.27
N LEU B 29 -37.58 -22.80 -33.25
CA LEU B 29 -38.24 -23.02 -31.97
C LEU B 29 -39.58 -22.33 -31.90
N PHE B 30 -39.85 -21.37 -32.78
CA PHE B 30 -41.19 -20.80 -32.87
C PHE B 30 -42.19 -21.86 -33.29
N ILE B 31 -41.75 -22.83 -34.09
CA ILE B 31 -42.60 -23.96 -34.45
C ILE B 31 -42.80 -24.90 -33.26
N VAL B 32 -41.74 -25.11 -32.47
CA VAL B 32 -41.85 -26.00 -31.31
C VAL B 32 -42.79 -25.41 -30.27
N GLY B 33 -42.85 -24.09 -30.15
CA GLY B 33 -43.76 -23.47 -29.21
C GLY B 33 -45.21 -23.62 -29.63
N VAL B 34 -45.48 -23.64 -30.94
CA VAL B 34 -46.83 -23.83 -31.45
C VAL B 34 -47.21 -25.30 -31.60
N VAL B 35 -46.23 -26.20 -31.76
CA VAL B 35 -46.54 -27.63 -31.82
C VAL B 35 -47.21 -28.09 -30.54
N PHE B 36 -46.73 -27.60 -29.39
CA PHE B 36 -47.35 -27.93 -28.11
C PHE B 36 -48.63 -27.14 -27.85
N VAL B 37 -48.94 -26.13 -28.65
CA VAL B 37 -50.26 -25.50 -28.57
C VAL B 37 -51.31 -26.40 -29.22
N LEU B 38 -50.95 -27.09 -30.28
CA LEU B 38 -51.84 -28.05 -30.92
C LEU B 38 -51.99 -29.34 -30.12
N PHE B 39 -51.08 -29.62 -29.20
CA PHE B 39 -51.10 -30.83 -28.39
C PHE B 39 -51.85 -30.66 -27.08
N THR B 40 -52.44 -29.49 -26.81
CA THR B 40 -53.18 -29.30 -25.57
C THR B 40 -54.54 -28.63 -25.81
N ILE B 41 -54.55 -27.52 -26.56
CA ILE B 41 -55.78 -26.75 -26.73
C ILE B 41 -56.78 -27.47 -27.63
N ILE B 42 -56.30 -28.29 -28.56
CA ILE B 42 -57.21 -28.97 -29.50
C ILE B 42 -58.13 -29.91 -28.73
N LEU B 43 -57.59 -30.62 -27.73
CA LEU B 43 -58.42 -31.44 -26.86
C LEU B 43 -58.51 -30.77 -25.49
N VAL B 44 -58.36 -31.55 -24.42
CA VAL B 44 -58.51 -31.04 -23.05
C VAL B 44 -59.90 -30.48 -22.82
N LYS B 45 -60.30 -29.47 -23.61
CA LYS B 45 -61.63 -28.89 -23.47
C LYS B 45 -62.70 -29.89 -23.87
N TYR B 46 -62.52 -30.57 -25.00
CA TYR B 46 -63.48 -31.59 -25.42
C TYR B 46 -63.52 -32.74 -24.43
N ARG B 47 -62.47 -32.91 -23.62
CA ARG B 47 -62.35 -34.02 -22.70
C ARG B 47 -62.41 -33.56 -21.24
N ASP B 48 -63.55 -33.00 -20.85
CA ASP B 48 -63.82 -32.63 -19.46
C ASP B 48 -65.01 -33.41 -18.95
N ARG B 49 -65.14 -33.45 -17.62
CA ARG B 49 -66.31 -34.08 -17.02
C ARG B 49 -67.57 -33.28 -17.32
N LYS B 50 -67.44 -31.96 -17.40
CA LYS B 50 -68.56 -31.08 -17.72
C LYS B 50 -68.53 -30.72 -19.21
N THR B 65 -46.23 -47.41 -26.62
CA THR B 65 -45.12 -48.34 -26.76
C THR B 65 -44.60 -48.30 -28.21
N PHE B 66 -45.53 -48.26 -29.16
CA PHE B 66 -45.16 -48.13 -30.55
C PHE B 66 -44.99 -46.67 -30.97
N LEU B 67 -45.55 -45.74 -30.20
CA LEU B 67 -45.42 -44.33 -30.54
C LEU B 67 -44.13 -43.73 -29.99
N GLU B 68 -43.66 -44.21 -28.83
CA GLU B 68 -42.43 -43.67 -28.27
C GLU B 68 -41.21 -44.14 -29.07
N VAL B 69 -41.20 -45.42 -29.47
CA VAL B 69 -40.06 -45.93 -30.22
C VAL B 69 -40.00 -45.30 -31.61
N VAL B 70 -41.17 -44.98 -32.21
CA VAL B 70 -41.20 -44.34 -33.52
C VAL B 70 -40.94 -42.84 -33.42
N TRP B 71 -40.90 -42.29 -32.20
CA TRP B 71 -40.60 -40.88 -31.99
C TRP B 71 -39.12 -40.57 -32.01
N THR B 72 -38.26 -41.56 -31.78
CA THR B 72 -36.82 -41.36 -31.68
C THR B 72 -36.13 -41.12 -33.03
N VAL B 73 -36.88 -40.80 -34.09
CA VAL B 73 -36.27 -40.54 -35.39
C VAL B 73 -36.16 -39.03 -35.61
N ILE B 74 -37.06 -38.27 -35.01
CA ILE B 74 -37.10 -36.81 -35.19
C ILE B 74 -36.19 -36.01 -34.25
N PRO B 75 -35.91 -36.42 -33.01
CA PRO B 75 -35.22 -35.47 -32.12
C PRO B 75 -33.77 -35.24 -32.49
N ILE B 76 -33.08 -36.27 -32.99
CA ILE B 76 -31.74 -36.06 -33.52
C ILE B 76 -31.79 -35.26 -34.82
N LEU B 77 -32.83 -35.48 -35.62
CA LEU B 77 -33.01 -34.69 -36.84
C LEU B 77 -33.14 -33.21 -36.53
N ILE B 78 -33.63 -32.88 -35.33
CA ILE B 78 -33.68 -31.49 -34.93
C ILE B 78 -32.31 -31.02 -34.46
N VAL B 79 -31.50 -31.89 -33.87
CA VAL B 79 -30.24 -31.47 -33.30
C VAL B 79 -29.09 -31.75 -34.26
N ILE B 80 -29.21 -32.80 -35.08
CA ILE B 80 -28.15 -33.08 -36.04
C ILE B 80 -28.19 -32.08 -37.19
N ALA B 81 -29.34 -31.45 -37.42
CA ALA B 81 -29.40 -30.33 -38.36
C ALA B 81 -28.76 -29.09 -37.78
N LEU B 82 -28.46 -29.08 -36.48
CA LEU B 82 -27.65 -28.04 -35.85
C LEU B 82 -26.31 -28.55 -35.35
N SER B 83 -26.16 -29.86 -35.12
CA SER B 83 -24.89 -30.43 -34.71
C SER B 83 -23.91 -30.57 -35.87
N VAL B 84 -24.21 -29.96 -37.01
CA VAL B 84 -23.28 -29.92 -38.15
C VAL B 84 -23.00 -28.47 -38.51
N PRO B 85 -24.02 -27.62 -38.75
CA PRO B 85 -23.69 -26.22 -39.08
C PRO B 85 -23.13 -25.43 -37.90
N THR B 86 -23.44 -25.80 -36.66
CA THR B 86 -22.81 -25.15 -35.52
C THR B 86 -21.36 -25.58 -35.36
N VAL B 87 -21.08 -26.86 -35.60
CA VAL B 87 -19.70 -27.34 -35.57
C VAL B 87 -18.96 -26.83 -36.80
N GLN B 88 -19.66 -26.65 -37.92
CA GLN B 88 -19.07 -26.00 -39.09
C GLN B 88 -18.87 -24.50 -38.89
N THR B 89 -19.28 -23.94 -37.75
CA THR B 89 -19.02 -22.55 -37.42
C THR B 89 -18.02 -22.36 -36.27
N ILE B 90 -17.98 -23.28 -35.31
CA ILE B 90 -16.96 -23.21 -34.24
C ILE B 90 -15.56 -23.24 -34.83
N TYR B 91 -15.33 -24.13 -35.79
CA TYR B 91 -14.04 -24.16 -36.49
C TYR B 91 -13.90 -23.02 -37.50
N SER B 92 -14.92 -22.19 -37.69
CA SER B 92 -14.85 -21.09 -38.64
C SER B 92 -14.39 -19.77 -38.03
N LEU B 93 -14.66 -19.54 -36.74
CA LEU B 93 -14.20 -18.32 -36.10
C LEU B 93 -12.74 -18.40 -35.67
N GLU B 94 -12.12 -19.57 -35.78
CA GLU B 94 -10.71 -19.77 -35.44
C GLU B 94 -9.81 -19.09 -36.47
N LYS B 95 -9.77 -19.62 -37.69
CA LYS B 95 -9.00 -19.00 -38.77
C LYS B 95 -9.65 -17.68 -39.19
N ALA B 96 -8.89 -16.91 -39.99
CA ALA B 96 -9.23 -15.56 -40.42
C ALA B 96 -10.65 -15.48 -40.97
N PRO B 97 -11.58 -14.92 -40.19
CA PRO B 97 -13.01 -14.96 -40.58
C PRO B 97 -13.47 -13.75 -41.36
N GLU B 98 -14.55 -13.11 -40.91
CA GLU B 98 -15.17 -12.01 -41.62
C GLU B 98 -14.13 -10.94 -41.95
N ALA B 99 -13.36 -11.16 -43.03
CA ALA B 99 -12.47 -10.12 -43.52
C ALA B 99 -12.24 -10.20 -45.02
N THR B 100 -11.28 -11.02 -45.41
CA THR B 100 -10.86 -11.20 -46.80
C THR B 100 -10.12 -12.51 -46.97
N LYS B 101 -8.81 -12.46 -47.10
CA LYS B 101 -8.02 -13.68 -47.22
C LYS B 101 -6.84 -13.58 -46.25
N ASP B 102 -5.78 -14.33 -46.54
CA ASP B 102 -4.60 -14.34 -45.66
C ASP B 102 -3.67 -13.18 -45.95
N LYS B 103 -4.22 -11.96 -46.05
CA LYS B 103 -3.47 -10.74 -46.25
C LYS B 103 -4.00 -9.69 -45.29
N GLU B 104 -3.27 -8.57 -45.23
CA GLU B 104 -3.57 -7.42 -44.39
C GLU B 104 -3.68 -7.88 -42.95
N PRO B 105 -2.58 -8.33 -42.33
CA PRO B 105 -2.67 -8.77 -40.93
C PRO B 105 -2.37 -7.64 -39.95
N LEU B 106 -3.41 -7.10 -39.30
CA LEU B 106 -3.23 -6.05 -38.31
C LEU B 106 -3.39 -6.63 -36.91
N VAL B 107 -2.50 -6.23 -36.01
CA VAL B 107 -2.48 -6.71 -34.64
C VAL B 107 -2.86 -5.56 -33.71
N VAL B 108 -3.68 -5.84 -32.71
CA VAL B 108 -4.11 -4.87 -31.71
C VAL B 108 -4.15 -5.58 -30.36
N TYR B 109 -3.22 -5.24 -29.47
CA TYR B 109 -3.17 -5.81 -28.13
C TYR B 109 -4.25 -5.15 -27.29
N ALA B 110 -5.19 -5.93 -26.78
CA ALA B 110 -6.31 -5.42 -26.00
C ALA B 110 -6.16 -5.88 -24.55
N THR B 111 -6.05 -4.91 -23.64
CA THR B 111 -5.91 -5.19 -22.21
C THR B 111 -7.13 -4.64 -21.47
N SER B 112 -7.47 -5.28 -20.37
CA SER B 112 -8.62 -4.91 -19.56
C SER B 112 -8.17 -4.72 -18.11
N VAL B 113 -8.03 -3.46 -17.69
CA VAL B 113 -7.87 -3.17 -16.28
C VAL B 113 -9.26 -3.10 -15.68
N ASP B 114 -9.37 -2.75 -14.40
CA ASP B 114 -10.68 -2.62 -13.78
C ASP B 114 -11.43 -1.45 -14.42
N TRP B 115 -12.69 -1.67 -14.75
CA TRP B 115 -13.58 -0.66 -15.33
C TRP B 115 -13.10 -0.16 -16.70
N LYS B 116 -11.79 0.00 -16.87
CA LYS B 116 -11.22 0.72 -18.01
C LYS B 116 -10.63 -0.24 -19.03
N TRP B 117 -10.72 0.16 -20.30
CA TRP B 117 -10.26 -0.63 -21.43
C TRP B 117 -9.00 -0.03 -22.03
N VAL B 118 -8.02 -0.90 -22.31
CA VAL B 118 -6.72 -0.49 -22.85
C VAL B 118 -6.47 -1.26 -24.16
N PHE B 119 -6.05 -0.53 -25.19
CA PHE B 119 -5.77 -1.12 -26.50
C PHE B 119 -4.49 -0.51 -27.06
N SER B 120 -3.52 -1.36 -27.41
CA SER B 120 -2.21 -0.90 -27.90
C SER B 120 -1.89 -1.53 -29.25
N TYR B 121 -1.43 -0.70 -30.20
CA TYR B 121 -1.07 -1.17 -31.53
C TYR B 121 0.43 -1.45 -31.61
N PRO B 122 0.85 -2.67 -31.90
CA PRO B 122 2.29 -2.95 -32.07
C PRO B 122 2.85 -2.51 -33.42
N GLU B 123 2.00 -2.12 -34.36
CA GLU B 123 2.47 -1.73 -35.69
C GLU B 123 3.29 -0.46 -35.62
N GLN B 124 2.71 0.62 -35.08
CA GLN B 124 3.43 1.85 -34.84
C GLN B 124 3.18 2.27 -33.40
N ASP B 125 4.18 2.94 -32.82
CA ASP B 125 4.15 3.30 -31.40
C ASP B 125 2.95 4.16 -31.04
N ILE B 126 1.77 3.53 -30.86
CA ILE B 126 0.52 4.20 -30.53
C ILE B 126 -0.27 3.33 -29.56
N GLU B 127 -1.09 3.96 -28.71
CA GLU B 127 -1.91 3.22 -27.74
C GLU B 127 -3.04 4.09 -27.21
N THR B 128 -4.29 3.63 -27.35
CA THR B 128 -5.47 4.36 -26.92
C THR B 128 -6.13 3.66 -25.73
N VAL B 129 -7.09 4.37 -25.11
CA VAL B 129 -7.79 3.90 -23.92
C VAL B 129 -9.28 4.24 -24.01
N ASN B 130 -10.14 3.26 -23.73
CA ASN B 130 -11.59 3.45 -23.73
C ASN B 130 -12.14 3.98 -25.05
N TYR B 131 -11.45 3.66 -26.14
CA TYR B 131 -11.83 4.09 -27.48
C TYR B 131 -10.98 3.31 -28.47
N LEU B 132 -11.55 3.04 -29.65
CA LEU B 132 -10.87 2.21 -30.63
C LEU B 132 -11.41 2.49 -32.02
N ASN B 133 -10.51 2.64 -32.99
CA ASN B 133 -10.86 2.91 -34.39
C ASN B 133 -10.27 1.82 -35.27
N ILE B 134 -11.08 1.35 -36.22
CA ILE B 134 -10.64 0.30 -37.13
C ILE B 134 -11.16 0.64 -38.52
N PRO B 135 -10.37 0.40 -39.57
CA PRO B 135 -10.88 0.62 -40.93
C PRO B 135 -11.81 -0.51 -41.34
N VAL B 136 -12.84 -0.16 -42.10
CA VAL B 136 -13.81 -1.16 -42.51
C VAL B 136 -13.13 -2.11 -43.50
N ASP B 137 -13.61 -3.35 -43.53
CA ASP B 137 -13.13 -4.36 -44.47
C ASP B 137 -11.64 -4.64 -44.29
N ARG B 138 -11.19 -4.74 -43.03
CA ARG B 138 -9.81 -5.12 -42.72
C ARG B 138 -9.77 -6.13 -41.58
N PRO B 139 -8.96 -7.18 -41.71
CA PRO B 139 -8.78 -8.12 -40.60
C PRO B 139 -8.04 -7.45 -39.44
N ILE B 140 -8.49 -7.74 -38.22
CA ILE B 140 -7.89 -7.18 -37.01
C ILE B 140 -7.70 -8.30 -36.00
N LEU B 141 -6.44 -8.61 -35.69
CA LEU B 141 -6.10 -9.67 -34.74
C LEU B 141 -6.09 -9.08 -33.34
N PHE B 142 -7.26 -9.04 -32.71
CA PHE B 142 -7.36 -8.54 -31.34
C PHE B 142 -6.68 -9.52 -30.39
N LYS B 143 -5.58 -9.09 -29.78
CA LYS B 143 -4.95 -9.86 -28.71
C LYS B 143 -5.64 -9.47 -27.42
N ILE B 144 -6.44 -10.39 -26.87
CA ILE B 144 -7.30 -10.09 -25.73
C ILE B 144 -6.59 -10.51 -24.45
N SER B 145 -6.55 -9.61 -23.48
CA SER B 145 -5.96 -9.89 -22.19
C SER B 145 -6.54 -8.90 -21.19
N SER B 146 -6.21 -9.12 -19.91
CA SER B 146 -6.69 -8.26 -18.84
C SER B 146 -5.53 -7.96 -17.89
N ALA B 147 -5.78 -7.05 -16.95
CA ALA B 147 -4.77 -6.61 -16.01
C ALA B 147 -5.02 -7.09 -14.59
N ASP B 148 -6.23 -6.96 -14.11
CA ASP B 148 -6.56 -7.30 -12.72
C ASP B 148 -7.80 -8.17 -12.61
N SER B 149 -8.83 -7.91 -13.42
CA SER B 149 -10.07 -8.66 -13.39
C SER B 149 -10.36 -9.20 -14.78
N MET B 150 -10.97 -10.38 -14.82
CA MET B 150 -11.38 -10.98 -16.09
C MET B 150 -12.42 -10.10 -16.76
N ALA B 151 -12.37 -10.06 -18.09
CA ALA B 151 -13.30 -9.22 -18.84
C ALA B 151 -13.45 -9.81 -20.24
N SER B 152 -14.15 -9.08 -21.12
CA SER B 152 -14.34 -9.48 -22.51
C SER B 152 -14.90 -8.34 -23.33
N LEU B 153 -14.29 -8.03 -24.47
CA LEU B 153 -14.79 -6.97 -25.34
C LEU B 153 -15.97 -7.50 -26.13
N TRP B 154 -17.18 -7.11 -25.72
CA TRP B 154 -18.39 -7.57 -26.39
C TRP B 154 -18.55 -6.87 -27.73
N ILE B 155 -18.90 -5.59 -27.70
CA ILE B 155 -19.17 -4.79 -28.89
C ILE B 155 -20.30 -5.44 -29.67
N PRO B 156 -21.57 -5.10 -29.38
CA PRO B 156 -22.70 -5.84 -29.95
C PRO B 156 -22.82 -5.78 -31.46
N GLN B 157 -22.02 -4.96 -32.14
CA GLN B 157 -22.08 -4.88 -33.60
C GLN B 157 -21.09 -5.82 -34.28
N LEU B 158 -20.03 -6.24 -33.57
CA LEU B 158 -19.05 -7.15 -34.13
C LEU B 158 -19.42 -8.61 -33.98
N GLY B 159 -20.31 -8.95 -33.05
CA GLY B 159 -20.76 -10.32 -32.91
C GLY B 159 -20.21 -11.04 -31.70
N GLY B 160 -19.31 -11.99 -31.93
CA GLY B 160 -18.80 -12.81 -30.84
C GLY B 160 -17.87 -12.04 -29.92
N GLN B 161 -17.82 -12.46 -28.66
CA GLN B 161 -16.93 -11.88 -27.67
C GLN B 161 -15.96 -12.94 -27.16
N LYS B 162 -14.82 -12.48 -26.63
CA LYS B 162 -13.78 -13.34 -26.10
C LYS B 162 -13.34 -12.83 -24.73
N TYR B 163 -13.19 -13.75 -23.79
CA TYR B 163 -12.81 -13.37 -22.44
C TYR B 163 -11.38 -12.82 -22.40
N ALA B 164 -11.20 -11.75 -21.61
CA ALA B 164 -9.88 -11.19 -21.35
C ALA B 164 -9.30 -11.92 -20.15
N MET B 165 -8.48 -12.93 -20.44
CA MET B 165 -7.90 -13.79 -19.41
C MET B 165 -6.62 -13.16 -18.88
N ALA B 166 -6.60 -12.82 -17.60
CA ALA B 166 -5.43 -12.23 -16.96
C ALA B 166 -4.35 -13.30 -16.80
N GLY B 167 -3.37 -13.28 -17.70
CA GLY B 167 -2.29 -14.25 -17.63
C GLY B 167 -1.83 -14.74 -18.99
N MET B 168 -2.65 -14.56 -20.00
CA MET B 168 -2.32 -15.00 -21.36
C MET B 168 -3.16 -14.21 -22.34
N LEU B 169 -2.70 -14.19 -23.59
CA LEU B 169 -3.37 -13.47 -24.67
C LEU B 169 -4.26 -14.42 -25.46
N MET B 170 -5.50 -14.00 -25.67
CA MET B 170 -6.44 -14.74 -26.53
C MET B 170 -6.62 -13.98 -27.82
N ASP B 171 -6.40 -14.64 -28.94
CA ASP B 171 -6.53 -14.00 -30.24
C ASP B 171 -7.97 -14.03 -30.71
N GLN B 172 -8.39 -12.96 -31.39
CA GLN B 172 -9.75 -12.85 -31.90
C GLN B 172 -9.75 -11.84 -33.04
N TYR B 173 -10.32 -12.24 -34.18
CA TYR B 173 -10.39 -11.39 -35.36
C TYR B 173 -11.80 -10.81 -35.51
N LEU B 174 -11.87 -9.57 -36.00
CA LEU B 174 -13.14 -8.88 -36.22
C LEU B 174 -13.07 -8.08 -37.52
N GLN B 175 -14.14 -7.36 -37.81
CA GLN B 175 -14.23 -6.48 -38.98
C GLN B 175 -15.43 -5.55 -38.80
N ALA B 176 -15.70 -4.75 -39.83
CA ALA B 176 -16.73 -3.73 -39.84
C ALA B 176 -17.65 -3.90 -41.04
N ASP B 177 -18.95 -4.06 -40.80
CA ASP B 177 -19.94 -4.28 -41.86
C ASP B 177 -20.09 -3.04 -42.73
N LYS B 178 -20.86 -2.06 -42.23
CA LYS B 178 -21.07 -0.79 -42.89
C LYS B 178 -20.48 0.30 -42.01
N VAL B 179 -20.27 1.47 -42.59
CA VAL B 179 -19.72 2.56 -41.80
C VAL B 179 -20.79 3.02 -40.82
N GLY B 180 -20.43 3.06 -39.54
CA GLY B 180 -21.40 3.43 -38.53
C GLY B 180 -20.77 3.43 -37.15
N THR B 181 -21.62 3.62 -36.16
CA THR B 181 -21.21 3.71 -34.76
C THR B 181 -21.52 2.40 -34.05
N TYR B 182 -20.48 1.65 -33.72
CA TYR B 182 -20.65 0.36 -33.07
C TYR B 182 -20.53 0.55 -31.56
N GLU B 183 -21.61 0.27 -30.84
CA GLU B 183 -21.53 0.30 -29.39
C GLU B 183 -20.59 -0.80 -28.92
N GLY B 184 -20.05 -0.61 -27.71
CA GLY B 184 -19.16 -1.59 -27.14
C GLY B 184 -19.27 -1.63 -25.64
N ARG B 185 -19.20 -2.83 -25.06
CA ARG B 185 -19.32 -2.98 -23.62
C ARG B 185 -18.40 -4.10 -23.17
N ASN B 186 -18.56 -4.52 -21.92
CA ASN B 186 -17.78 -5.59 -21.33
C ASN B 186 -18.71 -6.72 -20.91
N ALA B 187 -18.14 -7.92 -20.73
CA ALA B 187 -18.88 -9.01 -20.11
C ALA B 187 -19.46 -8.62 -18.77
N ASN B 188 -18.96 -7.54 -18.17
CA ASN B 188 -19.50 -6.96 -16.94
C ASN B 188 -19.47 -7.98 -15.81
N PHE B 189 -18.29 -8.53 -15.57
CA PHE B 189 -18.07 -9.28 -14.34
C PHE B 189 -18.04 -8.28 -13.20
N THR B 190 -19.20 -8.07 -12.58
CA THR B 190 -19.47 -6.85 -11.83
C THR B 190 -18.44 -6.63 -10.73
N GLY B 191 -18.13 -5.35 -10.49
CA GLY B 191 -17.15 -4.93 -9.51
C GLY B 191 -17.22 -3.44 -9.26
N GLU B 192 -18.29 -3.00 -8.60
CA GLU B 192 -18.56 -1.59 -8.34
C GLU B 192 -18.58 -0.81 -9.66
N HIS B 193 -17.39 -0.50 -10.17
CA HIS B 193 -17.27 0.23 -11.44
C HIS B 193 -17.05 -0.80 -12.55
N PHE B 194 -18.15 -1.38 -13.00
CA PHE B 194 -18.16 -2.30 -14.13
C PHE B 194 -19.33 -2.10 -15.08
N ALA B 195 -20.42 -1.45 -14.65
CA ALA B 195 -21.55 -1.23 -15.54
C ALA B 195 -21.28 -0.12 -16.54
N ASP B 196 -20.49 0.88 -16.13
CA ASP B 196 -20.12 1.97 -17.02
C ASP B 196 -18.83 1.67 -17.78
N GLN B 197 -18.57 0.40 -18.08
CA GLN B 197 -17.43 0.03 -18.92
C GLN B 197 -17.72 0.21 -20.40
N GLU B 198 -18.80 0.92 -20.75
CA GLU B 198 -19.18 1.08 -22.15
C GLU B 198 -18.17 1.98 -22.86
N PHE B 199 -17.37 1.38 -23.74
CA PHE B 199 -16.40 2.09 -24.55
C PHE B 199 -16.89 2.09 -25.99
N ASP B 200 -16.98 3.28 -26.58
CA ASP B 200 -17.53 3.43 -27.91
C ASP B 200 -16.46 3.17 -28.97
N VAL B 201 -16.81 2.39 -29.99
CA VAL B 201 -15.91 2.08 -31.09
C VAL B 201 -16.58 2.47 -32.41
N ASN B 202 -15.75 2.80 -33.40
CA ASN B 202 -16.21 3.27 -34.69
C ASN B 202 -15.47 2.57 -35.82
N ALA B 203 -16.06 2.61 -37.00
CA ALA B 203 -15.51 1.92 -38.18
C ALA B 203 -15.61 2.84 -39.38
N VAL B 204 -14.47 3.29 -39.89
CA VAL B 204 -14.43 4.22 -41.02
C VAL B 204 -13.63 3.64 -42.18
N THR B 205 -13.41 4.46 -43.21
CA THR B 205 -12.75 4.04 -44.43
C THR B 205 -11.23 3.96 -44.23
N GLU B 206 -10.53 3.56 -45.31
CA GLU B 206 -9.08 3.43 -45.28
C GLU B 206 -8.36 4.77 -45.33
N LYS B 207 -8.77 5.67 -46.24
CA LYS B 207 -8.06 6.93 -46.41
C LYS B 207 -8.06 7.77 -45.15
N ASP B 208 -9.19 7.76 -44.42
CA ASP B 208 -9.27 8.54 -43.20
C ASP B 208 -8.53 7.89 -42.03
N PHE B 209 -8.31 6.56 -42.09
CA PHE B 209 -7.59 5.91 -41.00
C PHE B 209 -6.11 6.28 -40.99
N ASN B 210 -5.48 6.40 -42.16
CA ASN B 210 -4.05 6.71 -42.19
C ASN B 210 -3.77 8.16 -41.87
N SER B 211 -4.67 9.08 -42.25
CA SER B 211 -4.52 10.47 -41.82
C SER B 211 -4.73 10.59 -40.32
N TRP B 212 -5.67 9.83 -39.77
CA TRP B 212 -5.92 9.86 -38.33
C TRP B 212 -4.72 9.33 -37.58
N VAL B 213 -4.10 8.26 -38.10
CA VAL B 213 -2.96 7.67 -37.44
C VAL B 213 -1.78 8.63 -37.48
N LYS B 214 -1.63 9.39 -38.57
CA LYS B 214 -0.47 10.28 -38.72
C LYS B 214 -0.56 11.50 -37.80
N LYS B 215 -1.76 12.05 -37.61
CA LYS B 215 -1.91 13.29 -36.86
C LYS B 215 -1.35 13.15 -35.44
N THR B 216 -1.53 11.98 -34.83
CA THR B 216 -1.23 11.82 -33.42
C THR B 216 0.24 12.09 -33.11
N GLN B 217 1.15 11.54 -33.93
CA GLN B 217 2.59 11.74 -33.68
C GLN B 217 3.31 12.26 -34.90
N PRO B 221 0.69 13.16 -27.11
CA PRO B 221 1.53 12.75 -25.98
C PRO B 221 2.40 11.54 -26.31
N LYS B 222 2.81 10.79 -25.28
CA LYS B 222 3.67 9.63 -25.46
C LYS B 222 3.40 8.68 -24.28
N LEU B 223 4.17 7.61 -24.20
CA LEU B 223 4.06 6.63 -23.11
C LEU B 223 4.81 7.18 -21.91
N THR B 224 4.08 7.85 -21.02
CA THR B 224 4.68 8.55 -19.88
C THR B 224 5.09 7.60 -18.75
N LYS B 225 5.14 6.30 -18.99
CA LYS B 225 5.71 5.33 -18.04
C LYS B 225 4.97 5.30 -16.71
N GLU B 226 4.88 6.44 -16.03
CA GLU B 226 4.19 6.51 -14.75
C GLU B 226 2.68 6.63 -14.92
N LYS B 227 2.22 7.28 -15.99
CA LYS B 227 0.79 7.41 -16.23
C LYS B 227 0.15 6.06 -16.59
N TYR B 228 0.93 5.13 -17.13
CA TYR B 228 0.44 3.77 -17.30
C TYR B 228 0.07 3.17 -15.94
N ASP B 229 0.95 3.30 -14.96
CA ASP B 229 0.63 2.85 -13.61
C ASP B 229 -0.47 3.67 -12.98
N GLU B 230 -0.72 4.89 -13.49
CA GLU B 230 -1.82 5.72 -13.03
C GLU B 230 -3.16 5.25 -13.61
N LEU B 231 -3.18 4.12 -14.31
CA LEU B 231 -4.39 3.60 -14.93
C LEU B 231 -5.01 2.44 -14.17
N MET B 232 -4.22 1.60 -13.50
CA MET B 232 -4.76 0.42 -12.83
C MET B 232 -5.63 0.77 -11.63
N LEU B 233 -5.88 2.02 -11.36
CA LEU B 233 -6.83 2.32 -10.32
C LEU B 233 -8.24 2.36 -10.92
N PRO B 234 -9.22 1.68 -10.31
CA PRO B 234 -10.57 1.63 -10.90
C PRO B 234 -11.39 2.87 -10.60
N GLU B 235 -11.50 3.79 -11.57
CA GLU B 235 -12.26 5.01 -11.38
C GLU B 235 -13.08 5.38 -12.62
N ASN B 236 -12.96 6.63 -13.07
CA ASN B 236 -13.61 7.12 -14.28
C ASN B 236 -12.65 8.02 -15.03
N VAL B 237 -12.62 7.90 -16.36
CA VAL B 237 -11.60 8.54 -17.17
C VAL B 237 -12.24 9.10 -18.45
N ASP B 238 -11.47 9.94 -19.14
CA ASP B 238 -11.91 10.60 -20.36
C ASP B 238 -11.23 9.92 -21.55
N GLU B 239 -10.67 10.65 -22.52
CA GLU B 239 -10.15 10.05 -23.74
C GLU B 239 -8.77 9.44 -23.55
N LEU B 240 -7.80 10.25 -23.13
CA LEU B 240 -6.41 9.83 -22.96
C LEU B 240 -5.81 9.25 -24.25
N THR B 241 -5.25 10.13 -25.09
CA THR B 241 -4.75 9.77 -26.41
C THR B 241 -3.54 8.83 -26.39
N PHE B 242 -2.39 9.31 -25.90
CA PHE B 242 -1.16 8.53 -25.78
C PHE B 242 -0.59 8.08 -27.14
N SER B 243 0.45 8.75 -27.63
CA SER B 243 1.05 8.40 -28.92
C SER B 243 2.33 7.58 -28.75
N SER B 244 2.27 6.54 -27.93
CA SER B 244 3.38 5.60 -27.80
C SER B 244 2.87 4.31 -27.20
N THR B 245 3.35 3.19 -27.72
CA THR B 245 2.87 1.88 -27.29
C THR B 245 3.47 1.48 -25.95
N HIS B 246 2.67 0.80 -25.13
CA HIS B 246 3.06 0.43 -23.78
C HIS B 246 3.57 -1.01 -23.67
N LEU B 247 3.60 -1.76 -24.77
CA LEU B 247 3.96 -3.18 -24.68
C LEU B 247 5.42 -3.38 -24.29
N LYS B 248 6.20 -2.31 -24.12
CA LYS B 248 7.56 -2.42 -23.61
C LYS B 248 7.59 -2.74 -22.11
N TYR B 249 6.41 -2.96 -21.52
CA TYR B 249 6.27 -3.24 -20.09
C TYR B 249 5.72 -4.64 -19.92
N VAL B 250 6.61 -5.59 -19.60
CA VAL B 250 6.32 -6.98 -19.24
C VAL B 250 5.18 -7.57 -20.07
N ASP B 251 5.02 -7.10 -21.31
CA ASP B 251 4.03 -7.62 -22.25
C ASP B 251 2.60 -7.41 -21.77
N HIS B 252 2.38 -7.52 -20.46
CA HIS B 252 1.08 -7.43 -19.80
C HIS B 252 0.21 -8.64 -20.13
N GLY B 253 0.28 -9.11 -21.38
CA GLY B 253 -0.35 -10.37 -21.72
C GLY B 253 0.23 -11.53 -20.93
N GLN B 254 1.53 -11.48 -20.65
CA GLN B 254 2.17 -12.41 -19.75
C GLN B 254 2.47 -11.72 -18.42
N ASP B 255 2.69 -12.53 -17.38
CA ASP B 255 2.93 -12.04 -16.03
C ASP B 255 1.80 -11.10 -15.58
N ALA B 256 0.67 -11.69 -15.22
CA ALA B 256 -0.50 -10.93 -14.76
C ALA B 256 -0.36 -10.46 -13.32
N GLU B 257 0.82 -10.59 -12.72
CA GLU B 257 1.12 -10.14 -11.36
C GLU B 257 1.19 -8.62 -11.26
N TYR B 258 0.79 -7.91 -12.31
CA TYR B 258 0.84 -6.46 -12.35
C TYR B 258 -0.37 -5.83 -11.67
N ALA B 259 -0.99 -6.54 -10.72
CA ALA B 259 -2.02 -5.99 -9.84
C ALA B 259 -1.48 -5.59 -8.49
N MET B 260 -0.39 -6.23 -8.04
CA MET B 260 0.30 -5.79 -6.83
C MET B 260 1.19 -4.58 -7.12
N GLU B 261 2.02 -4.67 -8.15
CA GLU B 261 2.83 -3.52 -8.55
C GLU B 261 1.98 -2.34 -9.01
N ALA B 262 0.67 -2.54 -9.16
CA ALA B 262 -0.22 -1.48 -9.58
C ALA B 262 -0.84 -0.77 -8.38
N ARG B 263 -1.91 -1.36 -7.83
CA ARG B 263 -2.71 -0.68 -6.81
C ARG B 263 -1.92 -0.44 -5.53
N LYS B 264 -0.90 -1.27 -5.26
CA LYS B 264 -0.19 -1.18 -3.99
C LYS B 264 0.99 -0.22 -4.01
N ARG B 265 1.63 -0.05 -5.18
CA ARG B 265 2.76 0.86 -5.25
C ARG B 265 2.33 2.31 -5.02
N LEU B 266 1.09 2.65 -5.35
CA LEU B 266 0.55 3.98 -5.05
C LEU B 266 -0.18 4.03 -3.72
N GLY B 267 -0.13 2.95 -2.95
CA GLY B 267 -0.75 2.89 -1.64
C GLY B 267 -2.26 2.96 -1.72
N TYR B 268 -2.89 1.85 -2.13
CA TYR B 268 -4.34 1.79 -2.22
C TYR B 268 -4.80 0.34 -2.21
N GLN B 269 -5.64 0.00 -1.24
CA GLN B 269 -6.43 -1.22 -1.30
C GLN B 269 -7.79 -0.88 -0.72
N ALA B 270 -8.83 -1.02 -1.52
CA ALA B 270 -10.16 -0.59 -1.13
C ALA B 270 -10.73 -1.51 -0.05
N VAL B 271 -11.87 -1.09 0.51
CA VAL B 271 -12.61 -1.87 1.49
C VAL B 271 -14.09 -1.73 1.17
N SER B 272 -14.96 -2.13 2.09
CA SER B 272 -16.39 -1.99 1.82
C SER B 272 -17.06 -0.90 2.66
N PRO B 273 -16.75 -0.77 3.97
CA PRO B 273 -17.30 0.37 4.72
C PRO B 273 -16.24 1.35 5.20
N HIS B 274 -16.34 2.60 4.73
CA HIS B 274 -15.58 3.75 5.24
C HIS B 274 -14.10 3.70 4.90
N SER B 275 -13.46 4.88 4.93
CA SER B 275 -12.01 5.00 4.77
C SER B 275 -11.52 4.47 3.42
N LYS B 276 -12.31 4.72 2.37
CA LYS B 276 -11.88 4.35 1.02
C LYS B 276 -11.20 5.54 0.37
N THR B 277 -11.86 6.12 -0.64
CA THR B 277 -11.34 7.26 -1.41
C THR B 277 -9.91 7.01 -1.88
N ASP B 278 -9.63 5.75 -2.26
CA ASP B 278 -8.26 5.28 -2.48
C ASP B 278 -7.42 5.67 -1.27
N PRO B 279 -7.31 4.78 -0.25
CA PRO B 279 -6.71 5.15 1.05
C PRO B 279 -5.60 6.18 1.00
N PHE B 280 -5.99 7.45 0.79
CA PHE B 280 -5.08 8.58 0.77
C PHE B 280 -4.05 8.45 -0.36
N GLU B 281 -3.08 9.38 -0.37
CA GLU B 281 -2.05 9.45 -1.40
C GLU B 281 -2.67 9.79 -2.76
N ASN B 282 -2.53 11.05 -3.16
CA ASN B 282 -3.24 11.60 -4.32
C ASN B 282 -2.52 11.26 -5.63
N VAL B 283 -2.52 12.21 -6.56
CA VAL B 283 -1.93 12.07 -7.90
C VAL B 283 -2.76 11.12 -8.76
N LYS B 284 -3.42 11.67 -9.78
CA LYS B 284 -4.24 10.92 -10.72
C LYS B 284 -4.82 11.84 -11.78
N LYS B 285 -5.76 11.33 -12.58
CA LYS B 285 -6.47 12.14 -13.57
C LYS B 285 -7.89 11.60 -13.62
N ASN B 286 -8.79 12.25 -12.89
CA ASN B 286 -10.14 11.74 -12.69
C ASN B 286 -11.12 12.50 -13.57
N GLU B 287 -12.38 12.52 -13.18
CA GLU B 287 -13.42 13.24 -13.89
C GLU B 287 -13.50 14.67 -13.36
N PHE B 288 -14.32 15.49 -14.03
CA PHE B 288 -14.53 16.88 -13.64
C PHE B 288 -13.22 17.67 -13.66
N GLY C 20 -28.25 -57.64 10.56
CA GLY C 20 -28.19 -56.86 9.33
C GLY C 20 -28.17 -55.36 9.54
N ARG C 21 -27.10 -54.70 9.11
CA ARG C 21 -26.94 -53.26 9.26
C ARG C 21 -26.60 -52.63 7.91
N LEU C 22 -27.44 -51.70 7.47
CA LEU C 22 -27.26 -50.98 6.22
C LEU C 22 -26.21 -49.86 6.30
N ASN C 23 -25.72 -49.52 7.51
CA ASN C 23 -24.64 -48.54 7.59
C ASN C 23 -23.41 -48.98 6.82
N ILE C 24 -23.21 -50.29 6.66
CA ILE C 24 -22.13 -50.81 5.84
C ILE C 24 -22.27 -50.31 4.41
N LEU C 25 -23.50 -50.15 3.93
CA LEU C 25 -23.75 -49.64 2.59
C LEU C 25 -23.87 -48.12 2.55
N GLY C 26 -24.42 -47.52 3.61
CA GLY C 26 -24.58 -46.07 3.62
C GLY C 26 -23.26 -45.33 3.73
N PHE C 27 -22.42 -45.72 4.69
CA PHE C 27 -21.08 -45.15 4.80
C PHE C 27 -20.13 -45.75 3.78
N TRP C 28 -20.67 -46.47 2.79
CA TRP C 28 -19.92 -46.96 1.64
C TRP C 28 -20.11 -46.05 0.43
N ILE C 29 -21.34 -45.67 0.11
CA ILE C 29 -21.56 -44.69 -0.94
C ILE C 29 -20.95 -43.35 -0.56
N PHE C 30 -20.70 -43.13 0.73
CA PHE C 30 -19.89 -41.99 1.14
C PHE C 30 -18.44 -42.15 0.70
N LEU C 31 -17.95 -43.39 0.60
CA LEU C 31 -16.60 -43.63 0.10
C LEU C 31 -16.51 -43.40 -1.41
N GLY C 32 -17.62 -43.56 -2.13
CA GLY C 32 -17.61 -43.23 -3.55
C GLY C 32 -17.60 -41.74 -3.81
N ALA C 33 -18.15 -40.96 -2.88
CA ALA C 33 -18.14 -39.50 -3.03
C ALA C 33 -16.73 -38.94 -2.93
N GLU C 34 -15.87 -39.55 -2.12
CA GLU C 34 -14.50 -39.06 -1.98
C GLU C 34 -13.67 -39.31 -3.22
N ILE C 35 -14.10 -40.21 -4.11
CA ILE C 35 -13.38 -40.38 -5.37
C ILE C 35 -13.44 -39.10 -6.19
N VAL C 36 -14.60 -38.44 -6.17
CA VAL C 36 -14.74 -37.17 -6.85
C VAL C 36 -14.05 -36.07 -6.07
N LEU C 37 -13.99 -36.21 -4.74
CA LEU C 37 -13.27 -35.26 -3.91
C LEU C 37 -11.80 -35.22 -4.30
N PHE C 38 -11.16 -36.39 -4.35
CA PHE C 38 -9.75 -36.45 -4.72
C PHE C 38 -9.54 -36.24 -6.20
N SER C 39 -10.52 -36.59 -7.04
CA SER C 39 -10.40 -36.31 -8.46
C SER C 39 -10.45 -34.81 -8.72
N THR C 40 -11.27 -34.09 -7.96
CA THR C 40 -11.28 -32.63 -8.05
C THR C 40 -9.92 -32.06 -7.68
N LEU C 41 -9.32 -32.58 -6.60
CA LEU C 41 -7.97 -32.16 -6.26
C LEU C 41 -6.97 -32.67 -7.29
N PHE C 42 -7.22 -33.84 -7.87
CA PHE C 42 -6.34 -34.35 -8.93
C PHE C 42 -6.48 -33.51 -10.20
N ALA C 43 -7.69 -33.06 -10.52
CA ALA C 43 -7.83 -32.14 -11.64
C ALA C 43 -7.23 -30.79 -11.30
N THR C 44 -7.44 -30.32 -10.07
CA THR C 44 -6.79 -29.09 -9.63
C THR C 44 -5.28 -29.21 -9.75
N PHE C 45 -4.73 -30.29 -9.21
CA PHE C 45 -3.28 -30.46 -9.20
C PHE C 45 -2.73 -30.68 -10.61
N PHE C 46 -3.43 -31.46 -11.44
CA PHE C 46 -2.89 -31.76 -12.77
C PHE C 46 -2.94 -30.55 -13.69
N VAL C 47 -3.79 -29.56 -13.42
CA VAL C 47 -3.76 -28.33 -14.20
C VAL C 47 -2.72 -27.36 -13.63
N LEU C 48 -2.49 -27.38 -12.32
CA LEU C 48 -1.48 -26.55 -11.68
C LEU C 48 -0.09 -27.18 -11.71
N LYS C 49 0.15 -28.12 -12.64
CA LYS C 49 1.42 -28.83 -12.67
C LYS C 49 2.55 -27.99 -13.29
N ASN C 50 2.25 -27.26 -14.37
CA ASN C 50 3.25 -26.55 -15.14
C ASN C 50 3.47 -25.10 -14.67
N ARG C 51 3.21 -24.80 -13.40
CA ARG C 51 3.37 -23.43 -12.96
C ARG C 51 4.74 -23.22 -12.33
N THR C 52 4.75 -22.55 -11.19
CA THR C 52 5.99 -22.10 -10.55
C THR C 52 6.80 -21.27 -11.52
N ALA C 53 6.13 -20.36 -12.25
CA ALA C 53 6.85 -19.47 -13.14
C ALA C 53 7.82 -18.57 -12.37
N GLY C 54 7.48 -18.25 -11.13
CA GLY C 54 8.37 -17.52 -10.26
C GLY C 54 8.39 -18.16 -8.88
N GLY C 55 9.36 -19.04 -8.65
CA GLY C 55 9.45 -19.71 -7.37
C GLY C 55 10.47 -20.83 -7.36
N VAL C 56 10.15 -21.93 -6.67
CA VAL C 56 11.07 -23.05 -6.48
C VAL C 56 10.60 -24.23 -7.32
N LEU C 57 11.52 -24.86 -8.03
CA LEU C 57 11.22 -26.04 -8.81
C LEU C 57 11.19 -27.27 -7.90
N PRO C 58 10.25 -28.20 -8.13
CA PRO C 58 10.06 -29.33 -7.19
C PRO C 58 11.17 -30.37 -7.31
N ASP C 59 11.87 -30.61 -6.20
CA ASP C 59 12.84 -31.70 -6.08
C ASP C 59 12.70 -32.30 -4.68
N GLU C 60 12.02 -33.45 -4.61
CA GLU C 60 11.70 -34.13 -3.36
C GLU C 60 12.48 -35.44 -3.26
N LEU C 61 12.59 -35.92 -2.01
CA LEU C 61 13.33 -37.15 -1.74
C LEU C 61 12.61 -38.37 -2.31
N PHE C 62 13.35 -39.24 -2.99
CA PHE C 62 12.76 -40.39 -3.66
C PHE C 62 12.56 -41.58 -2.70
N GLU C 63 13.57 -41.88 -1.87
CA GLU C 63 13.46 -43.02 -0.96
C GLU C 63 12.32 -42.84 0.03
N VAL C 64 12.04 -41.60 0.43
CA VAL C 64 10.93 -41.36 1.35
C VAL C 64 9.60 -41.74 0.70
N ASN C 65 9.49 -41.55 -0.61
CA ASN C 65 8.25 -41.90 -1.30
C ASN C 65 7.96 -43.39 -1.24
N LEU C 66 8.95 -44.22 -1.59
CA LEU C 66 8.74 -45.66 -1.50
C LEU C 66 8.56 -46.10 -0.05
N VAL C 67 9.30 -45.48 0.88
CA VAL C 67 9.13 -45.79 2.29
C VAL C 67 7.72 -45.42 2.75
N MET C 68 7.18 -44.31 2.28
CA MET C 68 5.79 -43.97 2.61
C MET C 68 4.84 -44.94 1.92
N ILE C 69 5.08 -45.26 0.66
CA ILE C 69 4.16 -46.12 -0.08
C ILE C 69 4.29 -47.57 0.39
N MET C 70 5.53 -48.05 0.60
CA MET C 70 5.70 -49.43 1.05
C MET C 70 5.21 -49.61 2.49
N THR C 71 5.28 -48.56 3.31
CA THR C 71 4.69 -48.62 4.65
C THR C 71 3.18 -48.76 4.57
N PHE C 72 2.56 -48.09 3.61
CA PHE C 72 1.11 -48.15 3.48
C PHE C 72 0.68 -49.38 2.69
N LEU C 73 1.48 -49.82 1.71
CA LEU C 73 1.20 -51.07 1.02
C LEU C 73 1.33 -52.26 1.97
N LEU C 74 2.19 -52.16 2.98
CA LEU C 74 2.24 -53.13 4.06
C LEU C 74 1.20 -52.86 5.14
N LEU C 75 0.60 -51.66 5.15
CA LEU C 75 -0.48 -51.38 6.09
C LEU C 75 -1.73 -52.16 5.72
N ILE C 76 -2.04 -52.24 4.42
CA ILE C 76 -3.19 -53.02 3.96
C ILE C 76 -2.89 -54.52 3.99
N SER C 77 -1.61 -54.91 3.87
CA SER C 77 -1.26 -56.32 3.92
C SER C 77 -1.59 -56.93 5.28
N SER C 78 -1.52 -56.14 6.34
CA SER C 78 -1.94 -56.54 7.68
C SER C 78 -3.40 -56.20 7.96
N PHE C 79 -4.19 -55.94 6.93
CA PHE C 79 -5.60 -55.57 7.11
C PHE C 79 -6.52 -56.27 6.13
N THR C 80 -6.06 -56.63 4.93
CA THR C 80 -6.83 -57.50 4.04
C THR C 80 -7.06 -58.86 4.68
N CYS C 81 -6.09 -59.34 5.46
CA CYS C 81 -6.22 -60.53 6.28
C CYS C 81 -6.54 -60.22 7.73
N GLY C 82 -6.67 -58.95 8.08
CA GLY C 82 -6.96 -58.53 9.45
C GLY C 82 -8.39 -58.65 9.87
N ILE C 83 -9.27 -59.13 8.99
CA ILE C 83 -10.67 -59.35 9.35
C ILE C 83 -11.16 -60.61 8.65
N ALA C 84 -10.44 -61.06 7.63
CA ALA C 84 -10.82 -62.29 6.92
C ALA C 84 -10.41 -63.53 7.71
N VAL C 85 -9.14 -63.62 8.11
CA VAL C 85 -8.67 -64.74 8.91
C VAL C 85 -8.77 -64.35 10.37
N HIS C 86 -9.52 -63.28 10.64
CA HIS C 86 -9.73 -62.78 12.00
C HIS C 86 -11.12 -63.15 12.51
N GLU C 87 -12.12 -62.43 12.04
CA GLU C 87 -13.50 -62.67 12.44
C GLU C 87 -14.19 -63.66 11.51
N MET C 88 -13.88 -63.58 10.22
CA MET C 88 -14.56 -64.41 9.24
C MET C 88 -14.09 -65.86 9.31
N ARG C 89 -12.79 -66.09 9.23
CA ARG C 89 -12.21 -67.42 9.37
C ARG C 89 -11.92 -67.69 10.85
N ARG C 90 -12.47 -68.78 11.35
CA ARG C 90 -12.32 -69.16 12.77
C ARG C 90 -12.86 -68.02 13.62
N GLY C 91 -12.29 -67.81 14.80
CA GLY C 91 -12.74 -66.75 15.67
C GLY C 91 -11.64 -66.29 16.61
N SER C 92 -10.79 -65.39 16.13
CA SER C 92 -9.69 -64.87 16.93
C SER C 92 -10.11 -63.56 17.60
N LEU C 93 -10.96 -63.72 18.62
CA LEU C 93 -11.47 -62.58 19.38
C LEU C 93 -10.36 -61.92 20.20
N LYS C 94 -9.40 -62.72 20.69
CA LYS C 94 -8.27 -62.17 21.43
C LYS C 94 -7.30 -61.43 20.52
N GLY C 95 -7.27 -61.77 19.23
CA GLY C 95 -6.42 -61.13 18.26
C GLY C 95 -6.84 -59.76 17.80
N VAL C 96 -8.01 -59.28 18.26
CA VAL C 96 -8.43 -57.93 17.88
C VAL C 96 -7.54 -56.88 18.55
N VAL C 97 -7.01 -57.17 19.73
CA VAL C 97 -6.06 -56.30 20.41
C VAL C 97 -4.65 -56.56 19.85
N ILE C 98 -4.57 -57.40 18.82
CA ILE C 98 -3.31 -57.76 18.19
C ILE C 98 -3.24 -57.28 16.74
N TRP C 99 -4.26 -57.60 15.95
CA TRP C 99 -4.23 -57.21 14.54
C TRP C 99 -4.68 -55.77 14.33
N THR C 100 -5.62 -55.28 15.14
CA THR C 100 -6.09 -53.90 14.99
C THR C 100 -5.19 -52.88 15.67
N ILE C 101 -4.33 -53.29 16.61
CA ILE C 101 -3.40 -52.36 17.25
C ILE C 101 -2.12 -52.22 16.43
N ILE C 102 -1.59 -53.33 15.90
CA ILE C 102 -0.40 -53.24 15.07
C ILE C 102 -0.69 -52.42 13.82
N THR C 103 -1.87 -52.63 13.22
CA THR C 103 -2.27 -51.82 12.07
C THR C 103 -2.57 -50.38 12.45
N LEU C 104 -2.79 -50.09 13.74
CA LEU C 104 -3.00 -48.72 14.19
C LEU C 104 -1.68 -47.95 14.30
N LEU C 105 -0.59 -48.62 14.66
CA LEU C 105 0.69 -47.95 14.74
C LEU C 105 1.22 -47.58 13.36
N LEU C 106 0.87 -48.37 12.34
CA LEU C 106 1.32 -48.06 10.98
C LEU C 106 0.66 -46.80 10.45
N GLY C 107 -0.52 -46.44 10.96
CA GLY C 107 -1.15 -45.19 10.57
C GLY C 107 -0.38 -43.97 11.03
N ALA C 108 0.26 -44.04 12.20
CA ALA C 108 1.10 -42.95 12.67
C ALA C 108 2.39 -42.84 11.87
N GLY C 109 2.84 -43.92 11.24
CA GLY C 109 4.03 -43.85 10.41
C GLY C 109 3.86 -42.92 9.22
N PHE C 110 2.69 -42.95 8.58
CA PHE C 110 2.43 -42.03 7.49
C PHE C 110 2.22 -40.61 8.00
N VAL C 111 1.57 -40.45 9.14
CA VAL C 111 1.37 -39.13 9.73
C VAL C 111 2.70 -38.53 10.16
N GLY C 112 3.50 -39.30 10.91
CA GLY C 112 4.78 -38.78 11.38
C GLY C 112 5.73 -38.47 10.24
N CYS C 113 5.70 -39.29 9.18
CA CYS C 113 6.60 -39.06 8.06
C CYS C 113 6.15 -37.89 7.20
N GLU C 114 4.85 -37.68 7.07
CA GLU C 114 4.34 -36.56 6.28
C GLU C 114 4.46 -35.24 7.03
N ILE C 115 4.44 -35.28 8.37
CA ILE C 115 4.60 -34.05 9.14
C ILE C 115 6.05 -33.55 9.06
N ASN C 116 7.02 -34.43 9.33
CA ASN C 116 8.42 -34.05 9.13
C ASN C 116 8.76 -33.79 7.67
N GLU C 117 7.94 -34.29 6.73
CA GLU C 117 8.13 -33.93 5.33
C GLU C 117 7.69 -32.50 5.07
N PHE C 118 6.62 -32.06 5.73
CA PHE C 118 6.16 -30.69 5.56
C PHE C 118 7.06 -29.70 6.31
N VAL C 119 7.52 -30.08 7.50
CA VAL C 119 8.41 -29.21 8.27
C VAL C 119 9.75 -29.05 7.57
N HIS C 120 10.27 -30.13 6.97
CA HIS C 120 11.49 -30.00 6.18
C HIS C 120 11.26 -29.19 4.91
N TYR C 121 10.01 -29.11 4.44
CA TYR C 121 9.68 -28.26 3.30
C TYR C 121 9.55 -26.79 3.67
N VAL C 122 9.62 -26.45 4.97
CA VAL C 122 9.76 -25.05 5.36
C VAL C 122 11.02 -24.47 4.76
N HIS C 123 12.04 -25.30 4.57
CA HIS C 123 13.26 -24.88 3.88
C HIS C 123 13.01 -24.77 2.38
N GLU C 124 12.57 -23.59 1.93
CA GLU C 124 12.25 -23.31 0.53
C GLU C 124 11.05 -24.13 0.04
N GLY C 125 9.90 -23.48 -0.09
CA GLY C 125 8.69 -24.15 -0.53
C GLY C 125 7.77 -24.52 0.61
N ALA C 126 7.64 -23.61 1.58
CA ALA C 126 6.83 -23.87 2.76
C ALA C 126 5.36 -23.54 2.49
N ALA C 127 4.49 -24.40 2.99
CA ALA C 127 3.04 -24.16 3.00
C ALA C 127 2.57 -23.84 1.57
N LEU C 128 1.55 -22.99 1.46
CA LEU C 128 0.89 -22.71 0.19
C LEU C 128 1.20 -21.32 -0.36
N SER C 129 2.14 -20.58 0.24
CA SER C 129 2.39 -19.21 -0.17
C SER C 129 3.56 -19.06 -1.13
N THR C 130 4.40 -20.09 -1.27
CA THR C 130 5.59 -19.93 -2.10
C THR C 130 5.22 -19.91 -3.58
N SER C 131 4.46 -20.89 -4.03
CA SER C 131 4.08 -20.99 -5.42
C SER C 131 2.66 -21.53 -5.50
N ALA C 132 2.08 -21.44 -6.70
CA ALA C 132 0.73 -21.96 -6.89
C ALA C 132 0.75 -23.48 -6.88
N PHE C 133 1.85 -24.08 -7.32
CA PHE C 133 1.99 -25.53 -7.37
C PHE C 133 2.00 -26.13 -5.96
N TRP C 134 2.78 -25.54 -5.05
CA TRP C 134 2.84 -26.05 -3.69
C TRP C 134 1.54 -25.88 -2.93
N SER C 135 0.61 -25.07 -3.44
CA SER C 135 -0.72 -24.99 -2.85
C SER C 135 -1.51 -26.28 -3.09
N GLY C 136 -1.50 -26.77 -4.33
CA GLY C 136 -2.17 -28.02 -4.61
C GLY C 136 -1.57 -29.20 -3.88
N PHE C 137 -0.24 -29.27 -3.85
CA PHE C 137 0.45 -30.41 -3.24
C PHE C 137 0.18 -30.47 -1.74
N PHE C 138 0.18 -29.32 -1.07
CA PHE C 138 -0.10 -29.28 0.37
C PHE C 138 -1.57 -29.44 0.70
N VAL C 139 -2.43 -29.60 -0.31
CA VAL C 139 -3.85 -29.84 -0.11
C VAL C 139 -4.29 -31.15 -0.73
N LEU C 140 -3.78 -31.49 -1.92
CA LEU C 140 -3.98 -32.84 -2.43
C LEU C 140 -3.40 -33.86 -1.48
N LEU C 141 -2.32 -33.52 -0.77
CA LEU C 141 -1.83 -34.31 0.33
C LEU C 141 -2.24 -33.75 1.68
N GLY C 142 -2.98 -32.64 1.71
CA GLY C 142 -3.40 -32.02 2.95
C GLY C 142 -4.59 -32.72 3.58
N THR C 143 -5.77 -32.54 2.97
CA THR C 143 -6.93 -33.29 3.41
C THR C 143 -6.70 -34.80 3.28
N HIS C 144 -5.84 -35.19 2.35
CA HIS C 144 -5.25 -36.53 2.32
C HIS C 144 -4.70 -36.91 3.69
N GLY C 145 -3.81 -36.08 4.24
CA GLY C 145 -3.29 -36.37 5.57
C GLY C 145 -4.33 -36.24 6.65
N THR C 146 -5.35 -35.42 6.41
CA THR C 146 -6.43 -35.27 7.39
C THR C 146 -7.30 -36.52 7.43
N HIS C 147 -7.57 -37.12 6.26
CA HIS C 147 -8.38 -38.34 6.21
C HIS C 147 -7.69 -39.50 6.94
N VAL C 148 -6.37 -39.61 6.79
CA VAL C 148 -5.64 -40.69 7.46
C VAL C 148 -5.44 -40.39 8.94
N THR C 149 -5.56 -39.14 9.37
CA THR C 149 -5.37 -38.82 10.78
C THR C 149 -6.65 -39.10 11.58
N ILE C 150 -7.81 -38.77 11.01
CA ILE C 150 -9.06 -39.03 11.69
C ILE C 150 -9.39 -40.53 11.70
N GLY C 151 -8.86 -41.27 10.74
CA GLY C 151 -9.06 -42.72 10.75
C GLY C 151 -8.43 -43.39 11.95
N ILE C 152 -7.27 -42.87 12.38
CA ILE C 152 -6.62 -43.39 13.58
C ILE C 152 -7.54 -43.21 14.78
N PHE C 153 -8.14 -42.02 14.90
CA PHE C 153 -9.08 -41.76 15.97
C PHE C 153 -10.39 -42.52 15.78
N TRP C 154 -10.70 -42.95 14.55
CA TRP C 154 -11.87 -43.80 14.33
C TRP C 154 -11.57 -45.26 14.56
N ILE C 155 -10.37 -45.70 14.22
CA ILE C 155 -9.97 -47.08 14.49
C ILE C 155 -9.73 -47.27 15.98
N THR C 156 -9.21 -46.25 16.66
CA THR C 156 -9.10 -46.32 18.10
C THR C 156 -10.43 -46.01 18.79
N GLY C 157 -11.35 -45.35 18.08
CA GLY C 157 -12.68 -45.12 18.64
C GLY C 157 -13.49 -46.39 18.84
N ILE C 158 -13.26 -47.41 17.99
CA ILE C 158 -13.93 -48.70 18.17
C ILE C 158 -13.19 -49.60 19.15
N LEU C 159 -11.91 -49.36 19.39
CA LEU C 159 -11.14 -50.16 20.33
C LEU C 159 -11.56 -49.98 21.78
N ILE C 160 -12.53 -49.12 22.06
CA ILE C 160 -13.06 -48.94 23.42
C ILE C 160 -14.29 -49.82 23.59
N GLN C 161 -14.40 -50.88 22.77
CA GLN C 161 -15.55 -51.76 22.85
C GLN C 161 -15.28 -53.04 23.62
N LEU C 162 -14.03 -53.47 23.72
CA LEU C 162 -13.72 -54.68 24.47
C LEU C 162 -13.60 -54.37 25.95
N LYS C 163 -14.60 -53.69 26.51
CA LYS C 163 -14.68 -53.42 27.94
C LYS C 163 -16.05 -53.79 28.48
N LYS C 164 -16.97 -52.82 28.52
CA LYS C 164 -18.34 -53.08 28.93
C LYS C 164 -19.23 -53.52 27.78
N ARG C 165 -18.67 -53.67 26.58
CA ARG C 165 -19.44 -54.14 25.43
C ARG C 165 -18.90 -55.47 24.93
N GLY C 166 -17.89 -55.42 24.06
CA GLY C 166 -17.27 -56.62 23.52
C GLY C 166 -18.21 -57.41 22.63
N LEU C 167 -18.66 -56.79 21.54
CA LEU C 167 -19.62 -57.43 20.67
C LEU C 167 -18.94 -58.46 19.75
N THR C 168 -19.76 -59.33 19.20
CA THR C 168 -19.29 -60.41 18.32
C THR C 168 -19.33 -59.94 16.87
N PRO C 169 -18.68 -60.66 15.96
CA PRO C 169 -18.80 -60.32 14.54
C PRO C 169 -20.24 -60.43 14.07
N GLN C 170 -20.49 -59.85 12.89
CA GLN C 170 -21.84 -59.70 12.32
C GLN C 170 -22.76 -58.87 13.22
N THR C 171 -22.19 -58.09 14.14
CA THR C 171 -22.99 -57.26 15.04
C THR C 171 -22.30 -55.92 15.31
N SER C 172 -21.02 -55.97 15.66
CA SER C 172 -20.23 -54.77 15.86
C SER C 172 -19.72 -54.31 14.51
N SER C 173 -20.61 -53.66 13.75
CA SER C 173 -20.27 -53.20 12.42
C SER C 173 -19.29 -52.03 12.42
N LYS C 174 -19.05 -51.40 13.58
CA LYS C 174 -18.14 -50.26 13.63
C LYS C 174 -16.75 -50.60 13.12
N ILE C 175 -16.28 -51.83 13.35
CA ILE C 175 -14.95 -52.21 12.90
C ILE C 175 -14.91 -52.26 11.38
N PHE C 176 -15.90 -52.89 10.77
CA PHE C 176 -15.88 -53.10 9.33
C PHE C 176 -16.10 -51.78 8.58
N ILE C 177 -17.09 -50.99 9.01
CA ILE C 177 -17.37 -49.73 8.34
C ILE C 177 -16.19 -48.76 8.47
N SER C 178 -15.44 -48.85 9.58
CA SER C 178 -14.22 -48.07 9.71
C SER C 178 -13.00 -48.76 9.11
N SER C 179 -13.04 -50.09 8.98
CA SER C 179 -11.94 -50.78 8.31
C SER C 179 -11.93 -50.49 6.82
N LEU C 180 -13.11 -50.52 6.20
CA LEU C 180 -13.19 -50.29 4.75
C LEU C 180 -13.02 -48.82 4.39
N TYR C 181 -13.40 -47.91 5.30
CA TYR C 181 -13.04 -46.51 5.09
C TYR C 181 -11.54 -46.33 5.10
N TRP C 182 -10.86 -47.01 6.03
CA TRP C 182 -9.41 -46.96 6.10
C TRP C 182 -8.76 -47.54 4.85
N HIS C 183 -9.40 -48.51 4.21
CA HIS C 183 -8.86 -49.09 2.98
C HIS C 183 -8.91 -48.09 1.83
N PHE C 184 -9.95 -47.26 1.77
CA PHE C 184 -10.11 -46.32 0.66
C PHE C 184 -8.95 -45.33 0.54
N LEU C 185 -8.23 -45.08 1.63
CA LEU C 185 -7.12 -44.14 1.56
C LEU C 185 -6.05 -44.63 0.59
N ASP C 186 -5.57 -45.86 0.79
CA ASP C 186 -4.50 -46.39 -0.05
C ASP C 186 -4.84 -46.35 -1.54
N VAL C 187 -6.11 -46.22 -1.90
CA VAL C 187 -6.50 -46.11 -3.31
C VAL C 187 -5.88 -44.88 -3.94
N VAL C 188 -6.26 -43.70 -3.45
CA VAL C 188 -5.71 -42.47 -4.00
C VAL C 188 -4.27 -42.28 -3.53
N TRP C 189 -3.91 -42.85 -2.38
CA TRP C 189 -2.54 -42.82 -1.91
C TRP C 189 -1.59 -43.37 -2.99
N ILE C 190 -2.00 -44.45 -3.64
CA ILE C 190 -1.22 -44.97 -4.77
C ILE C 190 -1.42 -44.09 -6.00
N PHE C 191 -2.65 -43.62 -6.22
CA PHE C 191 -2.88 -42.69 -7.31
C PHE C 191 -2.17 -41.36 -7.09
N ILE C 192 -1.89 -41.02 -5.82
CA ILE C 192 -1.02 -39.87 -5.57
C ILE C 192 0.42 -40.23 -5.87
N PHE C 193 0.82 -41.47 -5.59
CA PHE C 193 2.17 -41.91 -5.93
C PHE C 193 2.43 -41.74 -7.43
N THR C 194 1.48 -42.16 -8.26
CA THR C 194 1.63 -41.98 -9.70
C THR C 194 1.26 -40.56 -10.13
N GLY C 195 0.32 -39.93 -9.44
CA GLY C 195 -0.17 -38.63 -9.85
C GLY C 195 0.86 -37.55 -9.67
N VAL C 196 1.28 -37.34 -8.41
CA VAL C 196 2.22 -36.26 -8.13
C VAL C 196 3.66 -36.69 -8.44
N TYR C 197 4.00 -37.96 -8.27
CA TYR C 197 5.37 -38.41 -8.54
C TYR C 197 5.45 -39.13 -9.89
N UNK D 1 -4.85 -66.55 5.14
CA UNK D 1 -4.11 -67.51 4.33
C UNK D 1 -4.21 -67.14 2.85
N UNK D 2 -5.45 -66.98 2.37
CA UNK D 2 -5.66 -66.64 0.97
C UNK D 2 -5.40 -65.17 0.67
N UNK D 3 -5.52 -64.28 1.66
CA UNK D 3 -5.31 -62.86 1.41
C UNK D 3 -3.84 -62.48 1.34
N UNK D 4 -2.94 -63.35 1.82
CA UNK D 4 -1.52 -63.05 1.77
C UNK D 4 -0.98 -63.13 0.35
N UNK D 5 -1.62 -63.92 -0.51
CA UNK D 5 -1.16 -64.04 -1.90
C UNK D 5 -1.34 -62.72 -2.65
N UNK D 6 -2.46 -62.03 -2.41
CA UNK D 6 -2.69 -60.74 -3.07
C UNK D 6 -1.78 -59.67 -2.48
N UNK D 7 -1.61 -59.68 -1.15
CA UNK D 7 -0.76 -58.70 -0.49
C UNK D 7 0.69 -58.83 -0.95
N UNK D 8 1.15 -60.07 -1.13
CA UNK D 8 2.49 -60.29 -1.66
C UNK D 8 2.59 -59.85 -3.11
N UNK D 9 1.52 -60.05 -3.88
CA UNK D 9 1.51 -59.60 -5.27
C UNK D 9 1.42 -58.08 -5.38
N UNK D 10 0.85 -57.42 -4.38
CA UNK D 10 0.68 -55.96 -4.43
C UNK D 10 2.01 -55.23 -4.31
N UNK D 11 2.92 -55.74 -3.47
CA UNK D 11 4.19 -55.06 -3.24
C UNK D 11 5.03 -54.97 -4.51
N UNK D 12 4.88 -55.93 -5.42
CA UNK D 12 5.67 -55.91 -6.65
C UNK D 12 5.24 -54.82 -7.61
N UNK D 13 3.96 -54.42 -7.57
CA UNK D 13 3.49 -53.37 -8.47
C UNK D 13 4.11 -52.02 -8.13
N UNK D 14 4.31 -51.76 -6.84
CA UNK D 14 5.00 -50.53 -6.45
C UNK D 14 6.47 -50.58 -6.82
N UNK D 15 7.09 -51.76 -6.68
CA UNK D 15 8.50 -51.91 -7.07
C UNK D 15 8.66 -51.79 -8.58
N UNK D 16 7.71 -52.33 -9.35
CA UNK D 16 7.73 -52.15 -10.79
C UNK D 16 7.34 -50.73 -11.19
N UNK D 17 6.63 -50.01 -10.31
CA UNK D 17 6.25 -48.63 -10.62
C UNK D 17 7.48 -47.72 -10.55
N UNK D 18 8.35 -47.97 -9.58
CA UNK D 18 9.60 -47.22 -9.50
C UNK D 18 10.51 -47.55 -10.67
N UNK D 19 10.44 -48.77 -11.19
CA UNK D 19 11.22 -49.15 -12.35
C UNK D 19 10.74 -48.47 -13.62
N UNK D 20 9.51 -47.96 -13.64
CA UNK D 20 9.03 -47.26 -14.82
C UNK D 20 9.65 -45.86 -14.94
N UNK D 21 9.84 -45.17 -13.82
CA UNK D 21 10.44 -43.84 -13.81
C UNK D 21 11.95 -43.86 -13.56
N UNK D 22 12.39 -44.52 -12.48
CA UNK D 22 13.81 -44.63 -12.19
C UNK D 22 14.43 -45.82 -12.90
N PHE D 48 -0.76 -44.03 -19.69
CA PHE D 48 -1.30 -45.24 -20.29
C PHE D 48 -0.60 -46.47 -19.72
N GLY D 49 0.59 -46.76 -20.24
CA GLY D 49 1.35 -47.89 -19.74
C GLY D 49 1.70 -47.75 -18.27
N PHE D 50 1.80 -46.51 -17.78
CA PHE D 50 2.03 -46.26 -16.37
C PHE D 50 0.83 -45.66 -15.68
N ALA D 51 -0.24 -45.36 -16.41
CA ALA D 51 -1.47 -44.89 -15.79
C ALA D 51 -2.40 -46.04 -15.47
N PHE D 52 -2.11 -47.24 -15.96
CA PHE D 52 -2.93 -48.43 -15.73
C PHE D 52 -2.43 -49.26 -14.54
N ILE D 53 -1.11 -49.35 -14.36
CA ILE D 53 -0.54 -50.08 -13.23
C ILE D 53 -1.03 -49.48 -11.91
N GLN D 54 -1.46 -48.22 -11.94
CA GLN D 54 -1.95 -47.57 -10.73
C GLN D 54 -3.37 -48.02 -10.41
N ALA D 55 -4.23 -48.09 -11.42
CA ALA D 55 -5.58 -48.59 -11.23
C ALA D 55 -5.57 -50.09 -10.93
N ALA D 56 -4.70 -50.84 -11.60
CA ALA D 56 -4.61 -52.27 -11.38
C ALA D 56 -4.09 -52.62 -9.99
N LEU D 57 -3.33 -51.72 -9.36
CA LEU D 57 -2.88 -51.96 -7.99
C LEU D 57 -4.03 -51.96 -7.00
N GLN D 58 -5.08 -51.17 -7.28
CA GLN D 58 -6.22 -51.07 -6.38
C GLN D 58 -7.31 -52.11 -6.66
N LEU D 59 -7.34 -52.67 -7.86
CA LEU D 59 -8.28 -53.74 -8.16
C LEU D 59 -8.07 -54.93 -7.23
N LEU D 60 -6.84 -55.46 -7.18
CA LEU D 60 -6.56 -56.58 -6.30
C LEU D 60 -6.72 -56.21 -4.83
N MET D 61 -6.51 -54.94 -4.49
CA MET D 61 -6.61 -54.51 -3.10
C MET D 61 -8.04 -54.56 -2.59
N PHE D 62 -9.00 -54.11 -3.41
CA PHE D 62 -10.38 -53.95 -2.96
C PHE D 62 -11.28 -55.11 -3.37
N MET D 63 -10.80 -56.02 -4.23
CA MET D 63 -11.60 -57.14 -4.68
C MET D 63 -11.87 -58.17 -3.59
N HIS D 64 -11.28 -58.01 -2.40
CA HIS D 64 -11.42 -58.98 -1.32
C HIS D 64 -12.44 -58.56 -0.26
N MET D 65 -13.41 -57.69 -0.60
CA MET D 65 -14.31 -57.18 0.42
C MET D 65 -15.58 -56.51 -0.11
N THR D 66 -16.06 -56.87 -1.30
CA THR D 66 -17.26 -56.21 -1.82
C THR D 66 -18.46 -57.15 -1.90
N GLU D 67 -18.50 -58.00 -2.92
CA GLU D 67 -19.63 -58.91 -3.09
C GLU D 67 -19.74 -59.86 -1.91
N SER D 68 -20.97 -60.28 -1.61
CA SER D 68 -22.18 -59.90 -2.33
C SER D 68 -23.22 -59.36 -1.34
N GLU D 69 -24.41 -59.97 -1.37
CA GLU D 69 -25.54 -59.54 -0.56
C GLU D 69 -25.83 -58.07 -0.81
N ASN D 70 -25.21 -57.18 -0.03
CA ASN D 70 -25.24 -55.76 -0.35
C ASN D 70 -24.41 -55.41 -1.57
N GLY D 71 -23.73 -56.38 -2.17
CA GLY D 71 -22.93 -56.16 -3.35
C GLY D 71 -23.76 -55.72 -4.54
N THR D 72 -23.20 -55.85 -5.75
CA THR D 72 -23.86 -55.37 -6.95
C THR D 72 -24.10 -53.86 -6.83
N ILE D 73 -24.88 -53.45 -5.83
CA ILE D 73 -25.00 -52.03 -5.51
C ILE D 73 -23.70 -51.50 -4.91
N GLN D 74 -23.08 -52.26 -4.00
CA GLN D 74 -21.84 -51.82 -3.36
C GLN D 74 -20.72 -51.64 -4.37
N VAL D 75 -20.32 -52.73 -5.04
CA VAL D 75 -19.27 -52.65 -6.05
C VAL D 75 -19.71 -51.83 -7.25
N GLY D 76 -21.00 -51.58 -7.40
CA GLY D 76 -21.46 -50.73 -8.48
C GLY D 76 -21.35 -49.25 -8.19
N ASN D 77 -21.50 -48.84 -6.93
CA ASN D 77 -21.41 -47.43 -6.56
C ASN D 77 -20.06 -46.83 -6.91
N THR D 78 -18.98 -47.57 -6.65
CA THR D 78 -17.65 -47.05 -6.88
C THR D 78 -17.24 -47.03 -8.35
N LEU D 79 -17.97 -47.73 -9.22
CA LEU D 79 -17.58 -47.76 -10.63
C LEU D 79 -17.75 -46.41 -11.31
N PHE D 80 -18.93 -45.78 -11.16
CA PHE D 80 -19.13 -44.49 -11.81
C PHE D 80 -18.37 -43.33 -11.16
N GLY D 81 -17.77 -43.54 -9.98
CA GLY D 81 -16.98 -42.48 -9.38
C GLY D 81 -15.66 -42.24 -10.11
N PHE D 82 -15.02 -43.32 -10.55
CA PHE D 82 -13.76 -43.18 -11.29
C PHE D 82 -13.99 -42.60 -12.68
N PHE D 83 -15.18 -42.80 -13.24
CA PHE D 83 -15.53 -42.14 -14.49
C PHE D 83 -15.43 -40.63 -14.34
N GLY D 84 -16.03 -40.08 -13.28
CA GLY D 84 -15.86 -38.66 -13.00
C GLY D 84 -14.40 -38.29 -12.85
N ALA D 85 -13.61 -39.16 -12.19
CA ALA D 85 -12.19 -38.90 -12.08
C ALA D 85 -11.54 -38.79 -13.45
N ILE D 86 -11.92 -39.68 -14.37
CA ILE D 86 -11.43 -39.54 -15.74
C ILE D 86 -12.06 -38.32 -16.40
N VAL D 87 -13.34 -38.08 -16.15
CA VAL D 87 -14.00 -36.92 -16.74
C VAL D 87 -13.46 -35.63 -16.13
N ILE D 88 -13.23 -35.62 -14.82
CA ILE D 88 -12.74 -34.41 -14.17
C ILE D 88 -11.27 -34.18 -14.52
N VAL D 89 -10.44 -35.22 -14.39
CA VAL D 89 -9.02 -35.06 -14.69
C VAL D 89 -8.80 -34.92 -16.19
N LEU D 90 -9.10 -35.98 -16.96
CA LEU D 90 -8.92 -35.91 -18.41
C LEU D 90 -9.77 -34.81 -19.04
N GLY D 91 -10.79 -34.31 -18.34
CA GLY D 91 -11.58 -33.21 -18.84
C GLY D 91 -10.97 -31.87 -18.52
N SER D 92 -10.37 -31.74 -17.32
CA SER D 92 -9.68 -30.50 -16.99
C SER D 92 -8.42 -30.36 -17.83
N ILE D 93 -7.66 -31.44 -17.97
CA ILE D 93 -6.48 -31.44 -18.82
C ILE D 93 -6.87 -31.22 -20.27
N TRP D 94 -8.09 -31.61 -20.65
CA TRP D 94 -8.59 -31.45 -22.00
C TRP D 94 -8.76 -29.98 -22.40
N ILE D 95 -8.44 -29.05 -21.51
CA ILE D 95 -8.51 -27.63 -21.84
C ILE D 95 -7.16 -26.97 -21.59
N GLY E 20 23.43 60.23 -4.15
CA GLY E 20 23.93 59.00 -3.57
C GLY E 20 22.84 58.10 -3.02
N ARG E 21 22.72 56.90 -3.58
CA ARG E 21 21.72 55.92 -3.16
C ARG E 21 22.40 54.59 -2.88
N LEU E 22 22.23 54.07 -1.66
CA LEU E 22 22.81 52.79 -1.31
C LEU E 22 22.05 51.63 -1.93
N ASN E 23 20.86 51.87 -2.47
CA ASN E 23 20.14 50.83 -3.21
C ASN E 23 20.95 50.40 -4.42
N ILE E 24 21.74 51.31 -4.99
CA ILE E 24 22.65 50.97 -6.08
C ILE E 24 23.70 49.98 -5.59
N LEU E 25 24.16 50.15 -4.35
CA LEU E 25 25.15 49.24 -3.76
C LEU E 25 24.51 48.12 -2.95
N GLY E 26 23.40 48.41 -2.26
CA GLY E 26 22.78 47.39 -1.44
C GLY E 26 22.15 46.29 -2.26
N PHE E 27 21.32 46.66 -3.24
CA PHE E 27 20.75 45.70 -4.16
C PHE E 27 21.76 45.27 -5.23
N TRP E 28 23.03 45.63 -5.04
CA TRP E 28 24.14 45.14 -5.82
C TRP E 28 24.86 43.99 -5.12
N ILE E 29 25.18 44.14 -3.84
CA ILE E 29 25.70 43.01 -3.09
C ILE E 29 24.64 41.92 -2.99
N PHE E 30 23.37 42.29 -3.17
CA PHE E 30 22.34 41.28 -3.38
C PHE E 30 22.50 40.58 -4.72
N LEU E 31 23.03 41.28 -5.73
CA LEU E 31 23.31 40.62 -7.00
C LEU E 31 24.49 39.66 -6.88
N GLY E 32 25.39 39.91 -5.93
CA GLY E 32 26.45 38.96 -5.65
C GLY E 32 25.97 37.74 -4.91
N ALA E 33 24.91 37.88 -4.11
CA ALA E 33 24.36 36.74 -3.38
C ALA E 33 23.74 35.72 -4.33
N GLU E 34 23.13 36.18 -5.42
CA GLU E 34 22.51 35.27 -6.38
C GLU E 34 23.55 34.44 -7.13
N ILE E 35 24.81 34.86 -7.12
CA ILE E 35 25.86 34.05 -7.72
C ILE E 35 26.02 32.74 -6.95
N VAL E 36 25.87 32.79 -5.63
CA VAL E 36 25.92 31.57 -4.83
C VAL E 36 24.62 30.79 -4.94
N LEU E 37 23.50 31.48 -5.16
CA LEU E 37 22.22 30.82 -5.34
C LEU E 37 22.24 29.87 -6.53
N PHE E 38 22.61 30.38 -7.70
CA PHE E 38 22.62 29.56 -8.90
C PHE E 38 23.78 28.58 -8.89
N SER E 39 24.87 28.90 -8.17
CA SER E 39 25.99 27.97 -8.08
C SER E 39 25.59 26.70 -7.35
N THR E 40 24.76 26.81 -6.32
CA THR E 40 24.22 25.63 -5.65
C THR E 40 23.42 24.77 -6.62
N LEU E 41 22.61 25.42 -7.45
CA LEU E 41 21.80 24.69 -8.44
C LEU E 41 22.67 24.04 -9.50
N PHE E 42 23.79 24.67 -9.87
CA PHE E 42 24.69 24.06 -10.86
C PHE E 42 25.34 22.81 -10.31
N ALA E 43 25.64 22.79 -9.00
CA ALA E 43 26.23 21.62 -8.39
C ALA E 43 25.27 20.44 -8.39
N THR E 44 23.99 20.69 -8.09
CA THR E 44 22.98 19.63 -8.17
C THR E 44 22.95 19.03 -9.56
N PHE E 45 22.88 19.88 -10.59
CA PHE E 45 22.78 19.40 -11.96
C PHE E 45 24.04 18.64 -12.37
N PHE E 46 25.21 19.15 -12.01
CA PHE E 46 26.46 18.52 -12.44
C PHE E 46 26.72 17.20 -11.72
N VAL E 47 26.15 17.01 -10.53
CA VAL E 47 26.23 15.70 -9.90
C VAL E 47 25.12 14.81 -10.42
N LEU E 48 23.95 15.38 -10.71
CA LEU E 48 22.85 14.65 -11.31
C LEU E 48 22.92 14.63 -12.83
N LYS E 49 24.09 14.92 -13.41
CA LYS E 49 24.22 14.98 -14.86
C LYS E 49 24.30 13.57 -15.45
N ASN E 50 25.06 12.69 -14.81
CA ASN E 50 25.33 11.35 -15.31
C ASN E 50 24.32 10.32 -14.81
N ARG E 51 23.11 10.75 -14.47
CA ARG E 51 22.08 9.86 -13.93
C ARG E 51 21.15 9.37 -15.02
N THR E 52 19.84 9.34 -14.74
CA THR E 52 18.82 8.78 -15.63
C THR E 52 19.15 7.34 -16.05
N ALA E 53 19.51 6.51 -15.06
CA ALA E 53 19.73 5.09 -15.33
C ALA E 53 18.44 4.41 -15.77
N GLY E 54 17.29 4.90 -15.32
CA GLY E 54 16.01 4.40 -15.76
C GLY E 54 15.02 5.50 -16.12
N GLY E 55 14.97 5.84 -17.41
CA GLY E 55 14.09 6.90 -17.86
C GLY E 55 14.30 7.31 -19.31
N VAL E 56 14.23 8.62 -19.57
CA VAL E 56 14.33 9.18 -20.91
C VAL E 56 15.66 9.89 -21.05
N LEU E 57 16.34 9.67 -22.21
CA LEU E 57 17.61 10.31 -22.54
C LEU E 57 17.39 11.74 -23.03
N PRO E 58 18.26 12.68 -22.67
CA PRO E 58 18.05 14.10 -23.01
C PRO E 58 18.34 14.37 -24.48
N ASP E 59 17.32 14.87 -25.18
CA ASP E 59 17.45 15.32 -26.58
C ASP E 59 16.59 16.58 -26.74
N GLU E 60 17.24 17.74 -26.74
CA GLU E 60 16.53 19.01 -26.79
C GLU E 60 16.74 19.71 -28.14
N LEU E 61 15.83 20.64 -28.44
CA LEU E 61 15.86 21.32 -29.72
C LEU E 61 17.09 22.23 -29.80
N PHE E 62 17.81 22.14 -30.91
CA PHE E 62 19.06 22.86 -31.05
C PHE E 62 18.84 24.31 -31.50
N GLU E 63 18.00 24.50 -32.53
CA GLU E 63 17.74 25.85 -33.01
C GLU E 63 17.05 26.71 -31.96
N VAL E 64 16.18 26.10 -31.15
CA VAL E 64 15.51 26.85 -30.09
C VAL E 64 16.51 27.35 -29.06
N ASN E 65 17.59 26.60 -28.82
CA ASN E 65 18.59 27.05 -27.87
C ASN E 65 19.25 28.36 -28.33
N LEU E 66 19.73 28.37 -29.57
CA LEU E 66 20.29 29.61 -30.11
C LEU E 66 19.22 30.68 -30.26
N VAL E 67 18.00 30.28 -30.65
CA VAL E 67 16.91 31.25 -30.77
C VAL E 67 16.59 31.86 -29.40
N MET E 68 16.65 31.05 -28.34
CA MET E 68 16.44 31.58 -27.00
C MET E 68 17.60 32.47 -26.57
N ILE E 69 18.83 32.04 -26.83
CA ILE E 69 19.99 32.81 -26.40
C ILE E 69 20.13 34.07 -27.25
N MET E 70 19.91 33.94 -28.57
CA MET E 70 19.97 35.11 -29.43
C MET E 70 18.84 36.08 -29.12
N THR E 71 17.70 35.56 -28.63
CA THR E 71 16.65 36.45 -28.16
C THR E 71 17.10 37.24 -26.94
N PHE E 72 17.86 36.60 -26.06
CA PHE E 72 18.32 37.26 -24.84
C PHE E 72 19.62 38.04 -25.03
N LEU E 73 20.52 37.56 -25.89
CA LEU E 73 21.73 38.33 -26.16
C LEU E 73 21.38 39.63 -26.86
N LEU E 74 20.27 39.63 -27.61
CA LEU E 74 19.68 40.87 -28.14
C LEU E 74 18.82 41.57 -27.11
N LEU E 75 18.45 40.88 -26.04
CA LEU E 75 17.70 41.52 -24.96
C LEU E 75 18.59 42.48 -24.16
N ILE E 76 19.83 42.06 -23.86
CA ILE E 76 20.73 42.98 -23.17
C ILE E 76 21.29 44.01 -24.14
N SER E 77 21.39 43.66 -25.42
CA SER E 77 21.88 44.61 -26.41
C SER E 77 20.93 45.80 -26.53
N SER E 78 19.65 45.59 -26.22
CA SER E 78 18.69 46.69 -26.13
C SER E 78 18.61 47.26 -24.72
N PHE E 79 19.58 46.94 -23.88
CA PHE E 79 19.61 47.47 -22.51
C PHE E 79 21.01 47.81 -22.00
N THR E 80 22.08 47.17 -22.48
CA THR E 80 23.42 47.65 -22.15
C THR E 80 23.60 49.08 -22.63
N CYS E 81 22.97 49.43 -23.76
CA CYS E 81 22.86 50.80 -24.20
C CYS E 81 21.52 51.43 -23.85
N GLY E 82 20.60 50.63 -23.29
CA GLY E 82 19.30 51.13 -22.90
C GLY E 82 19.26 51.81 -21.58
N ILE E 83 20.41 51.89 -20.88
CA ILE E 83 20.50 52.61 -19.62
C ILE E 83 21.86 53.29 -19.49
N ALA E 84 22.85 52.80 -20.25
CA ALA E 84 24.16 53.44 -20.22
C ALA E 84 24.17 54.70 -21.08
N VAL E 85 23.76 54.57 -22.34
CA VAL E 85 23.66 55.69 -23.26
C VAL E 85 22.25 56.25 -23.21
N HIS E 86 21.50 55.90 -22.17
CA HIS E 86 20.13 56.40 -22.02
C HIS E 86 20.08 57.50 -20.97
N GLU E 87 20.20 57.14 -19.69
CA GLU E 87 20.12 58.13 -18.63
C GLU E 87 21.48 58.72 -18.25
N MET E 88 22.55 57.92 -18.23
CA MET E 88 23.85 58.44 -17.80
C MET E 88 24.43 59.37 -18.86
N ARG E 89 24.46 58.93 -20.11
CA ARG E 89 24.89 59.77 -21.22
C ARG E 89 23.68 60.57 -21.69
N ARG E 90 23.78 61.90 -21.64
CA ARG E 90 22.70 62.82 -22.00
C ARG E 90 21.48 62.51 -21.11
N GLY E 91 20.26 62.76 -21.60
CA GLY E 91 19.06 62.50 -20.82
C GLY E 91 17.78 62.32 -21.61
N SER E 92 17.52 61.10 -22.07
CA SER E 92 16.32 60.79 -22.87
C SER E 92 15.23 60.23 -21.97
N LEU E 93 14.58 61.13 -21.22
CA LEU E 93 13.51 60.71 -20.33
C LEU E 93 12.26 60.26 -21.09
N LYS E 94 11.98 60.87 -22.23
CA LYS E 94 10.81 60.48 -23.02
C LYS E 94 11.03 59.13 -23.70
N GLY E 95 12.29 58.79 -24.00
CA GLY E 95 12.60 57.52 -24.63
C GLY E 95 12.59 56.33 -23.72
N VAL E 96 12.41 56.54 -22.42
CA VAL E 96 12.32 55.41 -21.49
C VAL E 96 11.03 54.64 -21.71
N VAL E 97 9.98 55.34 -22.16
CA VAL E 97 8.75 54.65 -22.55
C VAL E 97 8.89 54.06 -23.95
N ILE E 98 10.08 54.15 -24.53
CA ILE E 98 10.37 53.64 -25.87
C ILE E 98 11.42 52.54 -25.82
N TRP E 99 12.57 52.81 -25.19
CA TRP E 99 13.63 51.80 -25.13
C TRP E 99 13.40 50.78 -24.03
N THR E 100 12.85 51.20 -22.89
CA THR E 100 12.60 50.26 -21.81
C THR E 100 11.33 49.45 -22.05
N ILE E 101 10.48 49.91 -22.96
CA ILE E 101 9.28 49.17 -23.35
C ILE E 101 9.60 48.17 -24.45
N ILE E 102 10.40 48.57 -25.45
CA ILE E 102 10.78 47.64 -26.52
C ILE E 102 11.63 46.50 -25.97
N THR E 103 12.59 46.81 -25.11
CA THR E 103 13.40 45.75 -24.50
C THR E 103 12.58 44.91 -23.53
N LEU E 104 11.40 45.38 -23.15
CA LEU E 104 10.55 44.60 -22.27
C LEU E 104 9.88 43.46 -23.02
N LEU E 105 9.61 43.64 -24.31
CA LEU E 105 9.04 42.56 -25.11
C LEU E 105 10.05 41.45 -25.37
N LEU E 106 11.34 41.78 -25.44
CA LEU E 106 12.36 40.74 -25.65
C LEU E 106 12.45 39.82 -24.46
N GLY E 107 12.10 40.30 -23.27
CA GLY E 107 12.00 39.41 -22.12
C GLY E 107 10.87 38.42 -22.27
N ALA E 108 9.77 38.84 -22.90
CA ALA E 108 8.66 37.94 -23.18
C ALA E 108 9.01 36.94 -24.26
N GLY E 109 9.98 37.26 -25.13
CA GLY E 109 10.41 36.30 -26.12
C GLY E 109 11.02 35.07 -25.48
N PHE E 110 11.82 35.27 -24.43
CA PHE E 110 12.33 34.13 -23.67
C PHE E 110 11.21 33.49 -22.87
N VAL E 111 10.29 34.29 -22.33
CA VAL E 111 9.15 33.76 -21.60
C VAL E 111 8.26 32.96 -22.54
N GLY E 112 7.91 33.54 -23.68
CA GLY E 112 7.04 32.85 -24.62
C GLY E 112 7.67 31.61 -25.20
N CYS E 113 8.98 31.65 -25.48
CA CYS E 113 9.64 30.48 -26.05
C CYS E 113 9.92 29.42 -25.00
N GLU E 114 10.23 29.82 -23.75
CA GLU E 114 10.50 28.83 -22.71
C GLU E 114 9.22 28.17 -22.20
N ILE E 115 8.10 28.86 -22.25
CA ILE E 115 6.83 28.24 -21.90
C ILE E 115 6.42 27.25 -22.98
N ASN E 116 6.50 27.66 -24.24
CA ASN E 116 6.26 26.74 -25.35
C ASN E 116 7.27 25.60 -25.37
N GLU E 117 8.44 25.80 -24.76
CA GLU E 117 9.40 24.71 -24.62
C GLU E 117 8.97 23.74 -23.52
N PHE E 118 8.38 24.26 -22.44
CA PHE E 118 7.94 23.40 -21.35
C PHE E 118 6.65 22.64 -21.70
N VAL E 119 5.70 23.30 -22.36
CA VAL E 119 4.47 22.61 -22.74
C VAL E 119 4.75 21.53 -23.77
N HIS E 120 5.68 21.80 -24.69
CA HIS E 120 6.10 20.76 -25.62
C HIS E 120 6.86 19.65 -24.90
N TYR E 121 7.45 19.94 -23.74
CA TYR E 121 8.09 18.91 -22.93
C TYR E 121 7.11 18.10 -22.09
N VAL E 122 5.84 18.50 -22.02
CA VAL E 122 4.82 17.63 -21.42
C VAL E 122 4.71 16.33 -22.20
N HIS E 123 4.93 16.37 -23.51
CA HIS E 123 4.99 15.17 -24.32
C HIS E 123 6.29 14.40 -24.04
N GLU E 124 6.20 13.44 -23.11
CA GLU E 124 7.33 12.65 -22.63
C GLU E 124 8.27 13.53 -21.81
N GLY E 125 8.20 13.39 -20.48
CA GLY E 125 9.02 14.20 -19.59
C GLY E 125 8.31 15.37 -18.94
N ALA E 126 7.08 15.16 -18.46
CA ALA E 126 6.30 16.24 -17.88
C ALA E 126 6.66 16.50 -16.42
N ALA E 127 6.72 17.78 -16.06
CA ALA E 127 6.92 18.30 -14.70
C ALA E 127 8.23 17.73 -14.11
N LEU E 128 8.30 17.65 -12.79
CA LEU E 128 9.52 17.28 -12.07
C LEU E 128 9.45 15.92 -11.40
N SER E 129 8.43 15.12 -11.70
CA SER E 129 8.22 13.84 -11.04
C SER E 129 8.82 12.67 -11.80
N THR E 130 9.25 12.88 -13.04
CA THR E 130 9.72 11.77 -13.86
C THR E 130 11.09 11.27 -13.43
N SER E 131 12.08 12.16 -13.36
CA SER E 131 13.46 11.73 -13.06
C SER E 131 14.19 12.78 -12.23
N ALA E 132 15.35 12.37 -11.70
CA ALA E 132 16.17 13.28 -10.90
C ALA E 132 16.89 14.31 -11.76
N PHE E 133 17.28 13.95 -12.99
CA PHE E 133 17.95 14.92 -13.86
C PHE E 133 16.98 16.03 -14.26
N TRP E 134 15.76 15.66 -14.66
CA TRP E 134 14.74 16.66 -15.00
C TRP E 134 14.27 17.44 -13.80
N SER E 135 14.57 16.99 -12.59
CA SER E 135 14.34 17.83 -11.42
C SER E 135 15.28 19.03 -11.45
N GLY E 136 16.56 18.78 -11.73
CA GLY E 136 17.51 19.89 -11.85
C GLY E 136 17.20 20.81 -13.02
N PHE E 137 16.90 20.24 -14.19
CA PHE E 137 16.69 21.06 -15.38
C PHE E 137 15.48 21.97 -15.23
N PHE E 138 14.40 21.47 -14.64
CA PHE E 138 13.21 22.28 -14.42
C PHE E 138 13.35 23.24 -13.25
N VAL E 139 14.50 23.25 -12.56
CA VAL E 139 14.75 24.16 -11.46
C VAL E 139 15.94 25.07 -11.73
N LEU E 140 17.00 24.53 -12.35
CA LEU E 140 18.10 25.36 -12.81
C LEU E 140 17.63 26.41 -13.82
N LEU E 141 16.60 26.08 -14.61
CA LEU E 141 15.95 27.03 -15.50
C LEU E 141 14.66 27.60 -14.91
N GLY E 142 14.29 27.21 -13.70
CA GLY E 142 13.04 27.66 -13.10
C GLY E 142 13.10 29.04 -12.49
N THR E 143 13.75 29.18 -11.34
CA THR E 143 13.94 30.50 -10.75
C THR E 143 14.71 31.42 -11.69
N HIS E 144 15.54 30.84 -12.55
CA HIS E 144 16.07 31.52 -13.73
C HIS E 144 14.94 32.20 -14.50
N GLY E 145 13.90 31.44 -14.86
CA GLY E 145 12.77 32.02 -15.56
C GLY E 145 11.89 32.92 -14.72
N THR E 146 11.83 32.68 -13.40
CA THR E 146 11.01 33.54 -12.55
C THR E 146 11.66 34.90 -12.36
N HIS E 147 12.98 34.94 -12.27
CA HIS E 147 13.69 36.21 -12.10
C HIS E 147 13.49 37.11 -13.30
N VAL E 148 13.45 36.55 -14.51
CA VAL E 148 13.21 37.35 -15.70
C VAL E 148 11.72 37.69 -15.85
N THR E 149 10.83 36.92 -15.22
CA THR E 149 9.41 37.21 -15.32
C THR E 149 8.97 38.27 -14.32
N ILE E 150 9.47 38.20 -13.08
CA ILE E 150 9.15 39.23 -12.09
C ILE E 150 9.85 40.53 -12.45
N GLY E 151 10.95 40.46 -13.19
CA GLY E 151 11.63 41.67 -13.65
C GLY E 151 10.76 42.47 -14.60
N ILE E 152 9.99 41.79 -15.45
CA ILE E 152 9.06 42.49 -16.34
C ILE E 152 8.06 43.32 -15.53
N PHE E 153 7.50 42.72 -14.48
CA PHE E 153 6.64 43.47 -13.57
C PHE E 153 7.43 44.46 -12.73
N TRP E 154 8.74 44.29 -12.64
CA TRP E 154 9.58 45.27 -11.96
C TRP E 154 9.94 46.41 -12.91
N ILE E 155 10.16 46.10 -14.18
CA ILE E 155 10.44 47.13 -15.18
C ILE E 155 9.17 47.92 -15.51
N THR E 156 8.03 47.24 -15.62
CA THR E 156 6.79 47.98 -15.79
C THR E 156 6.23 48.49 -14.48
N GLY E 157 6.62 47.90 -13.35
CA GLY E 157 6.23 48.46 -12.07
C GLY E 157 6.83 49.83 -11.83
N ILE E 158 8.01 50.08 -12.38
CA ILE E 158 8.58 51.42 -12.34
C ILE E 158 8.09 52.28 -13.49
N LEU E 159 7.59 51.67 -14.58
CA LEU E 159 7.04 52.42 -15.70
C LEU E 159 5.77 53.18 -15.37
N ILE E 160 5.29 53.10 -14.12
CA ILE E 160 4.12 53.86 -13.73
C ILE E 160 4.59 55.19 -13.14
N GLN E 161 5.84 55.55 -13.43
CA GLN E 161 6.43 56.81 -12.98
C GLN E 161 6.56 57.84 -14.09
N LEU E 162 6.64 57.41 -15.35
CA LEU E 162 6.75 58.34 -16.47
C LEU E 162 5.36 58.81 -16.89
N LYS E 163 4.58 59.28 -15.92
CA LYS E 163 3.28 59.86 -16.18
C LYS E 163 3.20 61.20 -15.46
N LYS E 164 2.72 61.19 -14.23
CA LYS E 164 2.66 62.37 -13.40
C LYS E 164 3.93 62.62 -12.60
N ARG E 165 4.96 61.78 -12.76
CA ARG E 165 6.23 61.97 -12.07
C ARG E 165 7.37 62.21 -13.05
N GLY E 166 8.00 61.14 -13.52
CA GLY E 166 9.10 61.26 -14.47
C GLY E 166 10.37 61.91 -13.95
N LEU E 167 11.03 61.27 -12.99
CA LEU E 167 12.23 61.81 -12.38
C LEU E 167 13.43 61.69 -13.34
N THR E 168 14.51 62.44 -13.00
CA THR E 168 15.75 62.57 -13.74
C THR E 168 16.77 61.51 -13.35
N PRO E 169 17.79 61.31 -14.17
CA PRO E 169 18.87 60.35 -13.85
C PRO E 169 19.65 60.75 -12.60
N GLN E 170 20.41 59.77 -12.09
CA GLN E 170 21.17 59.89 -10.83
C GLN E 170 20.26 60.22 -9.66
N THR E 171 18.96 60.01 -9.82
CA THR E 171 17.96 60.29 -8.79
C THR E 171 16.86 59.24 -8.84
N SER E 172 16.33 58.97 -10.03
CA SER E 172 15.36 57.90 -10.22
C SER E 172 16.16 56.61 -10.39
N SER E 173 16.66 56.11 -9.27
CA SER E 173 17.51 54.92 -9.29
C SER E 173 16.73 53.66 -9.64
N LYS E 174 15.40 53.72 -9.66
CA LYS E 174 14.59 52.54 -9.98
C LYS E 174 14.98 51.98 -11.34
N ILE E 175 15.30 52.85 -12.30
CA ILE E 175 15.67 52.38 -13.62
C ILE E 175 17.01 51.65 -13.58
N PHE E 176 18.01 52.25 -12.90
CA PHE E 176 19.35 51.65 -12.91
C PHE E 176 19.41 50.39 -12.06
N ILE E 177 18.89 50.43 -10.83
CA ILE E 177 19.02 49.27 -9.95
C ILE E 177 18.29 48.06 -10.52
N SER E 178 17.21 48.30 -11.28
CA SER E 178 16.56 47.23 -12.02
C SER E 178 17.21 46.97 -13.36
N SER E 179 17.95 47.95 -13.90
CA SER E 179 18.69 47.72 -15.13
C SER E 179 19.84 46.75 -14.90
N LEU E 180 20.55 46.92 -13.80
CA LEU E 180 21.71 46.07 -13.51
C LEU E 180 21.30 44.69 -13.02
N TYR E 181 20.16 44.58 -12.34
CA TYR E 181 19.60 43.27 -12.03
C TYR E 181 19.17 42.54 -13.29
N TRP E 182 18.47 43.24 -14.19
CA TRP E 182 18.06 42.64 -15.46
C TRP E 182 19.26 42.24 -16.30
N HIS E 183 20.36 43.01 -16.20
CA HIS E 183 21.58 42.63 -16.89
C HIS E 183 22.22 41.43 -16.24
N PHE E 184 22.14 41.33 -14.91
CA PHE E 184 22.74 40.22 -14.20
C PHE E 184 22.16 38.89 -14.65
N LEU E 185 20.96 38.89 -15.22
CA LEU E 185 20.36 37.65 -15.69
C LEU E 185 21.19 37.04 -16.81
N ASP E 186 21.42 37.79 -17.90
CA ASP E 186 22.13 37.24 -19.05
C ASP E 186 23.50 36.67 -18.68
N VAL E 187 24.02 37.01 -17.50
CA VAL E 187 25.27 36.41 -17.03
C VAL E 187 25.13 34.90 -16.98
N VAL E 188 24.18 34.42 -16.17
CA VAL E 188 23.96 32.98 -16.04
C VAL E 188 23.24 32.40 -17.26
N TRP E 189 22.49 33.21 -18.00
CA TRP E 189 21.87 32.73 -19.24
C TRP E 189 22.88 32.06 -20.16
N ILE E 190 24.05 32.66 -20.30
CA ILE E 190 25.11 32.06 -21.10
C ILE E 190 25.73 30.88 -20.37
N PHE E 191 25.85 30.99 -19.03
CA PHE E 191 26.39 29.89 -18.24
C PHE E 191 25.48 28.66 -18.24
N ILE E 192 24.19 28.83 -18.50
CA ILE E 192 23.32 27.68 -18.68
C ILE E 192 23.55 27.02 -20.03
N PHE E 193 23.83 27.83 -21.06
CA PHE E 193 24.10 27.30 -22.39
C PHE E 193 25.22 26.26 -22.37
N THR E 194 26.31 26.55 -21.64
CA THR E 194 27.42 25.60 -21.54
C THR E 194 27.13 24.48 -20.54
N GLY E 195 26.37 24.77 -19.49
CA GLY E 195 26.12 23.78 -18.45
C GLY E 195 25.25 22.63 -18.91
N VAL E 196 24.03 22.94 -19.33
CA VAL E 196 23.10 21.89 -19.71
C VAL E 196 23.36 21.41 -21.14
N TYR E 197 23.81 22.30 -22.02
CA TYR E 197 24.06 21.89 -23.40
C TYR E 197 25.56 21.68 -23.64
N UNK F 1 25.99 53.67 -27.65
CA UNK F 1 27.13 53.83 -28.56
C UNK F 1 28.32 53.00 -28.08
N UNK F 2 28.71 53.19 -26.82
CA UNK F 2 29.84 52.45 -26.28
C UNK F 2 29.47 51.02 -25.92
N UNK F 3 28.20 50.76 -25.65
CA UNK F 3 27.74 49.43 -25.26
C UNK F 3 27.59 48.49 -26.44
N UNK F 4 27.58 49.02 -27.67
CA UNK F 4 27.42 48.17 -28.85
C UNK F 4 28.65 47.31 -29.12
N UNK F 5 29.83 47.74 -28.66
CA UNK F 5 31.04 46.95 -28.88
C UNK F 5 30.98 45.63 -28.12
N UNK F 6 30.43 45.65 -26.90
CA UNK F 6 30.32 44.42 -26.13
C UNK F 6 29.27 43.48 -26.70
N UNK F 7 28.14 44.03 -27.16
CA UNK F 7 27.08 43.19 -27.70
C UNK F 7 27.53 42.43 -28.95
N UNK F 8 28.30 43.10 -29.82
CA UNK F 8 28.80 42.43 -31.01
C UNK F 8 29.87 41.40 -30.66
N UNK F 9 30.72 41.70 -29.68
CA UNK F 9 31.72 40.73 -29.26
C UNK F 9 31.08 39.59 -28.48
N UNK F 10 29.96 39.86 -27.80
CA UNK F 10 29.28 38.80 -27.06
C UNK F 10 28.59 37.83 -28.01
N UNK F 11 27.99 38.35 -29.08
CA UNK F 11 27.31 37.49 -30.05
C UNK F 11 28.30 36.59 -30.77
N UNK F 12 29.53 37.06 -30.97
CA UNK F 12 30.53 36.21 -31.63
C UNK F 12 31.00 35.10 -30.71
N UNK F 13 31.01 35.36 -29.40
CA UNK F 13 31.39 34.31 -28.45
C UNK F 13 30.32 33.24 -28.35
N UNK F 14 29.04 33.65 -28.41
CA UNK F 14 27.96 32.67 -28.37
C UNK F 14 27.87 31.86 -29.67
N UNK F 15 28.08 32.51 -30.81
CA UNK F 15 28.02 31.81 -32.08
C UNK F 15 29.18 30.84 -32.24
N UNK F 16 30.36 31.20 -31.73
CA UNK F 16 31.49 30.30 -31.73
C UNK F 16 31.33 29.17 -30.71
N UNK F 17 30.46 29.36 -29.73
CA UNK F 17 30.25 28.34 -28.70
C UNK F 17 29.51 27.13 -29.26
N UNK F 18 28.51 27.35 -30.12
CA UNK F 18 27.83 26.22 -30.74
C UNK F 18 28.74 25.49 -31.73
N UNK F 19 29.66 26.21 -32.37
CA UNK F 19 30.62 25.59 -33.27
C UNK F 19 31.67 24.76 -32.53
N UNK F 20 31.82 24.98 -31.22
CA UNK F 20 32.77 24.20 -30.44
C UNK F 20 32.26 22.79 -30.21
N UNK F 21 30.94 22.64 -30.02
CA UNK F 21 30.33 21.33 -29.83
C UNK F 21 29.85 20.74 -31.16
N UNK F 22 29.08 21.52 -31.91
CA UNK F 22 28.62 21.09 -33.23
C UNK F 22 29.67 21.41 -34.29
N PHE F 48 37.26 23.40 -20.00
CA PHE F 48 38.36 24.33 -20.25
C PHE F 48 38.09 25.24 -21.45
N GLY F 49 38.27 24.69 -22.65
CA GLY F 49 38.06 25.45 -23.87
C GLY F 49 36.63 25.95 -24.04
N PHE F 50 35.67 25.29 -23.41
CA PHE F 50 34.28 25.70 -23.46
C PHE F 50 33.79 26.30 -22.14
N ALA F 51 34.62 26.31 -21.10
CA ALA F 51 34.25 26.92 -19.84
C ALA F 51 34.71 28.37 -19.69
N PHE F 52 35.60 28.85 -20.56
CA PHE F 52 36.10 30.22 -20.46
C PHE F 52 35.36 31.21 -21.36
N ILE F 53 34.96 30.80 -22.56
CA ILE F 53 34.22 31.69 -23.44
C ILE F 53 32.92 32.17 -22.79
N GLN F 54 32.42 31.42 -21.81
CA GLN F 54 31.19 31.80 -21.12
C GLN F 54 31.44 32.91 -20.09
N ALA F 55 32.51 32.76 -19.32
CA ALA F 55 32.83 33.80 -18.33
C ALA F 55 33.30 35.08 -19.00
N ALA F 56 34.11 34.96 -20.05
CA ALA F 56 34.56 36.14 -20.78
C ALA F 56 33.40 36.82 -21.51
N LEU F 57 32.37 36.06 -21.87
CA LEU F 57 31.19 36.66 -22.46
C LEU F 57 30.45 37.51 -21.44
N GLN F 58 30.46 37.10 -20.17
CA GLN F 58 29.80 37.83 -19.11
C GLN F 58 30.73 38.82 -18.42
N LEU F 59 32.04 38.59 -18.46
CA LEU F 59 32.97 39.60 -17.98
C LEU F 59 32.78 40.90 -18.75
N LEU F 60 32.90 40.83 -20.08
CA LEU F 60 32.66 42.01 -20.91
C LEU F 60 31.21 42.47 -20.81
N MET F 61 30.28 41.55 -20.55
CA MET F 61 28.88 41.92 -20.47
C MET F 61 28.60 42.81 -19.26
N PHE F 62 29.20 42.47 -18.12
CA PHE F 62 28.95 43.18 -16.88
C PHE F 62 30.01 44.23 -16.55
N MET F 63 31.14 44.24 -17.27
CA MET F 63 32.19 45.20 -16.97
C MET F 63 31.83 46.63 -17.36
N HIS F 64 30.68 46.82 -18.01
CA HIS F 64 30.26 48.12 -18.50
C HIS F 64 29.24 48.79 -17.59
N MET F 65 29.20 48.42 -16.30
CA MET F 65 28.16 48.97 -15.42
C MET F 65 28.48 48.82 -13.94
N THR F 66 29.75 48.67 -13.55
CA THR F 66 30.13 48.48 -12.15
C THR F 66 30.86 49.70 -11.62
N GLU F 67 32.13 49.88 -12.02
CA GLU F 67 32.92 51.00 -11.55
C GLU F 67 32.29 52.33 -11.94
N SER F 68 32.57 53.37 -11.15
CA SER F 68 33.44 53.31 -9.97
C SER F 68 32.80 53.91 -8.73
N GLU F 69 33.48 54.86 -8.11
CA GLU F 69 33.07 55.47 -6.85
C GLU F 69 32.76 54.39 -5.83
N ASN F 70 31.56 53.81 -5.90
CA ASN F 70 31.21 52.62 -5.15
C ASN F 70 31.90 51.36 -5.66
N GLY F 71 32.74 51.48 -6.69
CA GLY F 71 33.44 50.35 -7.26
C GLY F 71 34.40 49.69 -6.30
N THR F 72 35.32 48.87 -6.83
CA THR F 72 36.22 48.07 -6.01
C THR F 72 35.43 47.14 -5.08
N ILE F 73 34.62 47.73 -4.20
CA ILE F 73 33.70 46.93 -3.39
C ILE F 73 32.64 46.28 -4.26
N GLN F 74 32.09 47.03 -5.22
CA GLN F 74 31.05 46.49 -6.09
C GLN F 74 31.56 45.30 -6.89
N VAL F 75 32.55 45.53 -7.76
CA VAL F 75 33.10 44.43 -8.53
C VAL F 75 33.83 43.43 -7.63
N GLY F 76 34.16 43.83 -6.40
CA GLY F 76 34.77 42.90 -5.46
C GLY F 76 33.75 42.04 -4.74
N ASN F 77 32.55 42.58 -4.48
CA ASN F 77 31.51 41.79 -3.85
C ASN F 77 31.15 40.59 -4.71
N THR F 78 31.02 40.80 -6.03
CA THR F 78 30.68 39.73 -6.94
C THR F 78 31.88 38.82 -7.22
N LEU F 79 33.08 39.29 -6.91
CA LEU F 79 34.28 38.48 -7.12
C LEU F 79 34.31 37.31 -6.14
N PHE F 80 34.07 37.59 -4.86
CA PHE F 80 34.07 36.54 -3.84
C PHE F 80 32.83 35.65 -3.95
N GLY F 81 31.83 36.06 -4.73
CA GLY F 81 30.69 35.21 -5.02
C GLY F 81 31.03 34.12 -6.01
N PHE F 82 31.84 34.45 -7.01
CA PHE F 82 32.26 33.45 -7.99
C PHE F 82 33.24 32.44 -7.40
N PHE F 83 34.01 32.84 -6.38
CA PHE F 83 34.85 31.86 -5.68
C PHE F 83 33.99 30.74 -5.10
N GLY F 84 32.94 31.10 -4.36
CA GLY F 84 32.01 30.09 -3.89
C GLY F 84 31.38 29.31 -5.03
N ALA F 85 31.07 30.00 -6.13
CA ALA F 85 30.53 29.32 -7.30
C ALA F 85 31.50 28.26 -7.81
N ILE F 86 32.80 28.57 -7.84
CA ILE F 86 33.78 27.56 -8.23
C ILE F 86 33.91 26.50 -7.14
N VAL F 87 33.86 26.92 -5.87
CA VAL F 87 34.01 25.97 -4.77
C VAL F 87 32.80 25.05 -4.67
N ILE F 88 31.60 25.60 -4.84
CA ILE F 88 30.40 24.79 -4.71
C ILE F 88 30.24 23.86 -5.90
N VAL F 89 30.39 24.38 -7.11
CA VAL F 89 30.20 23.58 -8.31
C VAL F 89 31.35 22.59 -8.48
N LEU F 90 32.56 23.08 -8.70
CA LEU F 90 33.71 22.19 -8.87
C LEU F 90 33.99 21.37 -7.63
N GLY F 91 33.44 21.76 -6.48
CA GLY F 91 33.63 20.97 -5.27
C GLY F 91 32.66 19.82 -5.13
N SER F 92 31.41 20.00 -5.58
CA SER F 92 30.44 18.91 -5.50
C SER F 92 30.80 17.78 -6.44
N ILE F 93 31.22 18.09 -7.67
CA ILE F 93 31.63 17.04 -8.60
C ILE F 93 32.83 16.28 -8.06
N TRP F 94 33.67 16.94 -7.29
CA TRP F 94 34.84 16.34 -6.66
C TRP F 94 34.46 15.28 -5.64
N ILE F 95 33.18 15.04 -5.44
CA ILE F 95 32.70 14.00 -4.55
C ILE F 95 31.77 13.06 -5.32
N GLN G 16 42.14 -0.66 15.80
CA GLN G 16 42.74 0.12 16.86
C GLN G 16 44.09 0.70 16.41
N GLN G 17 44.25 0.84 15.09
CA GLN G 17 45.50 1.39 14.56
C GLN G 17 45.60 2.89 14.79
N SER G 18 44.49 3.60 14.60
CA SER G 18 44.49 5.05 14.79
C SER G 18 44.34 5.46 16.24
N ASP G 19 44.27 4.50 17.19
CA ASP G 19 44.21 4.89 18.59
C ASP G 19 45.53 5.51 19.05
N LEU G 20 46.65 5.08 18.49
CA LEU G 20 47.91 5.76 18.76
C LEU G 20 47.86 7.20 18.26
N ILE G 21 47.04 7.46 17.23
CA ILE G 21 46.78 8.82 16.82
C ILE G 21 45.91 9.53 17.84
N LEU G 22 44.86 8.87 18.33
CA LEU G 22 43.98 9.49 19.32
C LEU G 22 44.69 9.73 20.65
N LEU G 23 45.39 8.70 21.15
CA LEU G 23 46.03 8.82 22.46
C LEU G 23 47.19 9.81 22.44
N SER G 24 48.03 9.77 21.40
CA SER G 24 49.14 10.71 21.33
C SER G 24 48.67 12.14 21.13
N ILE G 25 47.51 12.33 20.51
CA ILE G 25 46.99 13.68 20.29
C ILE G 25 46.38 14.27 21.56
N GLY G 26 45.87 13.42 22.46
CA GLY G 26 45.25 13.94 23.67
C GLY G 26 46.19 14.76 24.53
N PHE G 27 47.39 14.23 24.79
CA PHE G 27 48.39 14.98 25.55
C PHE G 27 48.94 16.15 24.75
N MET G 28 48.79 16.11 23.43
CA MET G 28 49.30 17.18 22.58
C MET G 28 48.55 18.48 22.82
N LEU G 29 47.24 18.41 23.01
CA LEU G 29 46.45 19.60 23.35
C LEU G 29 46.29 19.82 24.85
N PHE G 30 46.55 18.79 25.67
CA PHE G 30 46.58 19.01 27.12
C PHE G 30 47.71 19.94 27.53
N ILE G 31 48.78 19.98 26.74
CA ILE G 31 49.83 20.97 27.01
C ILE G 31 49.28 22.36 26.78
N VAL G 32 48.42 22.53 25.76
CA VAL G 32 47.74 23.80 25.56
C VAL G 32 46.78 24.07 26.71
N GLY G 33 46.19 23.03 27.29
CA GLY G 33 45.29 23.21 28.41
C GLY G 33 45.98 23.66 29.69
N VAL G 34 47.24 23.26 29.87
CA VAL G 34 48.00 23.74 31.03
C VAL G 34 48.64 25.09 30.75
N VAL G 35 48.82 25.43 29.46
CA VAL G 35 49.28 26.77 29.11
C VAL G 35 48.26 27.81 29.58
N PHE G 36 46.96 27.52 29.41
CA PHE G 36 45.94 28.41 29.94
C PHE G 36 45.79 28.29 31.44
N VAL G 37 46.37 27.27 32.06
CA VAL G 37 46.49 27.24 33.52
C VAL G 37 47.61 28.17 33.97
N LEU G 38 48.70 28.22 33.22
CA LEU G 38 49.76 29.17 33.50
C LEU G 38 49.44 30.57 33.00
N PHE G 39 48.53 30.70 32.03
CA PHE G 39 48.14 31.99 31.47
C PHE G 39 46.91 32.59 32.14
N THR G 40 46.32 31.92 33.12
CA THR G 40 45.17 32.47 33.82
C THR G 40 45.33 32.29 35.33
N ILE G 41 45.64 31.07 35.76
CA ILE G 41 45.71 30.80 37.21
C ILE G 41 46.96 31.43 37.82
N ILE G 42 48.07 31.47 37.08
CA ILE G 42 49.29 32.05 37.63
C ILE G 42 49.13 33.55 37.83
N LEU G 43 48.53 34.24 36.86
CA LEU G 43 48.30 35.67 37.00
C LEU G 43 46.81 35.92 37.19
N VAL G 44 46.25 36.90 36.48
CA VAL G 44 44.86 37.34 36.65
C VAL G 44 44.65 37.86 38.07
N LYS G 45 44.89 37.00 39.06
CA LYS G 45 44.74 37.42 40.45
C LYS G 45 45.79 38.43 40.87
N TYR G 46 47.05 38.21 40.48
CA TYR G 46 48.13 39.14 40.84
C TYR G 46 47.96 40.52 40.22
N ARG G 47 47.16 40.64 39.17
CA ARG G 47 47.04 41.92 38.47
C ARG G 47 45.65 42.51 38.65
N ASP G 48 45.33 42.87 39.89
CA ASP G 48 44.08 43.54 40.25
C ASP G 48 44.39 44.89 40.89
N ARG G 49 43.35 45.73 40.95
CA ARG G 49 43.52 47.07 41.54
C ARG G 49 43.81 47.01 43.03
N LYS G 50 43.19 46.07 43.74
CA LYS G 50 43.38 45.96 45.18
C LYS G 50 44.44 44.92 45.52
N THR G 65 54.19 43.74 19.25
CA THR G 65 54.16 43.71 17.79
C THR G 65 54.97 42.52 17.26
N PHE G 66 56.12 42.28 17.87
CA PHE G 66 56.96 41.15 17.50
C PHE G 66 56.60 39.88 18.25
N LEU G 67 55.87 39.99 19.36
CA LEU G 67 55.52 38.81 20.16
C LEU G 67 54.29 38.09 19.63
N GLU G 68 53.33 38.81 19.05
CA GLU G 68 52.15 38.14 18.51
C GLU G 68 52.50 37.38 17.23
N VAL G 69 53.32 37.99 16.38
CA VAL G 69 53.74 37.33 15.15
C VAL G 69 54.64 36.14 15.43
N VAL G 70 55.39 36.19 16.55
CA VAL G 70 56.28 35.08 16.87
C VAL G 70 55.54 33.89 17.46
N TRP G 71 54.25 34.01 17.77
CA TRP G 71 53.49 32.86 18.22
C TRP G 71 53.02 32.00 17.07
N THR G 72 52.90 32.56 15.87
CA THR G 72 52.42 31.83 14.71
C THR G 72 53.46 30.89 14.11
N VAL G 73 54.54 30.59 14.83
CA VAL G 73 55.58 29.69 14.35
C VAL G 73 55.36 28.30 14.94
N ILE G 74 54.76 28.25 16.14
CA ILE G 74 54.53 26.99 16.84
C ILE G 74 53.22 26.30 16.44
N PRO G 75 52.13 26.98 16.05
CA PRO G 75 50.88 26.24 15.86
C PRO G 75 50.89 25.39 14.61
N ILE G 76 51.58 25.81 13.56
CA ILE G 76 51.74 24.94 12.39
C ILE G 76 52.60 23.74 12.77
N LEU G 77 53.59 23.94 13.64
CA LEU G 77 54.39 22.81 14.13
C LEU G 77 53.52 21.82 14.89
N ILE G 78 52.42 22.28 15.48
CA ILE G 78 51.51 21.38 16.18
C ILE G 78 50.61 20.63 15.20
N VAL G 79 50.26 21.24 14.07
CA VAL G 79 49.29 20.64 13.15
C VAL G 79 50.00 19.87 12.03
N ILE G 80 51.20 20.30 11.66
CA ILE G 80 51.91 19.58 10.60
C ILE G 80 52.44 18.23 11.09
N ALA G 81 52.63 18.07 12.40
CA ALA G 81 52.92 16.77 13.00
C ALA G 81 51.67 15.90 13.10
N LEU G 82 50.49 16.46 12.83
CA LEU G 82 49.26 15.72 12.73
C LEU G 82 48.75 15.60 11.30
N SER G 83 49.22 16.50 10.41
CA SER G 83 48.90 16.45 8.99
C SER G 83 49.75 15.43 8.23
N VAL G 84 50.45 14.54 8.92
CA VAL G 84 51.21 13.47 8.28
C VAL G 84 50.73 12.10 8.78
N PRO G 85 50.68 11.83 10.10
CA PRO G 85 50.19 10.51 10.53
C PRO G 85 48.72 10.30 10.23
N THR G 86 47.94 11.37 10.10
CA THR G 86 46.56 11.24 9.67
C THR G 86 46.48 10.94 8.18
N VAL G 87 47.29 11.62 7.37
CA VAL G 87 47.33 11.32 5.95
C VAL G 87 48.08 10.01 5.70
N GLN G 88 49.09 9.69 6.51
CA GLN G 88 49.71 8.37 6.43
C GLN G 88 48.80 7.28 6.99
N THR G 89 47.63 7.65 7.51
CA THR G 89 46.61 6.70 7.92
C THR G 89 45.39 6.72 7.02
N ILE G 90 45.01 7.89 6.48
CA ILE G 90 43.95 7.95 5.48
C ILE G 90 44.33 7.10 4.28
N TYR G 91 45.57 7.26 3.80
CA TYR G 91 46.08 6.41 2.74
C TYR G 91 46.50 5.03 3.21
N SER G 92 46.47 4.78 4.52
CA SER G 92 46.79 3.47 5.06
C SER G 92 45.57 2.61 5.29
N LEU G 93 44.42 3.23 5.61
CA LEU G 93 43.20 2.47 5.82
C LEU G 93 42.48 2.13 4.52
N GLU G 94 42.89 2.72 3.40
CA GLU G 94 42.29 2.39 2.11
C GLU G 94 42.71 0.99 1.70
N LYS G 95 43.99 0.82 1.40
CA LYS G 95 44.52 -0.51 1.10
C LYS G 95 44.47 -1.40 2.34
N ALA G 96 44.63 -2.70 2.13
CA ALA G 96 44.53 -3.75 3.14
C ALA G 96 45.33 -3.42 4.38
N PRO G 97 44.69 -3.01 5.47
CA PRO G 97 45.44 -2.48 6.61
C PRO G 97 45.70 -3.49 7.72
N GLU G 98 45.18 -3.19 8.91
CA GLU G 98 45.36 -3.99 10.11
C GLU G 98 44.99 -5.45 9.94
N ALA G 99 45.67 -6.17 9.07
CA ALA G 99 45.47 -7.61 9.00
C ALA G 99 46.78 -8.28 8.61
N THR G 100 47.09 -8.28 7.31
CA THR G 100 48.37 -8.86 6.90
C THR G 100 48.78 -8.20 5.58
N LYS G 101 49.18 -9.03 4.62
CA LYS G 101 49.66 -8.55 3.34
C LYS G 101 48.60 -8.83 2.28
N ASP G 102 49.03 -8.95 1.02
CA ASP G 102 48.13 -9.15 -0.10
C ASP G 102 47.59 -10.56 -0.22
N LYS G 103 47.08 -11.13 0.87
CA LYS G 103 46.50 -12.46 0.82
C LYS G 103 45.18 -12.48 1.60
N GLU G 104 44.47 -13.62 1.49
CA GLU G 104 43.23 -13.90 2.21
C GLU G 104 42.15 -12.85 1.98
N PRO G 105 41.56 -12.77 0.78
CA PRO G 105 40.49 -11.79 0.55
C PRO G 105 39.09 -12.35 0.80
N LEU G 106 38.48 -11.98 1.93
CA LEU G 106 37.13 -12.41 2.28
C LEU G 106 36.13 -11.26 2.10
N VAL G 107 34.96 -11.57 1.52
CA VAL G 107 33.91 -10.59 1.25
C VAL G 107 32.72 -10.89 2.13
N VAL G 108 32.11 -9.82 2.67
CA VAL G 108 30.93 -9.92 3.53
C VAL G 108 29.99 -8.76 3.18
N TYR G 109 28.85 -9.07 2.56
CA TYR G 109 27.87 -8.07 2.20
C TYR G 109 27.04 -7.65 3.40
N ALA G 110 27.06 -6.36 3.73
CA ALA G 110 26.31 -5.78 4.84
C ALA G 110 25.21 -4.88 4.30
N THR G 111 23.96 -5.20 4.60
CA THR G 111 22.80 -4.43 4.15
C THR G 111 22.09 -3.84 5.36
N SER G 112 21.46 -2.67 5.16
CA SER G 112 20.75 -1.98 6.22
C SER G 112 19.33 -1.62 5.76
N VAL G 113 18.34 -2.39 6.21
CA VAL G 113 16.95 -1.99 6.11
C VAL G 113 16.65 -1.14 7.33
N ASP G 114 15.40 -0.73 7.51
CA ASP G 114 15.08 0.08 8.69
C ASP G 114 15.23 -0.76 9.95
N TRP G 115 15.89 -0.17 10.96
CA TRP G 115 16.12 -0.79 12.26
C TRP G 115 16.97 -2.06 12.21
N LYS G 116 16.81 -2.90 11.19
CA LYS G 116 17.36 -4.25 11.18
C LYS G 116 18.61 -4.34 10.31
N TRP G 117 19.56 -5.18 10.74
CA TRP G 117 20.83 -5.36 10.06
C TRP G 117 20.87 -6.72 9.37
N VAL G 118 21.31 -6.72 8.11
CA VAL G 118 21.36 -7.91 7.28
C VAL G 118 22.80 -8.11 6.80
N PHE G 119 23.29 -9.34 6.92
CA PHE G 119 24.65 -9.67 6.50
C PHE G 119 24.60 -10.97 5.70
N SER G 120 25.09 -10.93 4.47
CA SER G 120 25.05 -12.08 3.59
C SER G 120 26.46 -12.38 3.09
N TYR G 121 26.86 -13.64 3.19
CA TYR G 121 28.18 -14.06 2.75
C TYR G 121 28.09 -14.59 1.33
N PRO G 122 28.77 -13.98 0.35
CA PRO G 122 28.69 -14.49 -1.02
C PRO G 122 29.51 -15.75 -1.27
N GLU G 123 30.34 -16.17 -0.32
CA GLU G 123 31.16 -17.36 -0.52
C GLU G 123 30.30 -18.61 -0.59
N GLN G 124 29.46 -18.84 0.41
CA GLN G 124 28.50 -19.94 0.42
C GLN G 124 27.12 -19.39 0.75
N ASP G 125 26.10 -20.05 0.20
CA ASP G 125 24.72 -19.61 0.33
C ASP G 125 24.32 -19.40 1.79
N ILE G 126 24.73 -18.28 2.38
CA ILE G 126 24.47 -17.97 3.78
C ILE G 126 24.15 -16.49 3.90
N GLU G 127 23.28 -16.17 4.85
CA GLU G 127 22.94 -14.78 5.14
C GLU G 127 22.31 -14.73 6.52
N THR G 128 22.89 -13.96 7.41
CA THR G 128 22.44 -13.84 8.79
C THR G 128 21.80 -12.47 9.00
N VAL G 129 21.14 -12.30 10.14
CA VAL G 129 20.44 -11.06 10.48
C VAL G 129 20.72 -10.74 11.94
N ASN G 130 21.11 -9.49 12.21
CA ASN G 130 21.37 -9.00 13.57
C ASN G 130 22.41 -9.85 14.30
N TYR G 131 23.32 -10.47 13.55
CA TYR G 131 24.33 -11.34 14.11
C TYR G 131 25.35 -11.64 13.02
N LEU G 132 26.61 -11.80 13.43
CA LEU G 132 27.69 -11.97 12.46
C LEU G 132 28.88 -12.63 13.12
N ASN G 133 29.45 -13.63 12.47
CA ASN G 133 30.63 -14.35 12.95
C ASN G 133 31.71 -14.28 11.89
N ILE G 134 32.95 -13.98 12.31
CA ILE G 134 34.08 -13.83 11.40
C ILE G 134 35.33 -14.44 12.02
N PRO G 135 36.21 -15.06 11.23
CA PRO G 135 37.47 -15.59 11.78
C PRO G 135 38.48 -14.49 12.06
N VAL G 136 39.23 -14.67 13.15
CA VAL G 136 40.20 -13.67 13.59
C VAL G 136 41.41 -13.63 12.64
N ASP G 137 42.03 -12.44 12.57
CA ASP G 137 43.25 -12.23 11.79
C ASP G 137 43.06 -12.59 10.32
N ARG G 138 41.92 -12.20 9.77
CA ARG G 138 41.65 -12.37 8.35
C ARG G 138 41.04 -11.08 7.81
N PRO G 139 41.50 -10.60 6.64
CA PRO G 139 40.87 -9.41 6.05
C PRO G 139 39.46 -9.69 5.61
N ILE G 140 38.58 -8.73 5.83
CA ILE G 140 37.16 -8.83 5.52
C ILE G 140 36.73 -7.56 4.78
N LEU G 141 36.35 -7.71 3.52
CA LEU G 141 35.94 -6.59 2.67
C LEU G 141 34.45 -6.38 2.86
N PHE G 142 34.09 -5.59 3.86
CA PHE G 142 32.68 -5.29 4.12
C PHE G 142 32.12 -4.40 3.01
N LYS G 143 31.18 -4.94 2.24
CA LYS G 143 30.43 -4.17 1.25
C LYS G 143 29.22 -3.57 1.96
N ILE G 144 29.23 -2.24 2.15
CA ILE G 144 28.23 -1.55 2.94
C ILE G 144 27.14 -1.00 2.02
N SER G 145 25.88 -1.24 2.39
CA SER G 145 24.75 -0.73 1.63
C SER G 145 23.55 -0.64 2.55
N SER G 146 22.49 0.00 2.06
CA SER G 146 21.26 0.17 2.82
C SER G 146 20.07 -0.05 1.89
N ALA G 147 18.88 -0.11 2.51
CA ALA G 147 17.64 -0.34 1.78
C ALA G 147 16.73 0.88 1.73
N ASP G 148 16.54 1.59 2.84
CA ASP G 148 15.58 2.69 2.89
C ASP G 148 16.11 3.95 3.58
N SER G 149 16.85 3.80 4.68
CA SER G 149 17.38 4.95 5.39
C SER G 149 18.89 4.82 5.54
N MET G 150 19.57 5.97 5.49
CA MET G 150 21.02 5.99 5.69
C MET G 150 21.35 5.50 7.10
N ALA G 151 22.46 4.79 7.23
CA ALA G 151 22.89 4.24 8.50
C ALA G 151 24.40 3.98 8.43
N SER G 152 24.95 3.32 9.44
CA SER G 152 26.37 2.98 9.46
C SER G 152 26.69 1.96 10.54
N LEU G 153 27.41 0.91 10.19
CA LEU G 153 27.81 -0.12 11.16
C LEU G 153 28.95 0.41 12.00
N TRP G 154 28.66 0.80 13.24
CA TRP G 154 29.69 1.32 14.12
C TRP G 154 30.58 0.20 14.64
N ILE G 155 30.06 -0.63 15.54
CA ILE G 155 30.83 -1.68 16.21
C ILE G 155 32.03 -1.02 16.89
N PRO G 156 31.86 -0.52 18.12
CA PRO G 156 32.91 0.34 18.72
C PRO G 156 34.23 -0.35 19.01
N GLN G 157 34.31 -1.68 18.92
CA GLN G 157 35.57 -2.35 19.19
C GLN G 157 36.41 -2.61 17.94
N LEU G 158 35.78 -2.68 16.77
CA LEU G 158 36.52 -2.84 15.53
C LEU G 158 37.01 -1.51 14.98
N GLY G 159 36.44 -0.41 15.44
CA GLY G 159 36.91 0.91 15.08
C GLY G 159 36.03 1.69 14.13
N GLY G 160 36.50 1.84 12.89
CA GLY G 160 35.84 2.75 11.96
C GLY G 160 34.50 2.26 11.49
N GLN G 161 33.63 3.21 11.17
CA GLN G 161 32.32 2.97 10.61
C GLN G 161 32.23 3.60 9.23
N LYS G 162 31.31 3.10 8.42
CA LYS G 162 31.09 3.59 7.07
C LYS G 162 29.59 3.76 6.86
N TYR G 163 29.21 4.88 6.25
CA TYR G 163 27.79 5.12 6.01
C TYR G 163 27.23 4.10 5.02
N ALA G 164 26.03 3.61 5.32
CA ALA G 164 25.29 2.74 4.41
C ALA G 164 24.50 3.62 3.46
N MET G 165 25.07 3.85 2.28
CA MET G 165 24.50 4.74 1.29
C MET G 165 23.48 3.96 0.47
N ALA G 166 22.22 4.37 0.55
CA ALA G 166 21.16 3.71 -0.22
C ALA G 166 21.33 4.10 -1.68
N GLY G 167 21.96 3.22 -2.46
CA GLY G 167 22.16 3.49 -3.88
C GLY G 167 23.51 3.04 -4.40
N MET G 168 24.49 2.84 -3.50
CA MET G 168 25.83 2.43 -3.93
C MET G 168 26.54 1.76 -2.76
N LEU G 169 27.55 0.96 -3.09
CA LEU G 169 28.34 0.20 -2.13
C LEU G 169 29.67 0.90 -1.84
N MET G 170 30.00 1.05 -0.56
CA MET G 170 31.28 1.57 -0.12
C MET G 170 32.09 0.44 0.51
N ASP G 171 33.32 0.24 0.02
CA ASP G 171 34.17 -0.84 0.51
C ASP G 171 34.91 -0.43 1.79
N GLN G 172 35.11 -1.41 2.67
CA GLN G 172 35.76 -1.16 3.95
C GLN G 172 36.38 -2.45 4.48
N TYR G 173 37.65 -2.38 4.88
CA TYR G 173 38.37 -3.52 5.44
C TYR G 173 38.43 -3.42 6.96
N LEU G 174 38.36 -4.57 7.63
CA LEU G 174 38.42 -4.67 9.08
C LEU G 174 39.22 -5.92 9.46
N GLN G 175 39.29 -6.17 10.77
CA GLN G 175 39.94 -7.36 11.30
C GLN G 175 39.47 -7.51 12.75
N ALA G 176 39.99 -8.55 13.41
CA ALA G 176 39.63 -8.86 14.79
C ALA G 176 40.91 -8.99 15.59
N ASP G 177 41.05 -8.15 16.62
CA ASP G 177 42.25 -8.18 17.44
C ASP G 177 42.33 -9.49 18.21
N LYS G 178 41.57 -9.58 19.31
CA LYS G 178 41.50 -10.77 20.13
C LYS G 178 40.07 -11.29 20.16
N VAL G 179 39.93 -12.55 20.59
CA VAL G 179 38.62 -13.19 20.66
C VAL G 179 37.79 -12.59 21.77
N GLY G 180 36.54 -12.24 21.46
CA GLY G 180 35.67 -11.66 22.46
C GLY G 180 34.29 -11.38 21.87
N THR G 181 33.46 -10.73 22.68
CA THR G 181 32.10 -10.37 22.30
C THR G 181 32.08 -8.88 21.96
N TYR G 182 31.98 -8.57 20.67
CA TYR G 182 32.03 -7.19 20.20
C TYR G 182 30.62 -6.62 20.06
N GLU G 183 30.32 -5.59 20.84
CA GLU G 183 29.05 -4.89 20.66
C GLU G 183 29.02 -4.20 19.30
N GLY G 184 27.80 -3.93 18.83
CA GLY G 184 27.62 -3.27 17.56
C GLY G 184 26.37 -2.41 17.55
N ARG G 185 26.43 -1.25 16.91
CA ARG G 185 25.30 -0.34 16.87
C ARG G 185 25.28 0.36 15.51
N ASN G 186 24.46 1.39 15.41
CA ASN G 186 24.32 2.20 14.21
C ASN G 186 24.68 3.65 14.52
N ALA G 187 24.99 4.41 13.46
CA ALA G 187 25.08 5.86 13.58
C ALA G 187 23.82 6.46 14.18
N ASN G 188 22.72 5.69 14.19
CA ASN G 188 21.48 6.06 14.87
C ASN G 188 20.92 7.36 14.30
N PHE G 189 20.75 7.37 12.99
CA PHE G 189 19.95 8.43 12.37
C PHE G 189 18.51 8.19 12.80
N THR G 190 18.14 8.80 13.92
CA THR G 190 17.01 8.34 14.72
C THR G 190 15.72 8.27 13.93
N GLY G 191 14.89 7.29 14.27
CA GLY G 191 13.61 7.07 13.61
C GLY G 191 12.75 6.06 14.33
N GLU G 192 12.18 6.48 15.47
CA GLU G 192 11.37 5.62 16.32
C GLU G 192 12.14 4.38 16.73
N HIS G 193 12.20 3.38 15.84
CA HIS G 193 12.93 2.15 16.12
C HIS G 193 14.33 2.28 15.52
N PHE G 194 15.19 2.95 16.27
CA PHE G 194 16.60 3.12 15.91
C PHE G 194 17.54 2.93 17.09
N ALA G 195 17.08 3.06 18.34
CA ALA G 195 17.95 2.90 19.50
C ALA G 195 18.27 1.44 19.77
N ASP G 196 17.35 0.52 19.47
CA ASP G 196 17.56 -0.91 19.67
C ASP G 196 18.20 -1.58 18.46
N GLN G 197 19.04 -0.85 17.71
CA GLN G 197 19.78 -1.42 16.60
C GLN G 197 21.01 -2.19 17.04
N GLU G 198 21.16 -2.48 18.33
CA GLU G 198 22.34 -3.15 18.84
C GLU G 198 22.38 -4.60 18.38
N PHE G 199 23.30 -4.93 17.48
CA PHE G 199 23.49 -6.28 16.99
C PHE G 199 24.81 -6.83 17.50
N ASP G 200 24.77 -7.98 18.13
CA ASP G 200 25.97 -8.57 18.72
C ASP G 200 26.72 -9.38 17.68
N VAL G 201 28.04 -9.20 17.62
CA VAL G 201 28.90 -9.94 16.71
C VAL G 201 30.00 -10.60 17.52
N ASN G 202 30.50 -11.72 17.01
CA ASN G 202 31.51 -12.52 17.68
C ASN G 202 32.60 -12.90 16.69
N ALA G 203 33.78 -13.20 17.23
CA ALA G 203 34.97 -13.51 16.43
C ALA G 203 35.71 -14.67 17.06
N VAL G 204 35.78 -15.79 16.35
CA VAL G 204 36.41 -16.99 16.89
C VAL G 204 37.61 -17.37 16.03
N THR G 205 38.20 -18.53 16.31
CA THR G 205 39.41 -18.93 15.63
C THR G 205 39.08 -19.41 14.21
N GLU G 206 40.11 -19.84 13.49
CA GLU G 206 39.86 -20.38 12.16
C GLU G 206 39.21 -21.77 12.22
N LYS G 207 39.74 -22.65 13.08
CA LYS G 207 39.21 -24.02 13.14
C LYS G 207 37.76 -24.01 13.62
N ASP G 208 37.43 -23.14 14.57
CA ASP G 208 36.08 -23.07 15.12
C ASP G 208 35.13 -22.31 14.21
N PHE G 209 35.65 -21.47 13.34
CA PHE G 209 34.81 -20.79 12.36
C PHE G 209 34.26 -21.77 11.33
N ASN G 210 35.09 -22.72 10.88
CA ASN G 210 34.70 -23.66 9.85
C ASN G 210 33.70 -24.69 10.37
N SER G 211 33.77 -24.99 11.67
CA SER G 211 32.76 -25.86 12.27
C SER G 211 31.39 -25.18 12.26
N TRP G 212 31.36 -23.87 12.47
CA TRP G 212 30.13 -23.10 12.53
C TRP G 212 29.42 -23.02 11.17
N VAL G 213 30.16 -22.76 10.10
CA VAL G 213 29.53 -22.43 8.81
C VAL G 213 28.85 -23.63 8.17
N LYS G 214 29.46 -24.80 8.20
CA LYS G 214 29.00 -25.90 7.35
C LYS G 214 27.66 -26.47 7.80
N LYS G 215 27.32 -26.40 9.09
CA LYS G 215 26.07 -27.00 9.56
C LYS G 215 24.89 -26.45 8.76
N THR G 216 24.93 -25.14 8.44
CA THR G 216 23.79 -24.46 7.85
C THR G 216 23.36 -25.11 6.54
N GLN G 217 24.31 -25.50 5.70
CA GLN G 217 24.02 -26.10 4.42
C GLN G 217 24.70 -27.46 4.27
N PRO G 221 17.31 -23.08 7.37
CA PRO G 221 16.28 -22.60 6.44
C PRO G 221 16.84 -22.31 5.06
N LYS G 222 16.17 -21.46 4.28
CA LYS G 222 16.59 -21.12 2.93
C LYS G 222 16.07 -19.71 2.60
N LEU G 223 16.32 -19.28 1.36
CA LEU G 223 15.85 -17.99 0.87
C LEU G 223 14.41 -18.19 0.43
N THR G 224 13.49 -17.91 1.35
CA THR G 224 12.07 -18.19 1.10
C THR G 224 11.45 -17.16 0.18
N LYS G 225 12.27 -16.37 -0.51
CA LYS G 225 11.80 -15.46 -1.55
C LYS G 225 10.87 -14.40 -0.98
N GLU G 226 9.80 -14.84 -0.31
CA GLU G 226 8.84 -13.93 0.30
C GLU G 226 9.32 -13.41 1.64
N LYS G 227 10.09 -14.20 2.41
CA LYS G 227 10.60 -13.73 3.69
C LYS G 227 11.63 -12.64 3.53
N TYR G 228 12.32 -12.56 2.40
CA TYR G 228 13.15 -11.39 2.12
C TYR G 228 12.29 -10.13 2.13
N ASP G 229 11.15 -10.18 1.45
CA ASP G 229 10.20 -9.08 1.47
C ASP G 229 9.56 -8.88 2.83
N GLU G 230 9.54 -9.91 3.68
CA GLU G 230 9.02 -9.80 5.03
C GLU G 230 9.98 -9.14 6.01
N LEU G 231 11.12 -8.62 5.54
CA LEU G 231 12.11 -8.03 6.41
C LEU G 231 12.10 -6.51 6.39
N MET G 232 11.75 -5.88 5.26
CA MET G 232 11.82 -4.43 5.13
C MET G 232 10.81 -3.69 6.01
N LEU G 233 10.05 -4.38 6.86
CA LEU G 233 9.14 -3.73 7.79
C LEU G 233 9.87 -3.39 9.09
N PRO G 234 9.72 -2.16 9.60
CA PRO G 234 10.45 -1.77 10.83
C PRO G 234 9.79 -2.22 12.12
N GLU G 235 10.28 -3.30 12.72
CA GLU G 235 9.75 -3.78 13.99
C GLU G 235 10.88 -4.27 14.89
N ASN G 236 10.74 -5.50 15.40
CA ASN G 236 11.79 -6.13 16.20
C ASN G 236 11.91 -7.59 15.78
N VAL G 237 13.14 -8.06 15.63
CA VAL G 237 13.45 -9.36 15.05
C VAL G 237 14.65 -9.96 15.79
N ASP G 238 14.87 -11.26 15.58
CA ASP G 238 15.98 -11.94 16.23
C ASP G 238 17.09 -12.25 15.24
N GLU G 239 17.68 -13.44 15.33
CA GLU G 239 18.84 -13.78 14.51
C GLU G 239 18.44 -14.19 13.09
N LEU G 240 17.56 -15.18 12.97
CA LEU G 240 17.15 -15.70 11.67
C LEU G 240 18.35 -16.25 10.92
N THR G 241 18.58 -17.56 11.02
CA THR G 241 19.78 -18.17 10.47
C THR G 241 19.83 -18.02 8.96
N PHE G 242 18.88 -18.62 8.24
CA PHE G 242 18.77 -18.53 6.79
C PHE G 242 19.98 -19.13 6.08
N SER G 243 19.84 -20.33 5.54
CA SER G 243 20.94 -21.01 4.86
C SER G 243 20.85 -20.84 3.36
N SER G 244 20.64 -19.60 2.92
CA SER G 244 20.66 -19.28 1.49
C SER G 244 20.83 -17.78 1.33
N THR G 245 21.65 -17.39 0.36
CA THR G 245 21.91 -15.98 0.11
C THR G 245 20.75 -15.35 -0.65
N HIS G 246 20.43 -14.12 -0.29
CA HIS G 246 19.29 -13.39 -0.81
C HIS G 246 19.63 -12.38 -1.92
N LEU G 247 20.91 -12.24 -2.27
CA LEU G 247 21.30 -11.21 -3.21
C LEU G 247 20.79 -11.45 -4.63
N LYS G 248 20.07 -12.54 -4.88
CA LYS G 248 19.48 -12.78 -6.19
C LYS G 248 18.28 -11.88 -6.47
N TYR G 249 17.99 -10.92 -5.59
CA TYR G 249 16.84 -10.04 -5.74
C TYR G 249 17.37 -8.63 -5.95
N VAL G 250 17.34 -8.19 -7.20
CA VAL G 250 17.70 -6.85 -7.68
C VAL G 250 18.96 -6.32 -7.01
N ASP G 251 19.87 -7.24 -6.64
CA ASP G 251 21.17 -6.89 -6.05
C ASP G 251 21.03 -6.20 -4.71
N HIS G 252 20.02 -5.34 -4.57
CA HIS G 252 19.76 -4.52 -3.39
C HIS G 252 20.84 -3.45 -3.20
N GLY G 253 22.10 -3.81 -3.43
CA GLY G 253 23.14 -2.80 -3.49
C GLY G 253 22.93 -1.83 -4.64
N GLN G 254 22.41 -2.33 -5.75
CA GLN G 254 21.93 -1.52 -6.85
C GLN G 254 20.41 -1.51 -6.84
N ASP G 255 19.82 -0.53 -7.54
CA ASP G 255 18.38 -0.36 -7.57
C ASP G 255 17.84 -0.23 -6.14
N ALA G 256 18.05 0.93 -5.51
CA ALA G 256 17.55 1.16 -4.17
C ALA G 256 16.06 1.45 -4.13
N GLU G 257 15.38 1.29 -5.24
CA GLU G 257 13.95 1.42 -5.39
C GLU G 257 13.18 0.23 -4.80
N TYR G 258 13.89 -0.67 -4.11
CA TYR G 258 13.29 -1.84 -3.48
C TYR G 258 12.70 -1.52 -2.12
N ALA G 259 12.35 -0.26 -1.90
CA ALA G 259 11.55 0.16 -0.75
C ALA G 259 10.09 0.31 -1.09
N MET G 260 9.78 0.58 -2.36
CA MET G 260 8.39 0.56 -2.81
C MET G 260 7.91 -0.87 -3.02
N GLU G 261 8.69 -1.69 -3.74
CA GLU G 261 8.40 -3.11 -3.87
C GLU G 261 8.47 -3.84 -2.53
N ALA G 262 8.96 -3.18 -1.48
CA ALA G 262 9.06 -3.77 -0.16
C ALA G 262 7.82 -3.50 0.69
N ARG G 263 7.79 -2.34 1.34
CA ARG G 263 6.75 -2.07 2.33
C ARG G 263 5.35 -1.99 1.71
N LYS G 264 5.25 -1.68 0.42
CA LYS G 264 3.94 -1.46 -0.18
C LYS G 264 3.32 -2.72 -0.76
N ARG G 265 4.12 -3.67 -1.24
CA ARG G 265 3.54 -4.90 -1.77
C ARG G 265 2.87 -5.70 -0.66
N LEU G 266 3.35 -5.57 0.58
CA LEU G 266 2.73 -6.19 1.74
C LEU G 266 1.77 -5.26 2.48
N GLY G 267 1.49 -4.09 1.93
CA GLY G 267 0.53 -3.17 2.52
C GLY G 267 0.89 -2.53 3.85
N TYR G 268 1.74 -1.51 3.82
CA TYR G 268 2.09 -0.77 5.04
C TYR G 268 2.61 0.59 4.65
N GLN G 269 1.98 1.65 5.15
CA GLN G 269 2.53 3.00 5.06
C GLN G 269 2.25 3.74 6.36
N ALA G 270 3.30 4.14 7.07
CA ALA G 270 3.14 4.78 8.36
C ALA G 270 2.61 6.21 8.18
N VAL G 271 2.18 6.81 9.29
CA VAL G 271 1.71 8.19 9.34
C VAL G 271 2.17 8.83 10.64
N SER G 272 1.54 9.95 11.00
CA SER G 272 1.89 10.61 12.25
C SER G 272 0.82 10.41 13.32
N PRO G 273 -0.49 10.47 12.99
CA PRO G 273 -1.50 10.08 13.98
C PRO G 273 -2.40 8.92 13.54
N HIS G 274 -2.65 7.98 14.47
CA HIS G 274 -3.68 6.95 14.36
C HIS G 274 -3.41 5.84 13.34
N SER G 275 -4.06 4.69 13.53
CA SER G 275 -4.08 3.58 12.57
C SER G 275 -2.68 3.05 12.28
N LYS G 276 -1.84 2.94 13.31
CA LYS G 276 -0.51 2.38 13.09
C LYS G 276 -0.58 0.87 13.32
N THR G 277 0.07 0.38 14.39
CA THR G 277 0.15 -1.05 14.67
C THR G 277 0.56 -1.84 13.42
N ASP G 278 1.48 -1.24 12.65
CA ASP G 278 1.79 -1.65 11.29
C ASP G 278 0.50 -1.60 10.48
N PRO G 279 0.21 -0.44 9.85
CA PRO G 279 -1.11 -0.22 9.22
C PRO G 279 -1.68 -1.39 8.45
N PHE G 280 -2.29 -2.32 9.19
CA PHE G 280 -3.00 -3.47 8.64
C PHE G 280 -2.10 -4.36 7.79
N GLU G 281 -2.71 -5.35 7.12
CA GLU G 281 -2.02 -6.34 6.30
C GLU G 281 -1.04 -7.16 7.13
N ASN G 282 -1.37 -8.42 7.38
CA ASN G 282 -0.66 -9.23 8.37
C ASN G 282 0.61 -9.84 7.79
N VAL G 283 0.94 -11.06 8.23
CA VAL G 283 2.13 -11.83 7.89
C VAL G 283 3.39 -11.06 8.34
N LYS G 284 4.13 -11.66 9.28
CA LYS G 284 5.38 -11.09 9.79
C LYS G 284 6.04 -11.99 10.84
N LYS G 285 7.06 -11.48 11.51
CA LYS G 285 7.72 -12.14 12.63
C LYS G 285 8.22 -11.03 13.55
N ASN G 286 7.47 -10.76 14.62
CA ASN G 286 7.68 -9.59 15.47
C ASN G 286 8.43 -9.98 16.75
N GLU G 287 8.26 -9.18 17.80
CA GLU G 287 8.87 -9.41 19.10
C GLU G 287 7.99 -10.31 19.95
N PHE G 288 8.53 -10.70 21.12
CA PHE G 288 7.83 -11.54 22.10
C PHE G 288 7.38 -12.86 21.46
N PRO H 14 0.92 11.59 23.59
CA PRO H 14 -0.38 12.21 23.28
C PRO H 14 -1.06 12.80 24.49
N LEU H 15 -0.83 12.20 25.67
CA LEU H 15 -1.42 12.72 26.89
C LEU H 15 -0.79 14.05 27.29
N ILE H 16 0.53 14.17 27.11
CA ILE H 16 1.22 15.39 27.48
C ILE H 16 0.86 16.52 26.54
N LEU H 17 0.76 16.25 25.24
CA LEU H 17 0.49 17.27 24.22
C LEU H 17 -0.93 17.81 24.27
N GLY H 18 -1.80 17.29 25.14
CA GLY H 18 -3.14 17.83 25.25
C GLY H 18 -3.25 19.06 26.13
N ALA H 19 -2.31 19.23 27.07
CA ALA H 19 -2.38 20.37 27.99
C ALA H 19 -1.85 21.66 27.36
N GLN H 20 -0.81 21.56 26.53
CA GLN H 20 -0.16 22.76 26.02
C GLN H 20 -0.99 23.48 24.97
N VAL H 21 -1.76 22.74 24.16
CA VAL H 21 -2.62 23.39 23.16
C VAL H 21 -3.65 24.28 23.84
N SER H 22 -4.06 23.94 25.06
CA SER H 22 -4.93 24.82 25.83
C SER H 22 -4.16 26.00 26.40
N ILE H 23 -2.94 25.76 26.87
CA ILE H 23 -2.10 26.86 27.33
C ILE H 23 -1.77 27.80 26.18
N ALA H 24 -1.60 27.25 24.98
CA ALA H 24 -1.37 28.09 23.80
C ALA H 24 -2.59 28.96 23.49
N LEU H 25 -3.79 28.40 23.62
CA LEU H 25 -5.00 29.19 23.42
C LEU H 25 -5.27 30.12 24.59
N SER H 26 -4.80 29.77 25.79
CA SER H 26 -4.97 30.65 26.94
C SER H 26 -4.10 31.90 26.81
N THR H 27 -2.83 31.72 26.43
CA THR H 27 -1.95 32.88 26.25
C THR H 27 -2.47 33.84 25.19
N ILE H 28 -3.02 33.31 24.09
CA ILE H 28 -3.62 34.17 23.08
C ILE H 28 -4.85 34.87 23.63
N ALA H 29 -5.62 34.17 24.47
CA ALA H 29 -6.78 34.78 25.10
C ALA H 29 -6.39 35.83 26.15
N ILE H 30 -5.18 35.73 26.72
CA ILE H 30 -4.74 36.71 27.71
C ILE H 30 -4.38 38.03 27.05
N ILE H 31 -3.80 37.98 25.85
CA ILE H 31 -3.39 39.20 25.15
C ILE H 31 -4.60 40.09 24.84
N PHE H 32 -5.76 39.47 24.59
CA PHE H 32 -6.94 40.26 24.22
C PHE H 32 -7.47 41.06 25.39
N VAL H 33 -7.60 40.43 26.57
CA VAL H 33 -8.26 41.10 27.69
C VAL H 33 -7.33 42.09 28.37
N LEU H 34 -6.14 41.65 28.78
CA LEU H 34 -5.27 42.51 29.58
C LEU H 34 -4.57 43.56 28.73
N THR H 35 -4.07 43.18 27.56
CA THR H 35 -3.28 44.07 26.72
C THR H 35 -4.11 44.79 25.67
N TYR H 36 -5.05 44.10 25.03
CA TYR H 36 -5.81 44.70 23.94
C TYR H 36 -7.03 45.46 24.46
N PHE H 37 -6.79 46.34 25.44
CA PHE H 37 -7.79 47.35 25.77
C PHE H 37 -7.83 48.40 24.66
N LYS H 38 -6.66 48.76 24.14
CA LYS H 38 -6.50 49.59 22.95
C LYS H 38 -5.02 49.64 22.59
N LYS H 39 -4.63 48.92 21.55
CA LYS H 39 -3.21 48.80 21.18
C LYS H 39 -2.89 49.38 19.81
N TRP H 40 -3.88 49.87 19.08
CA TRP H 40 -3.61 50.55 17.82
C TRP H 40 -3.21 51.99 18.13
N LYS H 41 -2.23 52.15 19.01
CA LYS H 41 -1.70 53.47 19.38
C LYS H 41 -0.31 53.32 20.00
N TRP H 42 -0.03 52.18 20.61
CA TRP H 42 1.30 51.89 21.15
C TRP H 42 1.93 50.64 20.54
N LEU H 43 1.16 49.57 20.34
CA LEU H 43 1.75 48.35 19.79
C LEU H 43 1.89 48.42 18.27
N TRP H 44 0.89 48.95 17.58
CA TRP H 44 0.97 49.06 16.14
C TRP H 44 1.70 50.32 15.69
N SER H 45 1.88 51.29 16.60
CA SER H 45 2.54 52.54 16.26
C SER H 45 4.03 52.50 16.64
N GLU H 46 4.33 52.58 17.92
CA GLU H 46 5.72 52.59 18.37
C GLU H 46 6.36 51.21 18.38
N TRP H 47 5.65 50.18 17.93
CA TRP H 47 6.16 48.82 17.94
C TRP H 47 5.65 48.11 16.69
N ILE H 48 5.71 46.77 16.70
CA ILE H 48 5.30 45.92 15.60
C ILE H 48 5.96 46.38 14.31
N THR H 49 5.46 47.48 13.74
CA THR H 49 5.99 48.01 12.50
C THR H 49 6.93 49.18 12.74
N THR H 50 7.62 49.19 13.87
CA THR H 50 8.54 50.27 14.19
C THR H 50 9.81 50.15 13.36
N VAL H 51 10.52 51.28 13.24
CA VAL H 51 11.68 51.36 12.36
C VAL H 51 12.98 51.57 13.13
N ASP H 52 12.90 52.28 14.27
CA ASP H 52 14.09 52.55 15.07
C ASP H 52 14.83 51.26 15.38
N HIS H 53 16.11 51.21 15.01
CA HIS H 53 16.89 49.99 15.17
C HIS H 53 16.96 49.56 16.63
N LYS H 54 16.82 50.51 17.56
CA LYS H 54 16.87 50.18 18.98
C LYS H 54 15.72 49.28 19.37
N LYS H 55 14.51 49.55 18.86
CA LYS H 55 13.34 48.79 19.28
C LYS H 55 13.26 47.42 18.61
N LEU H 56 13.78 47.28 17.39
CA LEU H 56 13.78 45.96 16.75
C LEU H 56 14.75 45.02 17.43
N GLY H 57 15.97 45.48 17.67
CA GLY H 57 16.94 44.65 18.36
C GLY H 57 16.45 44.20 19.72
N ILE H 58 15.57 44.97 20.34
CA ILE H 58 14.91 44.54 21.56
C ILE H 58 14.00 43.35 21.27
N MET H 59 13.13 43.50 20.25
CA MET H 59 12.24 42.43 19.88
C MET H 59 12.99 41.21 19.38
N TYR H 60 14.24 41.38 18.94
CA TYR H 60 15.05 40.22 18.55
C TYR H 60 15.51 39.44 19.76
N ILE H 61 16.02 40.13 20.78
CA ILE H 61 16.59 39.41 21.91
C ILE H 61 15.50 38.95 22.88
N ILE H 62 14.42 39.72 23.02
CA ILE H 62 13.34 39.31 23.91
C ILE H 62 12.62 38.09 23.34
N SER H 63 12.72 37.88 22.02
CA SER H 63 12.23 36.64 21.42
C SER H 63 13.22 35.50 21.63
N ALA H 64 14.53 35.80 21.60
CA ALA H 64 15.53 34.76 21.83
C ALA H 64 15.48 34.27 23.27
N VAL H 65 15.11 35.15 24.21
CA VAL H 65 14.88 34.72 25.58
C VAL H 65 13.60 33.90 25.66
N ILE H 66 12.59 34.28 24.86
CA ILE H 66 11.38 33.46 24.75
C ILE H 66 11.70 32.09 24.17
N MET H 67 12.47 32.07 23.08
CA MET H 67 12.92 30.79 22.50
C MET H 67 13.88 30.05 23.41
N LEU H 68 14.52 30.75 24.35
CA LEU H 68 15.38 30.07 25.31
C LEU H 68 14.57 29.15 26.22
N PHE H 69 13.38 29.58 26.62
CA PHE H 69 12.55 28.75 27.50
C PHE H 69 11.92 27.59 26.75
N ARG H 70 11.46 27.82 25.50
CA ARG H 70 10.99 26.71 24.68
C ARG H 70 12.09 25.70 24.45
N GLY H 71 13.31 26.17 24.15
CA GLY H 71 14.45 25.29 24.08
C GLY H 71 14.86 24.69 25.40
N GLY H 72 14.40 25.27 26.52
CA GLY H 72 14.79 24.79 27.83
C GLY H 72 14.09 23.54 28.29
N VAL H 73 12.76 23.57 28.34
CA VAL H 73 11.98 22.39 28.74
C VAL H 73 12.25 21.20 27.83
N ASP H 74 12.68 21.44 26.59
CA ASP H 74 13.00 20.35 25.68
C ASP H 74 14.25 19.61 26.15
N GLY H 75 15.36 20.33 26.31
CA GLY H 75 16.61 19.68 26.69
C GLY H 75 16.55 19.00 28.05
N LEU H 76 15.76 19.52 28.98
CA LEU H 76 15.69 18.93 30.31
C LEU H 76 14.97 17.59 30.29
N MET H 77 13.77 17.54 29.73
CA MET H 77 13.03 16.27 29.68
C MET H 77 13.75 15.23 28.84
N MET H 78 14.63 15.66 27.93
CA MET H 78 15.46 14.72 27.19
C MET H 78 16.42 13.99 28.13
N ARG H 79 17.20 14.74 28.90
CA ARG H 79 18.11 14.10 29.84
C ARG H 79 17.34 13.49 31.01
N ALA H 80 16.19 14.07 31.38
CA ALA H 80 15.34 13.41 32.38
C ALA H 80 14.85 12.06 31.90
N GLN H 81 14.48 11.97 30.60
CA GLN H 81 14.19 10.65 30.03
C GLN H 81 15.45 9.80 29.98
N LEU H 82 16.60 10.43 29.69
CA LEU H 82 17.90 9.76 29.69
C LEU H 82 18.53 9.73 31.06
N ALA H 83 17.73 9.77 32.12
CA ALA H 83 18.30 9.71 33.48
C ALA H 83 18.97 8.37 33.71
N LEU H 84 18.29 7.29 33.36
CA LEU H 84 18.81 5.95 33.55
C LEU H 84 18.18 5.05 32.51
N PRO H 85 18.75 3.88 32.26
CA PRO H 85 18.13 2.92 31.34
C PRO H 85 16.72 2.57 31.78
N ASN H 86 16.03 1.85 30.88
CA ASN H 86 14.65 1.40 31.03
C ASN H 86 13.76 2.47 31.67
N ASN H 87 13.98 3.73 31.29
CA ASN H 87 13.17 4.80 31.83
C ASN H 87 11.98 5.03 30.90
N SER H 88 10.78 5.11 31.49
CA SER H 88 9.57 5.21 30.69
C SER H 88 8.97 6.60 30.82
N PHE H 89 9.81 7.63 30.66
CA PHE H 89 9.31 9.00 30.60
C PHE H 89 8.83 9.32 29.20
N LEU H 90 9.73 9.29 28.23
CA LEU H 90 9.42 9.53 26.84
C LEU H 90 9.61 8.25 26.05
N ASP H 91 8.74 8.02 25.08
CA ASP H 91 8.84 6.85 24.21
C ASP H 91 9.78 7.16 23.05
N SER H 92 9.86 6.22 22.09
CA SER H 92 10.80 6.36 20.98
C SER H 92 10.60 7.68 20.25
N ASN H 93 9.39 7.88 19.74
CA ASN H 93 9.00 9.18 19.21
C ASN H 93 8.39 10.00 20.34
N HIS H 94 8.07 11.25 20.05
CA HIS H 94 7.87 12.26 21.09
C HIS H 94 9.13 12.29 21.96
N TYR H 95 10.27 12.36 21.28
CA TYR H 95 11.61 12.49 21.82
C TYR H 95 12.47 12.87 20.62
N ASN H 96 12.34 12.05 19.58
CA ASN H 96 12.93 12.40 18.29
C ASN H 96 12.42 13.75 17.82
N GLU H 97 11.11 13.97 17.91
CA GLU H 97 10.57 15.30 17.69
C GLU H 97 11.10 16.28 18.71
N ILE H 98 11.25 15.85 19.97
CA ILE H 98 11.70 16.76 21.03
C ILE H 98 13.12 17.23 20.75
N PHE H 99 14.05 16.30 20.53
CA PHE H 99 15.44 16.67 20.31
C PHE H 99 15.66 17.34 18.95
N THR H 100 14.76 17.13 17.99
CA THR H 100 14.88 17.83 16.71
C THR H 100 14.41 19.28 16.83
N THR H 101 13.30 19.51 17.53
CA THR H 101 12.84 20.87 17.76
C THR H 101 13.86 21.67 18.57
N HIS H 102 14.57 20.99 19.47
CA HIS H 102 15.57 21.65 20.30
C HIS H 102 16.69 22.24 19.46
N GLY H 103 17.22 21.47 18.52
CA GLY H 103 18.35 21.93 17.74
C GLY H 103 18.00 23.07 16.80
N THR H 104 16.80 23.04 16.23
CA THR H 104 16.40 24.10 15.31
C THR H 104 15.97 25.37 16.01
N ILE H 105 15.47 25.27 17.25
CA ILE H 105 15.12 26.49 17.98
C ILE H 105 16.38 27.28 18.36
N MET H 106 17.43 26.59 18.79
CA MET H 106 18.72 27.24 18.90
C MET H 106 19.27 27.46 17.50
N ILE H 107 20.44 28.11 17.42
CA ILE H 107 21.10 28.34 16.14
C ILE H 107 20.19 29.19 15.25
N ILE H 108 19.03 28.65 14.88
CA ILE H 108 18.16 29.32 13.91
C ILE H 108 17.27 30.36 14.60
N PHE H 109 16.54 29.96 15.63
CA PHE H 109 15.53 30.83 16.25
C PHE H 109 15.94 31.38 17.61
N MET H 110 17.12 31.03 18.12
CA MET H 110 17.60 31.60 19.38
C MET H 110 18.91 32.36 19.19
N ALA H 111 19.97 31.67 18.77
CA ALA H 111 21.27 32.32 18.67
C ALA H 111 21.29 33.33 17.53
N MET H 112 20.55 33.07 16.46
CA MET H 112 20.47 34.05 15.37
C MET H 112 19.80 35.34 15.84
N PRO H 113 18.59 35.32 16.43
CA PRO H 113 18.00 36.59 16.89
C PRO H 113 18.71 37.21 18.08
N PHE H 114 19.35 36.42 18.94
CA PHE H 114 20.06 36.99 20.07
C PHE H 114 21.34 37.69 19.63
N LEU H 115 22.04 37.10 18.65
CA LEU H 115 23.23 37.74 18.13
C LEU H 115 22.87 38.92 17.24
N ILE H 116 21.96 38.71 16.29
CA ILE H 116 21.51 39.82 15.44
C ILE H 116 20.87 40.90 16.29
N GLY H 117 20.12 40.50 17.33
CA GLY H 117 19.55 41.48 18.23
C GLY H 117 20.60 42.29 18.97
N LEU H 118 21.63 41.60 19.49
CA LEU H 118 22.76 42.31 20.07
C LEU H 118 23.55 43.07 19.01
N ILE H 119 23.36 42.74 17.74
CA ILE H 119 23.96 43.50 16.65
C ILE H 119 23.06 44.63 16.20
N ASN H 120 21.75 44.36 16.07
CA ASN H 120 20.79 45.35 15.60
C ASN H 120 20.63 46.54 16.56
N VAL H 121 21.36 46.54 17.67
CA VAL H 121 21.26 47.60 18.68
C VAL H 121 22.61 48.24 18.94
N VAL H 122 23.64 47.42 19.14
CA VAL H 122 24.93 47.92 19.58
C VAL H 122 25.76 48.44 18.40
N VAL H 123 25.67 47.77 17.26
CA VAL H 123 26.49 48.14 16.10
C VAL H 123 26.12 49.50 15.54
N PRO H 124 24.84 49.81 15.29
CA PRO H 124 24.53 51.14 14.73
C PRO H 124 24.81 52.29 15.67
N LEU H 125 24.92 52.04 16.98
CA LEU H 125 25.36 53.10 17.89
C LEU H 125 26.88 53.20 17.94
N GLN H 126 27.59 52.07 17.88
CA GLN H 126 29.04 52.11 17.91
C GLN H 126 29.66 52.65 16.63
N ILE H 127 28.87 52.89 15.59
CA ILE H 127 29.36 53.53 14.38
C ILE H 127 28.93 54.97 14.26
N GLY H 128 28.08 55.44 15.18
CA GLY H 128 27.64 56.81 15.20
C GLY H 128 26.51 57.14 14.24
N ALA H 129 26.08 56.18 13.41
CA ALA H 129 25.01 56.43 12.47
C ALA H 129 23.66 56.50 13.18
N ARG H 130 22.66 56.99 12.45
CA ARG H 130 21.31 57.08 12.98
C ARG H 130 20.72 55.69 13.11
N ASP H 131 20.25 55.13 12.00
CA ASP H 131 19.70 53.77 11.98
C ASP H 131 20.61 52.87 11.15
N VAL H 132 20.04 52.01 10.31
CA VAL H 132 20.84 51.18 9.42
C VAL H 132 20.69 51.65 7.97
N ALA H 133 21.18 50.83 7.02
CA ALA H 133 21.14 51.20 5.61
C ALA H 133 19.72 51.27 5.09
N PHE H 134 18.97 50.17 5.22
CA PHE H 134 17.58 50.10 4.78
C PHE H 134 16.73 49.69 5.99
N PRO H 135 16.42 50.63 6.87
CA PRO H 135 15.60 50.30 8.06
C PRO H 135 14.19 49.85 7.73
N TYR H 136 13.84 49.82 6.45
CA TYR H 136 12.54 49.28 6.01
C TYR H 136 12.62 47.78 5.79
N LEU H 137 13.63 47.31 5.05
CA LEU H 137 13.83 45.88 4.89
C LEU H 137 14.28 45.23 6.19
N ASN H 138 14.84 46.02 7.11
CA ASN H 138 15.20 45.48 8.42
C ASN H 138 13.97 45.25 9.29
N ASN H 139 12.87 45.98 9.06
CA ASN H 139 11.65 45.76 9.82
C ASN H 139 11.07 44.38 9.50
N LEU H 140 10.79 44.12 8.21
CA LEU H 140 10.31 42.80 7.83
C LEU H 140 11.35 41.74 8.16
N SER H 141 12.64 42.09 8.14
CA SER H 141 13.68 41.15 8.51
C SER H 141 13.47 40.58 9.91
N PHE H 142 12.71 41.28 10.75
CA PHE H 142 12.32 40.72 12.05
C PHE H 142 11.10 39.83 11.91
N TRP H 143 10.02 40.36 11.33
CA TRP H 143 8.79 39.58 11.18
C TRP H 143 8.99 38.39 10.26
N THR H 144 9.86 38.51 9.25
CA THR H 144 10.13 37.37 8.37
C THR H 144 10.68 36.19 9.16
N PHE H 145 11.47 36.45 10.19
CA PHE H 145 11.89 35.36 11.07
C PHE H 145 10.76 34.95 12.02
N PHE H 146 9.97 35.92 12.48
CA PHE H 146 8.98 35.63 13.50
C PHE H 146 7.86 34.74 12.97
N VAL H 147 7.38 35.02 11.75
CA VAL H 147 6.37 34.14 11.16
C VAL H 147 6.98 32.78 10.84
N GLY H 148 8.29 32.75 10.54
CA GLY H 148 8.97 31.47 10.44
C GLY H 148 9.19 30.83 11.80
N ALA H 149 9.24 31.64 12.85
CA ALA H 149 9.28 31.10 14.20
C ALA H 149 7.90 30.62 14.64
N MET H 150 6.85 31.40 14.36
CA MET H 150 5.50 30.95 14.66
C MET H 150 5.12 29.75 13.82
N LEU H 151 5.59 29.69 12.57
CA LEU H 151 5.41 28.49 11.77
C LEU H 151 6.05 27.28 12.46
N PHE H 152 7.32 27.40 12.83
CA PHE H 152 8.00 26.27 13.46
C PHE H 152 7.49 26.02 14.87
N ASN H 153 6.83 26.99 15.50
CA ASN H 153 6.29 26.77 16.83
C ASN H 153 4.92 26.11 16.80
N ILE H 154 4.09 26.42 15.79
CA ILE H 154 2.74 25.87 15.73
C ILE H 154 2.73 24.39 15.39
N SER H 155 3.88 23.82 15.03
CA SER H 155 4.00 22.38 14.81
C SER H 155 3.76 21.58 16.08
N PHE H 156 3.49 22.26 17.19
CA PHE H 156 3.38 21.62 18.49
C PHE H 156 2.20 20.67 18.55
N VAL H 157 1.00 21.22 18.47
CA VAL H 157 -0.21 20.42 18.51
C VAL H 157 -1.02 20.55 17.23
N ILE H 158 -0.85 21.64 16.46
CA ILE H 158 -1.61 21.82 15.23
C ILE H 158 -1.21 20.77 14.20
N GLY H 159 0.08 20.44 14.12
CA GLY H 159 0.53 19.44 13.17
C GLY H 159 1.34 18.32 13.80
N GLY H 160 2.67 18.36 13.63
CA GLY H 160 3.55 17.38 14.22
C GLY H 160 4.99 17.82 14.08
N SER H 161 5.72 17.94 15.18
CA SER H 161 7.09 18.41 15.11
C SER H 161 7.96 17.42 14.33
N PRO H 162 8.93 17.90 13.55
CA PRO H 162 9.78 16.99 12.78
C PRO H 162 10.65 16.13 13.70
N ASN H 163 11.02 14.96 13.20
CA ASN H 163 11.76 13.98 14.00
C ASN H 163 12.91 13.39 13.20
N ALA H 164 13.66 14.25 12.52
CA ALA H 164 14.81 13.82 11.74
C ALA H 164 16.10 14.51 12.16
N GLY H 165 16.10 15.19 13.29
CA GLY H 165 17.23 15.98 13.73
C GLY H 165 17.26 17.34 13.06
N TRP H 166 18.06 18.25 13.64
CA TRP H 166 18.22 19.56 13.03
C TRP H 166 18.87 19.45 11.66
N THR H 167 19.64 18.39 11.43
CA THR H 167 20.18 18.11 10.11
C THR H 167 19.06 17.68 9.17
N SER H 168 18.33 16.64 9.56
CA SER H 168 17.21 16.09 8.78
C SER H 168 17.67 15.69 7.38
N TYR H 169 18.47 14.64 7.35
CA TYR H 169 18.91 14.06 6.08
C TYR H 169 17.71 13.62 5.26
N MET H 170 17.93 13.46 3.95
CA MET H 170 16.80 13.16 3.06
C MET H 170 16.28 11.73 3.23
N PRO H 171 17.12 10.68 3.20
CA PRO H 171 16.57 9.31 3.22
C PRO H 171 15.67 9.02 4.41
N LEU H 172 15.62 9.90 5.41
CA LEU H 172 14.72 9.80 6.55
C LEU H 172 13.94 11.10 6.74
N ALA H 173 13.29 11.56 5.67
CA ALA H 173 12.64 12.87 5.71
C ALA H 173 11.39 12.98 4.85
N SER H 174 11.20 12.06 3.88
CA SER H 174 10.08 12.17 2.97
C SER H 174 9.09 11.07 3.29
N ASN H 175 9.07 9.97 2.54
CA ASN H 175 8.13 8.89 2.82
C ASN H 175 8.68 7.92 3.83
N ASP H 176 10.01 7.77 3.88
CA ASP H 176 10.64 6.96 4.92
C ASP H 176 10.40 7.56 6.30
N MET H 177 10.33 8.89 6.40
CA MET H 177 9.94 9.54 7.65
C MET H 177 8.47 9.24 7.90
N SER H 178 7.59 9.86 7.07
CA SER H 178 6.16 9.65 6.83
C SER H 178 5.26 10.78 7.29
N PRO H 179 5.43 11.37 8.51
CA PRO H 179 4.51 12.44 8.93
C PRO H 179 4.41 13.56 7.92
N GLY H 180 3.19 13.84 7.46
CA GLY H 180 2.94 14.92 6.54
C GLY H 180 3.37 16.25 7.13
N PRO H 181 2.68 16.71 8.17
CA PRO H 181 3.01 18.03 8.74
C PRO H 181 4.19 17.98 9.69
N GLY H 182 5.24 17.23 9.34
CA GLY H 182 6.41 17.14 10.19
C GLY H 182 7.61 17.90 9.66
N GLU H 183 8.20 17.39 8.58
CA GLU H 183 9.33 18.06 7.95
C GLU H 183 8.91 19.35 7.24
N ASN H 184 7.63 19.49 6.93
CA ASN H 184 7.16 20.68 6.22
C ASN H 184 7.36 21.93 7.07
N TYR H 185 7.10 21.84 8.38
CA TYR H 185 7.35 22.96 9.26
C TYR H 185 8.83 23.35 9.27
N TYR H 186 9.72 22.36 9.23
CA TYR H 186 11.15 22.66 9.19
C TYR H 186 11.54 23.32 7.88
N LEU H 187 10.95 22.88 6.77
CA LEU H 187 11.28 23.47 5.47
C LEU H 187 10.73 24.89 5.36
N LEU H 188 9.43 25.06 5.65
CA LEU H 188 8.83 26.38 5.51
C LEU H 188 9.17 27.29 6.69
N GLY H 189 9.48 26.74 7.86
CA GLY H 189 9.85 27.58 8.98
C GLY H 189 11.18 28.28 8.79
N LEU H 190 12.19 27.53 8.32
CA LEU H 190 13.49 28.15 8.10
C LEU H 190 13.55 28.90 6.78
N GLN H 191 12.79 28.45 5.78
CA GLN H 191 12.79 29.14 4.49
C GLN H 191 12.38 30.59 4.63
N ILE H 192 11.39 30.86 5.49
CA ILE H 192 11.00 32.25 5.73
C ILE H 192 12.08 32.96 6.54
N ALA H 193 12.51 32.33 7.64
CA ALA H 193 13.57 32.93 8.45
C ALA H 193 14.85 33.11 7.64
N GLY H 194 15.09 32.27 6.63
CA GLY H 194 16.27 32.45 5.78
C GLY H 194 16.23 33.74 4.98
N ILE H 195 15.04 34.13 4.52
CA ILE H 195 14.90 35.41 3.82
C ILE H 195 15.15 36.56 4.79
N GLY H 196 14.61 36.46 6.01
CA GLY H 196 14.85 37.51 6.99
C GLY H 196 16.32 37.63 7.36
N THR H 197 17.00 36.50 7.52
CA THR H 197 18.41 36.55 7.89
C THR H 197 19.29 37.02 6.74
N LEU H 198 18.94 36.70 5.50
CA LEU H 198 19.73 37.18 4.38
C LEU H 198 19.65 38.69 4.26
N MET H 199 18.46 39.27 4.50
CA MET H 199 18.33 40.71 4.40
C MET H 199 19.00 41.42 5.56
N THR H 200 19.10 40.77 6.73
CA THR H 200 19.84 41.36 7.84
C THR H 200 21.33 41.46 7.52
N GLY H 201 21.86 40.53 6.73
CA GLY H 201 23.25 40.60 6.33
C GLY H 201 23.54 41.64 5.26
N ILE H 202 22.56 41.92 4.41
CA ILE H 202 22.74 42.96 3.38
C ILE H 202 22.55 44.34 3.98
N ASN H 203 21.60 44.48 4.91
CA ASN H 203 21.37 45.76 5.56
C ASN H 203 22.63 46.24 6.28
N PHE H 204 23.27 45.37 7.07
CA PHE H 204 24.43 45.76 7.84
C PHE H 204 25.73 45.75 7.03
N MET H 205 25.76 45.05 5.90
CA MET H 205 26.94 45.10 5.04
C MET H 205 27.05 46.46 4.35
N VAL H 206 25.93 47.14 4.16
CA VAL H 206 25.97 48.51 3.64
C VAL H 206 25.97 49.53 4.77
N THR H 207 25.40 49.18 5.93
CA THR H 207 25.37 50.10 7.06
C THR H 207 26.78 50.38 7.56
N ILE H 208 27.63 49.36 7.59
CA ILE H 208 29.00 49.51 8.09
C ILE H 208 29.99 49.85 6.97
N LEU H 209 29.52 49.99 5.73
CA LEU H 209 30.40 50.32 4.61
C LEU H 209 30.19 51.71 4.05
N LYS H 210 28.97 52.23 4.06
CA LYS H 210 28.67 53.53 3.46
C LYS H 210 28.01 54.51 4.43
N MET H 211 27.85 54.15 5.70
CA MET H 211 27.14 54.98 6.66
C MET H 211 27.97 55.34 7.89
N ARG H 212 29.28 55.07 7.88
CA ARG H 212 30.10 55.45 9.03
C ARG H 212 30.22 56.97 9.11
N THR H 213 30.52 57.45 10.31
CA THR H 213 30.67 58.88 10.55
C THR H 213 32.05 59.35 10.10
N LYS H 214 32.17 60.66 9.94
CA LYS H 214 33.44 61.25 9.50
C LYS H 214 34.54 60.95 10.51
N GLY H 215 35.69 60.50 10.02
CA GLY H 215 36.82 60.18 10.84
C GLY H 215 36.91 58.72 11.25
N MET H 216 35.78 58.03 11.32
CA MET H 216 35.77 56.60 11.61
C MET H 216 36.53 55.86 10.52
N THR H 217 37.83 55.68 10.72
CA THR H 217 38.65 54.98 9.74
C THR H 217 38.24 53.51 9.67
N LEU H 218 38.55 52.90 8.52
CA LEU H 218 38.08 51.55 8.26
C LEU H 218 38.80 50.52 9.13
N MET H 219 40.10 50.71 9.34
CA MET H 219 40.89 49.74 10.09
C MET H 219 40.64 49.78 11.59
N ARG H 220 39.97 50.82 12.10
CA ARG H 220 39.76 50.98 13.55
C ARG H 220 38.32 51.45 13.74
N MET H 221 37.42 50.51 14.11
CA MET H 221 36.00 50.88 14.18
C MET H 221 35.12 50.13 15.19
N PRO H 222 35.63 49.37 16.17
CA PRO H 222 36.94 48.86 16.60
C PRO H 222 37.23 47.43 16.13
N MET H 223 36.59 46.43 16.74
CA MET H 223 36.81 45.03 16.40
C MET H 223 35.51 44.24 16.48
N PHE H 224 34.65 44.57 17.44
CA PHE H 224 33.34 43.93 17.49
C PHE H 224 32.53 44.29 16.25
N THR H 225 32.52 45.57 15.89
CA THR H 225 31.90 45.98 14.63
C THR H 225 32.60 45.35 13.44
N TRP H 226 33.86 44.92 13.60
CA TRP H 226 34.53 44.18 12.53
C TRP H 226 34.02 42.75 12.43
N THR H 227 33.85 42.07 13.57
CA THR H 227 33.29 40.73 13.54
C THR H 227 31.87 40.75 12.97
N THR H 228 31.12 41.80 13.29
CA THR H 228 29.80 41.98 12.69
C THR H 228 29.89 42.14 11.18
N LEU H 229 30.86 42.94 10.71
CA LEU H 229 31.09 43.05 9.26
C LEU H 229 31.39 41.68 8.65
N ILE H 230 32.20 40.87 9.32
CA ILE H 230 32.47 39.52 8.82
C ILE H 230 31.26 38.62 9.00
N THR H 231 30.48 38.83 10.07
CA THR H 231 29.27 38.03 10.27
C THR H 231 28.29 38.24 9.13
N MET H 232 28.11 39.49 8.70
CA MET H 232 27.15 39.81 7.65
C MET H 232 27.70 39.59 6.24
N VAL H 233 28.98 39.23 6.10
CA VAL H 233 29.49 38.84 4.79
C VAL H 233 29.19 37.38 4.52
N ILE H 234 29.33 36.53 5.54
CA ILE H 234 29.06 35.11 5.33
C ILE H 234 27.58 34.85 5.09
N ILE H 235 26.70 35.68 5.66
CA ILE H 235 25.27 35.49 5.47
C ILE H 235 24.88 35.70 4.01
N VAL H 236 25.50 36.70 3.36
CA VAL H 236 25.14 37.01 1.98
C VAL H 236 25.56 35.88 1.04
N PHE H 237 26.66 35.20 1.35
CA PHE H 237 27.18 34.15 0.49
C PHE H 237 26.96 32.75 1.04
N ALA H 238 26.49 32.61 2.27
CA ALA H 238 26.22 31.29 2.84
C ALA H 238 24.84 31.32 3.51
N PHE H 239 23.83 31.53 2.71
CA PHE H 239 22.41 31.50 3.07
C PHE H 239 21.60 31.37 1.79
N PRO H 240 22.06 31.94 0.67
CA PRO H 240 21.49 31.51 -0.62
C PRO H 240 21.60 30.02 -0.82
N VAL H 241 22.63 29.37 -0.27
CA VAL H 241 22.72 27.92 -0.33
C VAL H 241 21.57 27.29 0.45
N LEU H 242 21.38 27.70 1.71
CA LEU H 242 20.28 27.18 2.51
C LEU H 242 18.93 27.50 1.88
N THR H 243 18.81 28.66 1.25
CA THR H 243 17.53 29.05 0.67
C THR H 243 17.12 28.12 -0.47
N VAL H 244 18.08 27.55 -1.18
CA VAL H 244 17.73 26.58 -2.20
C VAL H 244 17.79 25.15 -1.65
N ALA H 245 18.67 24.90 -0.67
CA ALA H 245 18.75 23.57 -0.09
C ALA H 245 17.41 23.14 0.50
N LEU H 246 16.73 24.07 1.18
CA LEU H 246 15.38 23.76 1.67
C LEU H 246 14.38 23.72 0.52
N ALA H 247 14.50 24.65 -0.43
CA ALA H 247 13.58 24.67 -1.56
C ALA H 247 13.65 23.38 -2.37
N LEU H 248 14.86 22.84 -2.55
CA LEU H 248 14.99 21.52 -3.16
C LEU H 248 14.27 20.46 -2.34
N LEU H 249 14.53 20.45 -1.03
CA LEU H 249 13.85 19.48 -0.16
C LEU H 249 12.33 19.69 -0.15
N SER H 250 11.89 20.95 -0.12
CA SER H 250 10.46 21.23 -0.09
C SER H 250 9.74 20.79 -1.36
N PHE H 251 10.46 20.73 -2.49
CA PHE H 251 9.84 20.25 -3.73
C PHE H 251 9.67 18.73 -3.71
N ASP H 252 10.63 18.01 -3.13
CA ASP H 252 10.51 16.55 -3.02
C ASP H 252 9.29 16.16 -2.20
N ARG H 253 9.05 16.85 -1.09
CA ARG H 253 7.94 16.49 -0.21
C ARG H 253 6.59 16.77 -0.86
N LEU H 254 6.39 18.01 -1.32
CA LEU H 254 5.05 18.46 -1.74
C LEU H 254 4.81 18.21 -3.22
N PHE H 255 5.49 18.98 -4.06
CA PHE H 255 5.21 18.98 -5.50
C PHE H 255 5.76 17.76 -6.23
N GLY H 256 6.31 16.79 -5.50
CA GLY H 256 6.74 15.54 -6.10
C GLY H 256 8.01 15.61 -6.92
N ALA H 257 9.09 16.12 -6.33
CA ALA H 257 10.41 16.19 -6.96
C ALA H 257 11.28 15.05 -6.46
N HIS H 258 12.31 14.74 -7.25
CA HIS H 258 13.20 13.62 -6.97
C HIS H 258 14.66 14.06 -6.96
N PHE H 259 14.98 15.12 -6.20
CA PHE H 259 16.37 15.54 -6.10
C PHE H 259 17.20 14.56 -5.28
N PHE H 260 16.67 14.13 -4.13
CA PHE H 260 17.39 13.20 -3.26
C PHE H 260 16.50 12.04 -2.85
N THR H 261 15.39 11.82 -3.57
CA THR H 261 14.48 10.75 -3.20
C THR H 261 15.07 9.40 -3.59
N LEU H 262 14.92 8.43 -2.69
CA LEU H 262 15.49 7.11 -2.94
C LEU H 262 14.84 6.44 -4.13
N GLU H 263 13.54 6.65 -4.31
CA GLU H 263 12.76 5.93 -5.32
C GLU H 263 13.28 6.18 -6.72
N ALA H 264 13.14 7.40 -7.21
CA ALA H 264 13.56 7.69 -8.56
C ALA H 264 15.08 7.69 -8.75
N GLY H 265 15.89 7.34 -7.74
CA GLY H 265 17.32 7.22 -7.94
C GLY H 265 18.14 8.46 -7.61
N GLY H 266 17.51 9.56 -7.22
CA GLY H 266 18.26 10.77 -6.92
C GLY H 266 19.25 10.56 -5.79
N MET H 267 20.29 11.37 -5.78
CA MET H 267 21.36 11.25 -4.80
C MET H 267 20.86 11.59 -3.40
N PRO H 268 20.76 10.62 -2.48
CA PRO H 268 20.33 10.98 -1.11
C PRO H 268 21.38 11.80 -0.38
N MET H 269 22.64 11.68 -0.77
CA MET H 269 23.71 12.44 -0.13
C MET H 269 23.85 13.84 -0.72
N LEU H 270 23.25 14.10 -1.87
CA LEU H 270 23.39 15.42 -2.49
C LEU H 270 22.78 16.50 -1.62
N TRP H 271 21.73 16.19 -0.87
CA TRP H 271 21.18 17.16 0.06
C TRP H 271 22.09 17.39 1.26
N ALA H 272 22.95 16.42 1.59
CA ALA H 272 23.85 16.61 2.72
C ALA H 272 24.86 17.72 2.43
N ASN H 273 25.46 17.71 1.23
CA ASN H 273 26.50 18.69 0.94
C ASN H 273 25.94 20.08 0.78
N LEU H 274 24.71 20.20 0.29
CA LEU H 274 24.07 21.51 0.19
C LEU H 274 23.83 22.11 1.57
N PHE H 275 23.36 21.31 2.51
CA PHE H 275 23.09 21.83 3.85
C PHE H 275 24.37 22.29 4.54
N TRP H 276 25.47 21.58 4.33
CA TRP H 276 26.71 21.89 5.04
C TRP H 276 27.54 22.95 4.34
N ILE H 277 27.40 23.10 3.02
CA ILE H 277 27.93 24.28 2.36
C ILE H 277 27.35 25.52 3.01
N TRP H 278 26.10 25.44 3.47
CA TRP H 278 25.54 26.47 4.34
C TRP H 278 25.80 26.21 5.82
N GLY H 279 25.98 24.94 6.19
CA GLY H 279 26.04 24.58 7.60
C GLY H 279 27.19 25.21 8.36
N HIS H 280 28.41 24.84 8.01
CA HIS H 280 29.57 25.31 8.74
C HIS H 280 29.87 26.80 8.53
N PRO H 281 29.64 27.38 7.35
CA PRO H 281 29.72 28.84 7.26
C PRO H 281 28.75 29.54 8.19
N GLU H 282 27.52 29.04 8.31
CA GLU H 282 26.60 29.61 9.30
C GLU H 282 27.09 29.35 10.72
N VAL H 283 27.84 28.26 10.92
CA VAL H 283 28.42 27.96 12.22
C VAL H 283 29.30 29.11 12.71
N TYR H 284 29.99 29.80 11.80
CA TYR H 284 30.80 30.96 12.16
C TYR H 284 29.98 32.23 12.32
N ILE H 285 28.81 32.30 11.68
CA ILE H 285 27.92 33.43 11.87
C ILE H 285 27.42 33.49 13.32
N VAL H 286 27.48 32.37 14.04
CA VAL H 286 27.08 32.34 15.44
C VAL H 286 28.24 32.55 16.40
N ILE H 287 29.49 32.47 15.94
CA ILE H 287 30.64 32.68 16.82
C ILE H 287 31.37 33.99 16.52
N LEU H 288 31.16 34.59 15.35
CA LEU H 288 31.83 35.86 15.04
C LEU H 288 31.37 36.98 15.97
N PRO H 289 30.06 37.30 16.06
CA PRO H 289 29.66 38.33 17.02
C PRO H 289 29.89 37.91 18.46
N ALA H 290 29.82 36.60 18.74
CA ALA H 290 30.20 36.11 20.06
C ALA H 290 31.64 36.48 20.37
N PHE H 291 32.53 36.31 19.40
CA PHE H 291 33.90 36.80 19.57
C PHE H 291 33.92 38.31 19.71
N GLY H 292 33.13 39.01 18.90
CA GLY H 292 33.11 40.46 18.97
C GLY H 292 32.56 40.96 20.30
N ILE H 293 31.42 40.42 20.72
CA ILE H 293 30.85 40.82 22.01
C ILE H 293 31.81 40.50 23.14
N PHE H 294 32.55 39.40 23.02
CA PHE H 294 33.57 39.10 24.00
C PHE H 294 34.86 39.86 23.74
N SER H 295 35.07 40.39 22.54
CA SER H 295 36.26 41.17 22.27
C SER H 295 36.18 42.54 22.92
N GLU H 296 34.97 43.10 23.01
CA GLU H 296 34.81 44.39 23.68
C GLU H 296 34.83 44.22 25.19
N ILE H 297 34.02 43.30 25.72
CA ILE H 297 33.86 43.17 27.16
C ILE H 297 35.16 42.75 27.82
N ILE H 298 35.92 41.86 27.16
CA ILE H 298 37.21 41.48 27.73
C ILE H 298 38.23 42.60 27.56
N SER H 299 37.95 43.57 26.69
CA SER H 299 38.80 44.74 26.49
C SER H 299 38.16 46.02 26.99
N SER H 300 36.95 45.97 27.55
CA SER H 300 36.29 47.15 28.08
C SER H 300 36.48 47.28 29.59
N PHE H 301 36.01 46.28 30.35
CA PHE H 301 36.22 46.29 31.79
C PHE H 301 37.65 45.95 32.18
N ALA H 302 38.48 45.57 31.22
CA ALA H 302 39.92 45.42 31.47
C ALA H 302 40.68 46.70 31.22
N ARG H 303 40.08 47.66 30.52
CA ARG H 303 40.65 49.00 30.33
C ARG H 303 42.00 48.96 29.62
N LYS H 304 42.09 48.15 28.56
CA LYS H 304 43.31 48.04 27.76
C LYS H 304 42.95 48.06 26.28
N GLN H 305 43.97 48.04 25.43
CA GLN H 305 43.77 48.05 23.99
C GLN H 305 43.91 46.62 23.44
N LEU H 306 42.99 46.25 22.55
CA LEU H 306 43.06 44.94 21.92
C LEU H 306 44.35 44.81 21.13
N PHE H 307 45.44 44.46 21.82
CA PHE H 307 46.75 44.40 21.20
C PHE H 307 46.77 43.31 20.13
N GLY H 308 46.79 43.73 18.87
CA GLY H 308 46.67 42.83 17.74
C GLY H 308 45.56 43.25 16.81
N TYR H 309 45.94 43.78 15.65
CA TYR H 309 44.97 44.14 14.62
C TYR H 309 45.45 43.63 13.27
N LYS H 310 46.73 43.86 12.99
CA LYS H 310 47.33 43.27 11.81
C LYS H 310 47.40 41.75 11.92
N ALA H 311 47.01 41.19 13.06
CA ALA H 311 46.93 39.75 13.27
C ALA H 311 45.65 39.30 13.95
N MET H 312 44.72 40.22 14.26
CA MET H 312 43.42 39.84 14.79
C MET H 312 42.29 40.15 13.81
N VAL H 313 42.23 41.38 13.30
CA VAL H 313 41.31 41.65 12.20
C VAL H 313 41.79 40.95 10.94
N GLY H 314 43.10 40.83 10.77
CA GLY H 314 43.64 39.99 9.72
C GLY H 314 43.28 38.53 9.91
N SER H 315 43.02 38.11 11.15
CA SER H 315 42.55 36.75 11.43
C SER H 315 41.04 36.63 11.32
N ILE H 316 40.32 37.74 11.40
CA ILE H 316 38.87 37.72 11.25
C ILE H 316 38.47 37.56 9.79
N ILE H 317 39.35 37.89 8.85
CA ILE H 317 39.06 37.70 7.44
C ILE H 317 39.44 36.30 6.96
N ALA H 318 40.34 35.61 7.67
CA ALA H 318 40.75 34.27 7.25
C ALA H 318 39.61 33.29 7.37
N ILE H 319 38.98 33.23 8.55
CA ILE H 319 37.82 32.37 8.73
C ILE H 319 36.63 32.80 7.90
N SER H 320 36.67 34.02 7.35
CA SER H 320 35.57 34.48 6.51
C SER H 320 35.56 33.76 5.18
N VAL H 321 36.73 33.47 4.62
CA VAL H 321 36.82 32.80 3.33
C VAL H 321 37.09 31.32 3.51
N LEU H 322 37.89 30.95 4.50
CA LEU H 322 38.23 29.57 4.76
C LEU H 322 37.09 28.79 5.43
N SER H 323 35.89 29.37 5.48
CA SER H 323 34.71 28.68 5.96
C SER H 323 34.01 27.88 4.87
N PHE H 324 34.33 28.14 3.61
CA PHE H 324 33.76 27.42 2.48
C PHE H 324 34.72 26.38 1.91
N LEU H 325 35.91 26.23 2.49
CA LEU H 325 36.85 25.20 2.07
C LEU H 325 37.00 24.12 3.13
N VAL H 326 35.97 23.93 3.94
CA VAL H 326 36.11 23.14 5.15
C VAL H 326 34.79 22.42 5.43
N TRP H 327 33.73 22.82 4.73
CA TRP H 327 32.40 22.29 4.99
C TRP H 327 32.30 20.77 4.78
N THR H 328 33.22 20.18 4.03
CA THR H 328 33.22 18.73 3.83
C THR H 328 33.80 17.97 5.04
N HIS H 329 33.95 18.64 6.17
CA HIS H 329 34.42 17.99 7.39
C HIS H 329 33.29 17.36 8.19
N HIS H 330 32.04 17.75 7.92
CA HIS H 330 30.90 17.09 8.54
C HIS H 330 30.57 15.75 7.90
N PHE H 331 31.18 15.43 6.76
CA PHE H 331 31.02 14.13 6.10
C PHE H 331 32.05 13.14 6.60
N PHE H 332 33.09 12.91 5.78
CA PHE H 332 34.19 12.01 6.07
C PHE H 332 33.73 10.56 6.18
N THR H 333 32.67 10.30 6.95
CA THR H 333 32.25 8.93 7.23
C THR H 333 31.68 8.24 5.98
N MET H 334 31.09 8.99 5.04
CA MET H 334 30.43 8.37 3.89
C MET H 334 31.41 7.95 2.78
N GLY H 335 32.69 7.77 3.10
CA GLY H 335 33.66 7.24 2.15
C GLY H 335 33.86 8.08 0.90
N ASN H 336 34.65 9.15 1.03
CA ASN H 336 34.93 10.03 -0.09
C ASN H 336 36.18 9.53 -0.82
N SER H 337 36.80 10.38 -1.65
CA SER H 337 37.92 9.98 -2.50
C SER H 337 39.26 10.00 -1.76
N ALA H 338 39.25 9.74 -0.45
CA ALA H 338 40.48 9.67 0.34
C ALA H 338 41.30 10.97 0.27
N SER H 339 41.84 11.27 -0.92
CA SER H 339 42.54 12.53 -1.12
C SER H 339 41.66 13.70 -0.76
N VAL H 340 40.38 13.65 -1.13
CA VAL H 340 39.47 14.74 -0.77
C VAL H 340 39.10 14.68 0.70
N ASN H 341 39.26 13.53 1.35
CA ASN H 341 39.06 13.43 2.79
C ASN H 341 40.30 13.84 3.56
N SER H 342 41.45 13.93 2.90
CA SER H 342 42.63 14.53 3.51
C SER H 342 42.71 16.02 3.20
N PHE H 343 42.16 16.45 2.06
CA PHE H 343 42.14 17.86 1.72
C PHE H 343 41.39 18.67 2.76
N PHE H 344 40.13 18.32 3.01
CA PHE H 344 39.34 19.05 4.00
C PHE H 344 39.74 18.71 5.42
N SER H 345 40.54 17.66 5.63
CA SER H 345 41.09 17.41 6.96
C SER H 345 42.26 18.33 7.25
N ILE H 346 43.18 18.46 6.28
CA ILE H 346 44.26 19.43 6.40
C ILE H 346 43.71 20.85 6.42
N THR H 347 42.68 21.12 5.61
CA THR H 347 42.14 22.47 5.51
C THR H 347 41.46 22.88 6.82
N THR H 348 40.78 21.94 7.48
CA THR H 348 40.09 22.27 8.72
C THR H 348 41.06 22.70 9.81
N MET H 349 42.26 22.10 9.83
CA MET H 349 43.27 22.52 10.79
C MET H 349 43.75 23.94 10.51
N ALA H 350 43.67 24.38 9.25
CA ALA H 350 44.01 25.75 8.89
C ALA H 350 42.91 26.74 9.28
N ILE H 351 41.88 26.29 10.00
CA ILE H 351 40.85 27.19 10.51
C ILE H 351 40.96 27.40 12.01
N SER H 352 41.58 26.49 12.75
CA SER H 352 41.77 26.66 14.18
C SER H 352 42.94 27.56 14.53
N ILE H 353 43.69 28.03 13.53
CA ILE H 353 44.81 28.94 13.76
C ILE H 353 44.29 30.37 13.73
N PRO H 354 43.49 30.78 12.73
CA PRO H 354 42.92 32.14 12.80
C PRO H 354 41.96 32.34 13.96
N THR H 355 41.27 31.29 14.40
CA THR H 355 40.47 31.39 15.61
C THR H 355 41.34 31.27 16.85
N GLY H 356 42.45 30.54 16.78
CA GLY H 356 43.26 30.31 17.96
C GLY H 356 43.97 31.57 18.44
N VAL H 357 44.49 32.38 17.52
CA VAL H 357 45.20 33.59 17.92
C VAL H 357 44.25 34.59 18.55
N LYS H 358 42.96 34.50 18.26
CA LYS H 358 42.00 35.44 18.83
C LYS H 358 41.72 35.14 20.30
N ILE H 359 42.09 33.96 20.80
CA ILE H 359 42.01 33.73 22.23
C ILE H 359 43.24 34.28 22.93
N PHE H 360 44.41 34.18 22.27
CA PHE H 360 45.61 34.81 22.78
C PHE H 360 45.56 36.33 22.70
N ASN H 361 44.53 36.89 22.07
CA ASN H 361 44.35 38.33 22.03
C ASN H 361 43.48 38.86 23.17
N TRP H 362 42.77 37.97 23.87
CA TRP H 362 41.97 38.39 25.02
C TRP H 362 42.72 38.23 26.34
N LEU H 363 43.75 37.39 26.39
CA LEU H 363 44.50 37.20 27.62
C LEU H 363 45.66 38.20 27.76
N PHE H 364 46.28 38.62 26.66
CA PHE H 364 47.27 39.68 26.70
C PHE H 364 46.67 41.06 26.51
N THR H 365 45.38 41.13 26.19
CA THR H 365 44.61 42.35 26.38
C THR H 365 44.03 42.41 27.78
N MET H 366 44.06 41.29 28.51
CA MET H 366 43.61 41.24 29.90
C MET H 366 44.75 41.32 30.90
N TYR H 367 46.01 41.21 30.45
CA TYR H 367 47.17 41.26 31.33
C TYR H 367 47.86 42.62 31.30
N LYS H 368 48.73 42.83 32.29
CA LYS H 368 49.42 44.08 32.58
C LYS H 368 48.44 45.18 33.02
N GLY H 369 47.21 45.14 32.50
CA GLY H 369 46.19 46.09 32.89
C GLY H 369 45.38 45.65 34.10
N ARG H 370 44.66 46.61 34.67
CA ARG H 370 43.80 46.36 35.82
C ARG H 370 42.50 45.72 35.35
N ILE H 371 41.68 45.26 36.30
CA ILE H 371 40.45 44.56 35.96
C ILE H 371 39.53 44.58 37.17
N SER H 372 38.23 44.46 36.91
CA SER H 372 37.23 44.33 37.97
C SER H 372 36.21 43.29 37.53
N PHE H 373 36.14 42.19 38.26
CA PHE H 373 35.29 41.06 37.90
C PHE H 373 33.83 41.39 38.21
N THR H 374 33.15 41.96 37.23
CA THR H 374 31.72 42.19 37.29
C THR H 374 31.01 41.04 36.58
N THR H 375 29.69 41.15 36.44
CA THR H 375 28.94 40.08 35.78
C THR H 375 29.33 39.93 34.30
N PRO H 376 29.36 40.98 33.48
CA PRO H 376 29.76 40.77 32.08
C PRO H 376 31.17 40.23 31.94
N MET H 377 32.06 40.57 32.88
CA MET H 377 33.41 39.99 32.87
C MET H 377 33.38 38.51 33.14
N LEU H 378 32.54 38.07 34.09
CA LEU H 378 32.49 36.65 34.41
C LEU H 378 32.09 35.83 33.20
N TRP H 379 31.18 36.37 32.38
CA TRP H 379 30.83 35.69 31.13
C TRP H 379 32.03 35.67 30.19
N ALA H 380 32.80 36.75 30.15
CA ALA H 380 34.04 36.75 29.37
C ALA H 380 35.16 36.01 30.08
N LEU H 381 35.17 36.03 31.42
CA LEU H 381 36.14 35.23 32.16
C LEU H 381 35.94 33.75 31.89
N ALA H 382 34.69 33.29 31.94
CA ALA H 382 34.39 31.89 31.67
C ALA H 382 34.42 31.58 30.19
N PHE H 383 34.34 32.60 29.33
CA PHE H 383 34.41 32.37 27.89
C PHE H 383 35.81 31.97 27.45
N ILE H 384 36.85 32.48 28.12
CA ILE H 384 38.22 32.14 27.73
C ILE H 384 38.49 30.64 27.87
N PRO H 385 38.25 30.01 29.05
CA PRO H 385 38.58 28.58 29.15
C PRO H 385 37.56 27.70 28.47
N ASN H 386 36.28 27.92 28.79
CA ASN H 386 35.23 27.01 28.33
C ASN H 386 35.20 26.91 26.81
N PHE H 387 35.47 28.03 26.12
CA PHE H 387 35.52 27.97 24.66
C PHE H 387 36.75 27.21 24.19
N VAL H 388 37.85 27.27 24.95
CA VAL H 388 39.04 26.52 24.58
C VAL H 388 38.87 25.04 24.91
N ILE H 389 38.25 24.73 26.06
CA ILE H 389 38.04 23.32 26.42
C ILE H 389 37.17 22.64 25.38
N GLY H 390 36.26 23.37 24.75
CA GLY H 390 35.54 22.83 23.61
C GLY H 390 36.30 22.94 22.31
N GLY H 391 37.20 23.93 22.20
CA GLY H 391 37.99 24.06 20.99
C GLY H 391 39.12 23.05 20.92
N VAL H 392 39.61 22.57 22.07
CA VAL H 392 40.65 21.55 22.08
C VAL H 392 40.10 20.16 21.82
N THR H 393 38.81 20.03 21.56
CA THR H 393 38.22 18.76 21.15
C THR H 393 37.81 18.74 19.69
N GLY H 394 37.33 19.87 19.16
CA GLY H 394 36.99 19.92 17.74
C GLY H 394 38.18 19.77 16.83
N VAL H 395 39.37 20.18 17.28
CA VAL H 395 40.59 19.93 16.53
C VAL H 395 40.75 18.44 16.27
N MET H 396 40.42 17.60 17.27
CA MET H 396 40.46 16.16 17.06
C MET H 396 39.45 15.71 16.01
N LEU H 397 38.28 16.36 15.97
CA LEU H 397 37.27 16.02 14.97
C LEU H 397 37.75 16.29 13.55
N ALA H 398 38.69 17.23 13.38
CA ALA H 398 39.17 17.55 12.04
C ALA H 398 40.04 16.46 11.46
N MET H 399 40.65 15.61 12.28
CA MET H 399 41.48 14.52 11.79
C MET H 399 40.58 13.46 11.18
N ALA H 400 40.57 13.40 9.84
CA ALA H 400 39.69 12.45 9.15
C ALA H 400 40.09 11.01 9.45
N ALA H 401 41.37 10.76 9.75
CA ALA H 401 41.79 9.41 10.08
C ALA H 401 41.22 8.93 11.40
N ALA H 402 40.90 9.86 12.31
CA ALA H 402 40.34 9.51 13.61
C ALA H 402 38.87 9.91 13.78
N ASP H 403 38.29 10.62 12.81
CA ASP H 403 36.89 11.02 12.94
C ASP H 403 35.93 9.84 12.86
N TYR H 404 36.36 8.72 12.27
CA TYR H 404 35.49 7.58 12.08
C TYR H 404 35.08 6.89 13.38
N GLN H 405 35.87 7.04 14.44
CA GLN H 405 35.54 6.39 15.71
C GLN H 405 34.54 7.18 16.54
N TYR H 406 34.70 8.50 16.60
CA TYR H 406 33.82 9.35 17.42
C TYR H 406 32.84 10.17 16.59
N HIS H 407 32.37 9.64 15.48
CA HIS H 407 31.25 10.25 14.77
C HIS H 407 29.95 9.97 15.52
N ASN H 408 29.14 11.00 15.72
CA ASN H 408 27.93 10.95 16.55
C ASN H 408 28.38 10.62 17.96
N THR H 409 27.88 9.56 18.59
CA THR H 409 28.22 9.11 19.94
C THR H 409 28.59 10.22 20.91
N TYR H 410 27.66 11.14 21.16
CA TYR H 410 27.72 12.09 22.27
C TYR H 410 29.00 12.93 22.34
N PHE H 411 30.15 12.29 22.15
CA PHE H 411 31.42 13.02 22.10
C PHE H 411 31.36 14.16 21.08
N LEU H 412 30.63 13.97 19.97
CA LEU H 412 30.39 15.07 19.06
C LEU H 412 29.47 16.11 19.69
N VAL H 413 28.40 15.65 20.34
CA VAL H 413 27.51 16.55 21.05
C VAL H 413 28.26 17.30 22.14
N SER H 414 29.19 16.62 22.81
CA SER H 414 29.92 17.23 23.91
C SER H 414 30.93 18.28 23.43
N HIS H 415 31.49 18.09 22.23
CA HIS H 415 32.42 19.07 21.68
C HIS H 415 31.76 20.43 21.53
N PHE H 416 30.70 20.49 20.74
CA PHE H 416 30.18 21.78 20.30
C PHE H 416 29.39 22.48 21.39
N HIS H 417 28.74 21.72 22.28
CA HIS H 417 28.07 22.34 23.42
C HIS H 417 29.06 23.15 24.26
N TYR H 418 30.30 22.70 24.37
CA TYR H 418 31.34 23.54 24.97
C TYR H 418 31.70 24.72 24.07
N VAL H 419 31.64 24.54 22.76
CA VAL H 419 32.10 25.58 21.85
C VAL H 419 31.10 26.72 21.76
N LEU H 420 29.82 26.39 21.60
CA LEU H 420 28.83 27.42 21.32
C LEU H 420 28.26 28.08 22.57
N ILE H 421 27.90 27.27 23.59
CA ILE H 421 27.32 27.83 24.80
C ILE H 421 28.31 28.75 25.50
N ALA H 422 29.57 28.32 25.58
CA ALA H 422 30.61 29.21 26.09
C ALA H 422 30.87 30.37 25.15
N GLY H 423 30.80 30.13 23.84
CA GLY H 423 31.03 31.16 22.86
C GLY H 423 29.88 32.14 22.72
N THR H 424 28.73 31.66 22.25
CA THR H 424 27.63 32.56 21.91
C THR H 424 26.68 32.81 23.07
N VAL H 425 26.24 31.74 23.76
CA VAL H 425 25.26 31.91 24.83
C VAL H 425 25.82 32.76 25.96
N PHE H 426 27.12 32.65 26.22
CA PHE H 426 27.74 33.54 27.20
C PHE H 426 27.80 34.97 26.66
N ALA H 427 28.20 35.15 25.40
CA ALA H 427 28.16 36.47 24.79
C ALA H 427 26.73 36.99 24.70
N CYS H 428 25.78 36.08 24.47
CA CYS H 428 24.37 36.47 24.54
C CYS H 428 23.97 36.84 25.95
N PHE H 429 24.59 36.22 26.95
CA PHE H 429 24.39 36.66 28.33
C PHE H 429 25.28 37.84 28.66
N ALA H 430 26.50 37.87 28.09
CA ALA H 430 27.35 39.05 28.25
C ALA H 430 26.72 40.26 27.57
N GLY H 431 26.33 40.10 26.30
CA GLY H 431 25.61 41.16 25.61
C GLY H 431 24.26 41.47 26.23
N PHE H 432 23.65 40.51 26.94
CA PHE H 432 22.38 40.77 27.60
C PHE H 432 22.56 41.79 28.73
N ILE H 433 23.57 41.58 29.57
CA ILE H 433 23.75 42.39 30.76
C ILE H 433 24.63 43.61 30.47
N PHE H 434 25.70 43.43 29.70
CA PHE H 434 26.64 44.52 29.46
C PHE H 434 25.98 45.66 28.69
N TRP H 435 24.95 45.38 27.89
CA TRP H 435 24.23 46.40 27.14
C TRP H 435 22.77 46.47 27.52
N TYR H 436 22.47 46.24 28.80
CA TYR H 436 21.12 46.38 29.31
C TYR H 436 20.80 47.84 29.61
N PRO H 437 21.72 48.63 30.18
CA PRO H 437 21.43 50.07 30.38
C PRO H 437 21.09 50.82 29.11
N LYS H 438 21.44 50.29 27.93
CA LYS H 438 21.01 50.92 26.68
C LYS H 438 19.53 50.70 26.46
N MET H 439 18.98 49.59 26.96
CA MET H 439 17.62 49.19 26.64
C MET H 439 16.59 49.88 27.54
N PHE H 440 16.90 50.03 28.82
CA PHE H 440 16.03 50.73 29.74
C PHE H 440 16.90 51.25 30.90
N GLY H 441 16.25 51.83 31.91
CA GLY H 441 16.98 52.43 33.00
C GLY H 441 17.63 51.41 33.91
N HIS H 442 18.68 51.88 34.60
CA HIS H 442 19.49 51.06 35.50
C HIS H 442 20.02 49.80 34.80
N LYS H 443 20.40 48.80 35.60
CA LYS H 443 20.91 47.55 35.05
C LYS H 443 20.49 46.41 35.99
N LEU H 444 21.11 45.25 35.79
CA LEU H 444 20.81 44.07 36.58
C LEU H 444 21.55 44.11 37.92
N ASN H 445 20.95 43.48 38.93
CA ASN H 445 21.59 43.39 40.25
C ASN H 445 22.83 42.51 40.17
N GLU H 446 23.97 43.06 40.56
CA GLU H 446 25.24 42.38 40.34
C GLU H 446 25.44 41.22 41.30
N ARG H 447 25.21 41.44 42.59
CA ARG H 447 25.57 40.43 43.60
C ARG H 447 24.77 39.14 43.39
N ILE H 448 23.47 39.25 43.12
CA ILE H 448 22.68 38.06 42.84
C ILE H 448 22.80 37.63 41.38
N GLY H 449 23.26 38.53 40.50
CA GLY H 449 23.63 38.10 39.17
C GLY H 449 24.87 37.23 39.14
N LYS H 450 25.72 37.35 40.16
CA LYS H 450 26.83 36.42 40.31
C LYS H 450 26.34 35.02 40.66
N TRP H 451 25.25 34.90 41.42
CA TRP H 451 24.68 33.59 41.71
C TRP H 451 24.23 32.90 40.43
N PHE H 452 23.75 33.66 39.45
CA PHE H 452 23.36 33.06 38.18
C PHE H 452 24.57 32.63 37.37
N PHE H 453 25.66 33.39 37.43
CA PHE H 453 26.84 33.03 36.66
C PHE H 453 27.46 31.73 37.18
N TRP H 454 27.65 31.62 38.50
CA TRP H 454 28.39 30.50 39.06
C TRP H 454 27.63 29.20 38.86
N ILE H 455 26.34 29.19 39.19
CA ILE H 455 25.56 27.96 39.08
C ILE H 455 25.43 27.54 37.62
N PHE H 456 25.25 28.51 36.72
CA PHE H 456 25.17 28.19 35.30
C PHE H 456 26.53 27.75 34.76
N MET H 457 27.61 28.21 35.39
CA MET H 457 28.95 27.86 34.94
C MET H 457 29.36 26.48 35.44
N ILE H 458 29.11 26.19 36.73
CA ILE H 458 29.55 24.92 37.27
C ILE H 458 28.68 23.78 36.75
N GLY H 459 27.38 24.03 36.56
CA GLY H 459 26.52 23.03 35.95
C GLY H 459 26.81 22.81 34.49
N PHE H 460 27.49 23.76 33.85
CA PHE H 460 27.81 23.64 32.43
C PHE H 460 28.83 22.53 32.19
N ASN H 461 29.77 22.35 33.12
CA ASN H 461 30.84 21.38 32.90
C ASN H 461 30.43 19.97 33.30
N ILE H 462 29.73 19.80 34.42
CA ILE H 462 29.31 18.47 34.85
C ILE H 462 28.17 17.98 33.99
N CYS H 463 27.84 18.74 32.95
CA CYS H 463 26.79 18.37 32.01
C CYS H 463 27.34 17.71 30.75
N PHE H 464 28.41 18.26 30.18
CA PHE H 464 28.91 17.79 28.90
C PHE H 464 30.29 17.14 28.97
N PHE H 465 30.99 17.28 30.10
CA PHE H 465 32.27 16.62 30.25
C PHE H 465 32.07 15.13 30.53
N PRO H 466 31.08 14.73 31.34
CA PRO H 466 30.73 13.30 31.37
C PRO H 466 30.26 12.75 30.04
N GLN H 467 29.72 13.60 29.15
CA GLN H 467 29.38 13.11 27.81
C GLN H 467 30.63 12.84 26.99
N TYR H 468 31.75 13.51 27.31
CA TYR H 468 33.02 13.13 26.71
C TYR H 468 33.38 11.70 27.08
N PHE H 469 33.03 11.28 28.30
CA PHE H 469 33.20 9.88 28.69
C PHE H 469 32.03 9.01 28.26
N LEU H 470 30.80 9.56 28.26
CA LEU H 470 29.66 8.81 27.73
C LEU H 470 29.89 8.42 26.28
N GLY H 471 30.34 9.38 25.46
CA GLY H 471 30.50 9.11 24.05
C GLY H 471 31.68 8.19 23.76
N LEU H 472 32.77 8.35 24.51
CA LEU H 472 33.95 7.52 24.27
C LEU H 472 33.73 6.08 24.72
N GLN H 473 32.94 5.88 25.77
CA GLN H 473 32.70 4.53 26.26
C GLN H 473 31.77 3.75 25.33
N GLY H 474 30.73 4.40 24.80
CA GLY H 474 29.90 3.76 23.81
C GLY H 474 28.43 4.11 23.89
N MET H 475 28.12 5.40 24.03
CA MET H 475 26.73 5.84 24.05
C MET H 475 26.46 6.69 22.81
N PRO H 476 25.86 6.14 21.77
CA PRO H 476 25.57 6.93 20.57
C PRO H 476 24.55 8.01 20.85
N ARG H 477 24.43 8.92 19.90
CA ARG H 477 23.50 10.02 20.01
C ARG H 477 22.13 9.61 19.48
N ARG H 478 21.13 10.41 19.83
CA ARG H 478 19.75 10.21 19.39
C ARG H 478 19.22 8.85 19.86
N ILE H 479 19.31 8.62 21.17
CA ILE H 479 18.92 7.36 21.79
C ILE H 479 18.16 7.68 23.07
N TYR H 480 17.02 7.00 23.28
CA TYR H 480 16.16 7.28 24.42
C TYR H 480 16.37 6.35 25.60
N THR H 481 17.10 5.26 25.45
CA THR H 481 17.45 4.40 26.58
C THR H 481 18.81 3.78 26.32
N TYR H 482 19.69 3.86 27.31
CA TYR H 482 21.05 3.37 27.12
C TYR H 482 21.15 1.88 27.38
N GLY H 483 20.63 1.42 28.51
CA GLY H 483 20.77 0.04 28.90
C GLY H 483 21.97 -0.11 29.82
N PRO H 484 21.92 -1.08 30.73
CA PRO H 484 23.06 -1.31 31.62
C PRO H 484 24.27 -1.81 30.86
N ASN H 485 25.09 -0.89 30.37
CA ASN H 485 26.28 -1.19 29.58
C ASN H 485 27.51 -0.77 30.36
N ASP H 486 28.19 -1.75 30.97
CA ASP H 486 29.46 -1.54 31.67
C ASP H 486 29.35 -0.48 32.78
N GLY H 487 28.19 -0.41 33.42
CA GLY H 487 28.01 0.58 34.48
C GLY H 487 28.06 2.01 33.99
N TRP H 488 27.74 2.23 32.72
CA TRP H 488 27.71 3.57 32.13
C TRP H 488 26.33 4.19 32.24
N THR H 489 25.65 3.91 33.36
CA THR H 489 24.39 4.55 33.69
C THR H 489 24.62 5.86 34.44
N THR H 490 25.63 5.88 35.32
CA THR H 490 25.88 7.06 36.14
C THR H 490 26.44 8.21 35.31
N LEU H 491 27.33 7.91 34.35
CA LEU H 491 27.82 8.96 33.46
C LEU H 491 26.69 9.59 32.66
N ASN H 492 25.65 8.81 32.36
CA ASN H 492 24.46 9.33 31.71
C ASN H 492 23.59 10.10 32.71
N PHE H 493 23.53 9.60 33.94
CA PHE H 493 22.77 10.28 34.99
C PHE H 493 23.49 11.55 35.46
N ILE H 494 24.82 11.49 35.61
CA ILE H 494 25.59 12.69 35.98
C ILE H 494 25.40 13.77 34.92
N SER H 495 25.48 13.40 33.64
CA SER H 495 25.23 14.38 32.59
C SER H 495 23.83 14.97 32.72
N THR H 496 22.87 14.19 33.20
CA THR H 496 21.52 14.69 33.42
C THR H 496 21.47 15.55 34.68
N VAL H 497 22.20 15.16 35.73
CA VAL H 497 22.29 15.98 36.92
C VAL H 497 22.92 17.32 36.60
N GLY H 498 24.07 17.29 35.91
CA GLY H 498 24.67 18.52 35.44
C GLY H 498 23.77 19.28 34.49
N ALA H 499 22.93 18.56 33.74
CA ALA H 499 21.94 19.21 32.88
C ALA H 499 20.93 19.99 33.71
N PHE H 500 20.40 19.35 34.75
CA PHE H 500 19.40 19.99 35.60
C PHE H 500 19.97 21.14 36.42
N MET H 501 21.29 21.23 36.55
CA MET H 501 21.88 22.31 37.34
C MET H 501 21.87 23.63 36.57
N MET H 502 22.14 23.60 35.27
CA MET H 502 22.09 24.83 34.47
C MET H 502 20.68 25.38 34.39
N GLY H 503 19.67 24.50 34.41
CA GLY H 503 18.30 24.97 34.50
C GLY H 503 18.08 25.87 35.69
N VAL H 504 18.60 25.45 36.85
CA VAL H 504 18.64 26.32 38.03
C VAL H 504 19.48 27.53 37.67
N GLY H 505 18.84 28.68 37.53
CA GLY H 505 19.52 29.86 37.06
C GLY H 505 18.68 30.65 36.08
N PHE H 506 18.05 29.97 35.13
CA PHE H 506 17.15 30.69 34.22
C PHE H 506 15.98 31.30 34.97
N LEU H 507 15.57 30.69 36.09
CA LEU H 507 14.63 31.36 36.98
C LEU H 507 15.27 32.58 37.61
N ILE H 508 16.57 32.49 37.95
CA ILE H 508 17.28 33.63 38.50
C ILE H 508 17.45 34.72 37.45
N LEU H 509 17.76 34.33 36.21
CA LEU H 509 17.91 35.31 35.13
C LEU H 509 16.62 36.10 34.93
N CYS H 510 15.48 35.42 34.98
CA CYS H 510 14.19 36.10 34.82
C CYS H 510 13.79 36.86 36.09
N TYR H 511 14.21 36.37 37.26
CA TYR H 511 13.97 37.13 38.47
C TYR H 511 14.76 38.43 38.44
N ASN H 512 15.97 38.39 37.88
CA ASN H 512 16.74 39.61 37.67
C ASN H 512 16.04 40.55 36.70
N ILE H 513 15.33 40.00 35.71
CA ILE H 513 14.55 40.84 34.79
C ILE H 513 13.31 41.37 35.47
N TYR H 514 12.85 40.74 36.54
CA TYR H 514 11.67 41.20 37.26
C TYR H 514 11.88 42.57 37.90
N TYR H 515 13.14 43.00 38.05
CA TYR H 515 13.45 44.33 38.59
C TYR H 515 13.13 45.37 37.53
N SER H 516 11.83 45.68 37.39
CA SER H 516 11.36 46.63 36.39
C SER H 516 10.03 47.25 36.79
N GLY H 530 29.65 51.94 34.97
CA GLY H 530 30.16 51.38 33.73
C GLY H 530 31.40 52.06 33.22
N VAL H 531 32.30 51.29 32.62
CA VAL H 531 33.56 51.80 32.10
C VAL H 531 33.57 51.68 30.58
N GLY H 532 32.70 52.44 29.92
CA GLY H 532 32.57 52.34 28.48
C GLY H 532 33.82 52.79 27.74
N ARG H 533 34.02 52.21 26.55
CA ARG H 533 35.15 52.58 25.72
C ARG H 533 34.77 52.82 24.26
N THR H 534 33.49 52.76 23.92
CA THR H 534 33.01 53.11 22.59
C THR H 534 31.76 53.98 22.77
N LEU H 535 30.96 54.07 21.72
CA LEU H 535 29.79 54.95 21.73
C LEU H 535 28.61 54.32 22.45
N ASP H 536 28.86 53.50 23.47
CA ASP H 536 27.79 52.87 24.23
C ASP H 536 27.12 53.89 25.16
N TRP H 537 27.83 54.29 26.21
CA TRP H 537 27.32 55.30 27.14
C TRP H 537 27.59 56.72 26.67
N ALA H 538 28.08 56.90 25.44
CA ALA H 538 28.31 58.23 24.88
C ALA H 538 27.02 58.98 24.56
N THR H 539 25.88 58.34 24.80
CA THR H 539 24.58 58.93 24.52
C THR H 539 24.29 60.08 25.49
N SER H 540 23.30 60.89 25.12
CA SER H 540 22.96 62.07 25.92
C SER H 540 22.59 61.69 27.34
N SER H 541 22.07 60.50 27.55
CA SER H 541 21.71 60.00 28.87
C SER H 541 21.47 58.49 28.74
N ALA H 542 20.99 57.88 29.82
CA ALA H 542 20.46 56.53 29.70
C ALA H 542 19.27 56.52 28.76
N ILE H 543 18.88 55.32 28.34
CA ILE H 543 17.94 55.07 27.25
C ILE H 543 18.11 56.15 26.17
N PRO H 544 19.04 55.96 25.25
CA PRO H 544 19.30 56.99 24.26
C PRO H 544 18.04 57.29 23.45
N PRO H 545 17.88 58.50 23.00
CA PRO H 545 16.62 58.87 22.37
C PRO H 545 16.49 58.29 20.97
N HIS H 546 15.39 58.59 20.29
CA HIS H 546 15.14 58.01 18.98
C HIS H 546 16.23 58.40 17.99
N TYR H 547 16.53 59.70 17.92
CA TYR H 547 17.53 60.19 16.98
C TYR H 547 18.94 59.71 17.29
N ASN H 548 19.19 59.26 18.53
CA ASN H 548 20.50 58.79 19.02
C ASN H 548 21.68 59.63 18.53
N PHE H 549 22.23 60.45 19.43
CA PHE H 549 23.34 61.39 19.18
C PHE H 549 22.84 62.60 18.39
N ALA H 550 22.86 63.78 19.02
CA ALA H 550 22.40 64.97 18.33
C ALA H 550 23.39 65.41 17.25
N VAL H 551 24.68 65.35 17.56
CA VAL H 551 25.74 65.64 16.59
C VAL H 551 26.56 64.37 16.37
N LEU H 552 27.10 64.23 15.17
CA LEU H 552 27.90 63.06 14.83
C LEU H 552 29.32 63.22 15.37
N PRO H 553 29.87 62.21 16.06
CA PRO H 553 31.24 62.33 16.58
C PRO H 553 32.26 62.27 15.46
N GLU H 554 33.35 63.01 15.65
CA GLU H 554 34.46 63.00 14.68
C GLU H 554 35.40 61.82 14.89
N VAL H 555 35.58 61.37 16.12
CA VAL H 555 36.44 60.23 16.47
C VAL H 555 37.88 60.52 16.06
N LYS H 556 38.25 60.13 14.83
CA LYS H 556 39.61 60.31 14.29
C LYS H 556 40.66 59.61 15.14
N SER H 557 40.28 58.48 15.74
CA SER H 557 41.19 57.67 16.54
C SER H 557 40.56 56.28 16.66
N GLN H 558 41.23 55.40 17.41
CA GLN H 558 40.78 54.02 17.46
C GLN H 558 39.62 53.85 18.43
N ASP H 559 39.75 54.35 19.66
CA ASP H 559 38.70 54.30 20.66
C ASP H 559 38.15 55.70 20.89
N ALA H 560 36.84 55.86 20.75
CA ALA H 560 36.26 57.20 20.75
C ALA H 560 36.00 57.72 22.16
N PHE H 561 35.48 56.88 23.07
CA PHE H 561 34.98 57.42 24.33
C PHE H 561 36.11 57.86 25.26
N LEU H 562 37.21 57.10 25.31
CA LEU H 562 38.29 57.45 26.23
C LEU H 562 38.99 58.72 25.77
N HIS H 563 39.22 58.85 24.46
CA HIS H 563 39.72 60.11 23.92
C HIS H 563 38.68 61.22 24.01
N MET H 564 37.43 60.89 24.37
CA MET H 564 36.38 61.88 24.60
C MET H 564 35.97 61.97 26.06
N LYS H 565 36.88 61.65 26.99
CA LYS H 565 36.55 61.78 28.40
C LYS H 565 37.71 62.45 29.14
N GLU H 566 38.79 61.70 29.35
CA GLU H 566 39.98 62.28 29.96
C GLU H 566 40.65 63.26 29.00
N GLU H 567 40.84 62.84 27.74
CA GLU H 567 41.37 63.72 26.71
C GLU H 567 40.26 64.67 26.30
N LYS H 568 40.37 65.94 26.68
CA LYS H 568 39.37 66.96 26.39
C LYS H 568 38.01 66.58 26.95
N THR H 569 36.93 67.12 26.37
CA THR H 569 35.59 66.77 26.85
C THR H 569 34.68 66.33 25.72
N GLU H 570 34.31 67.27 24.84
CA GLU H 570 33.47 67.02 23.67
C GLU H 570 32.06 66.52 24.04
N LEU H 571 31.05 67.34 23.82
CA LEU H 571 29.69 66.99 24.19
C LEU H 571 28.73 67.24 23.02
N TYR H 572 27.47 67.47 23.33
CA TYR H 572 26.50 67.84 22.31
C TYR H 572 26.09 69.29 22.52
N PRO H 573 26.86 70.24 22.01
CA PRO H 573 26.56 71.65 22.29
C PRO H 573 25.32 72.12 21.55
N GLU H 574 24.50 72.90 22.25
CA GLU H 574 23.34 73.52 21.65
C GLU H 574 23.78 74.52 20.58
N SER H 575 22.82 74.95 19.76
CA SER H 575 23.00 75.84 18.60
C SER H 575 23.81 75.19 17.49
N LYS H 576 24.29 73.97 17.66
CA LYS H 576 24.94 73.20 16.61
C LYS H 576 24.07 72.04 16.14
N PHE H 577 22.82 72.03 16.56
CA PHE H 577 21.89 71.00 16.15
C PHE H 577 21.41 71.30 14.73
N LYS H 578 20.62 70.38 14.17
CA LYS H 578 20.05 70.57 12.85
C LYS H 578 18.73 69.84 12.76
N LYS H 579 18.38 69.37 11.56
CA LYS H 579 17.05 68.80 11.35
C LYS H 579 17.03 67.33 11.79
N ILE H 580 15.91 66.65 11.54
CA ILE H 580 15.71 65.26 11.97
C ILE H 580 15.92 64.31 10.79
N HIS H 581 15.78 63.00 11.05
CA HIS H 581 15.93 61.99 10.00
C HIS H 581 14.62 61.62 9.31
N MET H 582 13.55 61.41 10.07
CA MET H 582 12.22 61.05 9.59
C MET H 582 12.20 59.78 8.73
N PRO H 583 12.55 58.60 9.28
CA PRO H 583 12.20 57.35 8.57
C PRO H 583 11.07 56.61 9.27
N SER H 584 9.84 57.03 9.01
CA SER H 584 8.68 56.59 9.80
C SER H 584 8.28 55.14 9.46
N ASN H 585 7.18 54.70 10.09
CA ASN H 585 6.74 53.32 10.06
C ASN H 585 5.84 53.02 8.86
N SER H 586 5.87 51.75 8.43
CA SER H 586 4.98 51.25 7.37
C SER H 586 4.45 49.88 7.78
N GLY H 587 3.14 49.71 7.67
CA GLY H 587 2.49 48.47 8.07
C GLY H 587 2.59 47.31 7.11
N ARG H 588 3.37 47.44 6.04
CA ARG H 588 3.44 46.41 5.01
C ARG H 588 4.31 45.22 5.44
N PRO H 589 5.49 45.44 6.05
CA PRO H 589 6.27 44.28 6.51
C PRO H 589 5.49 43.31 7.39
N PHE H 590 4.58 43.81 8.21
CA PHE H 590 3.71 42.92 8.99
C PHE H 590 2.76 42.17 8.08
N PHE H 591 2.04 42.90 7.21
CA PHE H 591 1.15 42.25 6.27
C PHE H 591 1.92 41.42 5.25
N MET H 592 3.14 41.82 4.91
CA MET H 592 3.94 40.99 4.00
C MET H 592 4.36 39.71 4.70
N SER H 593 4.73 39.80 5.97
CA SER H 593 5.15 38.62 6.70
C SER H 593 3.97 37.73 7.09
N VAL H 594 2.80 38.33 7.32
CA VAL H 594 1.59 37.54 7.52
C VAL H 594 1.26 36.74 6.26
N ALA H 595 1.44 37.36 5.09
CA ALA H 595 1.27 36.64 3.84
C ALA H 595 2.26 35.48 3.73
N PHE H 596 3.52 35.71 4.13
CA PHE H 596 4.50 34.63 4.13
C PHE H 596 4.15 33.57 5.17
N GLY H 597 3.69 33.99 6.35
CA GLY H 597 3.26 33.03 7.35
C GLY H 597 1.99 32.30 6.97
N LEU H 598 1.13 32.93 6.17
CA LEU H 598 -0.12 32.32 5.75
C LEU H 598 0.12 31.23 4.70
N ALA H 599 0.87 31.56 3.65
CA ALA H 599 1.13 30.58 2.60
C ALA H 599 1.93 29.38 3.13
N GLY H 600 2.88 29.64 4.03
CA GLY H 600 3.65 28.54 4.60
C GLY H 600 2.78 27.56 5.37
N PHE H 601 1.95 28.08 6.27
CA PHE H 601 1.06 27.22 7.04
C PHE H 601 0.08 26.48 6.14
N GLY H 602 -0.38 27.14 5.07
CA GLY H 602 -1.31 26.48 4.17
C GLY H 602 -0.67 25.36 3.38
N LEU H 603 0.63 25.46 3.08
CA LEU H 603 1.32 24.38 2.41
C LEU H 603 1.73 23.28 3.37
N VAL H 604 1.98 23.62 4.63
CA VAL H 604 2.44 22.65 5.61
C VAL H 604 1.26 21.80 6.10
N PHE H 605 0.31 22.44 6.77
CA PHE H 605 -0.83 21.75 7.37
C PHE H 605 -1.70 21.18 6.26
N GLU H 606 -1.59 19.88 6.04
CA GLU H 606 -2.25 19.16 4.93
C GLU H 606 -1.91 19.89 3.63
N TRP H 607 -2.79 19.80 2.63
CA TRP H 607 -2.55 20.36 1.30
C TRP H 607 -1.27 19.78 0.69
N TYR H 608 -1.33 18.47 0.43
CA TYR H 608 -0.16 17.73 -0.03
C TYR H 608 0.22 18.12 -1.46
N TRP H 609 -0.66 17.81 -2.41
CA TRP H 609 -0.33 18.00 -3.81
C TRP H 609 -0.24 19.48 -4.17
N MET H 610 -1.30 20.23 -3.90
CA MET H 610 -1.31 21.66 -4.15
C MET H 610 -1.95 22.37 -2.98
N GLY H 611 -1.70 23.67 -2.88
CA GLY H 611 -2.21 24.45 -1.76
C GLY H 611 -3.29 25.43 -2.20
N VAL H 612 -4.46 25.33 -1.59
CA VAL H 612 -5.53 26.27 -1.87
C VAL H 612 -5.19 27.63 -1.27
N VAL H 613 -4.75 27.64 -0.02
CA VAL H 613 -4.38 28.89 0.63
C VAL H 613 -2.89 29.20 0.49
N GLY H 614 -2.08 28.23 0.08
CA GLY H 614 -0.66 28.50 -0.12
C GLY H 614 -0.37 29.43 -1.28
N LEU H 615 -1.23 29.43 -2.30
CA LEU H 615 -1.06 30.32 -3.44
C LEU H 615 -1.48 31.75 -3.14
N ILE H 616 -2.36 31.95 -2.15
CA ILE H 616 -2.84 33.29 -1.84
C ILE H 616 -1.73 34.14 -1.22
N GLY H 617 -0.92 33.55 -0.35
CA GLY H 617 0.19 34.28 0.25
C GLY H 617 1.13 34.89 -0.77
N VAL H 618 1.44 34.14 -1.82
CA VAL H 618 2.26 34.68 -2.91
C VAL H 618 1.54 35.84 -3.58
N LEU H 619 0.22 35.74 -3.72
CA LEU H 619 -0.53 36.82 -4.35
C LEU H 619 -0.47 38.08 -3.51
N LEU H 620 -0.56 37.96 -2.18
CA LEU H 620 -0.50 39.14 -1.34
C LEU H 620 0.89 39.74 -1.34
N CYS H 621 1.93 38.90 -1.34
CA CYS H 621 3.29 39.41 -1.38
C CYS H 621 3.58 40.13 -2.69
N MET H 622 3.19 39.52 -3.82
CA MET H 622 3.42 40.16 -5.12
C MET H 622 2.59 41.42 -5.26
N VAL H 623 1.42 41.47 -4.62
CA VAL H 623 0.69 42.73 -4.56
C VAL H 623 1.44 43.73 -3.70
N LEU H 624 2.07 43.24 -2.63
CA LEU H 624 2.87 44.10 -1.77
C LEU H 624 4.22 44.46 -2.40
N ARG H 625 4.80 43.58 -3.22
CA ARG H 625 6.05 43.90 -3.91
C ARG H 625 5.86 44.92 -5.01
N SER H 626 4.66 45.04 -5.57
CA SER H 626 4.36 46.17 -6.42
C SER H 626 4.25 47.44 -5.59
N PHE H 627 3.65 47.33 -4.41
CA PHE H 627 3.60 48.42 -3.45
C PHE H 627 4.99 48.84 -2.97
N GLU H 628 5.98 47.96 -3.11
CA GLU H 628 7.35 48.30 -2.73
C GLU H 628 7.88 49.46 -3.56
N TYR H 629 7.71 49.39 -4.89
CA TYR H 629 8.17 50.43 -5.80
C TYR H 629 7.00 51.20 -6.42
N ASP H 630 5.95 51.41 -5.63
CA ASP H 630 4.87 52.31 -5.99
C ASP H 630 4.59 53.29 -4.86
N ASN H 631 5.44 53.32 -3.84
CA ASN H 631 5.29 54.17 -2.66
C ASN H 631 6.49 55.12 -2.57
N GLY H 632 6.23 56.42 -2.68
CA GLY H 632 7.28 57.41 -2.57
C GLY H 632 7.43 57.95 -1.16
N TYR H 633 8.67 58.00 -0.68
CA TYR H 633 8.96 58.49 0.66
C TYR H 633 10.30 59.22 0.72
FE HEA I . -34.00 -13.78 -9.78
CHA HEA I . -30.92 -12.50 -10.12
CHB HEA I . -35.66 -11.01 -10.87
CHC HEA I . -36.82 -14.90 -8.16
CHD HEA I . -32.75 -17.01 -9.93
NA HEA I . -33.38 -11.95 -10.17
C1A HEA I . -32.04 -11.84 -10.79
C2A HEA I . -32.00 -10.97 -12.01
C3A HEA I . -33.42 -10.57 -12.19
C4A HEA I . -34.22 -11.19 -11.09
CMA HEA I . -33.94 -9.70 -13.28
OMA HEA I . -34.82 -8.87 -13.06
CAA HEA I . -30.83 -10.61 -12.90
CBA HEA I . -29.94 -9.54 -12.27
CGA HEA I . -29.14 -8.82 -13.34
O1A HEA I . -28.84 -7.62 -13.18
O2A HEA I . -28.83 -9.47 -14.37
NB HEA I . -35.96 -13.06 -9.55
C1B HEA I . -36.48 -11.92 -10.05
C2B HEA I . -37.92 -11.68 -9.72
C3B HEA I . -38.26 -12.86 -8.91
C4B HEA I . -36.98 -13.62 -8.87
CMB HEA I . -38.81 -10.53 -10.10
NC HEA I . -34.68 -15.67 -9.15
C1C HEA I . -35.85 -15.95 -8.53
C2C HEA I . -36.08 -17.38 -8.19
C3C HEA I . -34.86 -18.00 -8.73
C4C HEA I . -34.08 -16.87 -9.29
CMC HEA I . -37.28 -17.98 -7.50
CAC HEA I . -34.45 -19.43 -8.73
CBC HEA I . -34.91 -20.30 -7.84
ND HEA I . -32.09 -14.62 -9.99
C1D HEA I . -31.74 -15.92 -10.02
C2D HEA I . -30.29 -16.18 -10.19
C3D HEA I . -29.70 -14.83 -10.25
C4D HEA I . -30.91 -13.97 -10.11
CMD HEA I . -29.57 -17.50 -10.26
CAD HEA I . -28.26 -14.41 -10.41
CBD HEA I . -27.48 -14.70 -9.13
CGD HEA I . -26.13 -14.00 -9.18
O1D HEA I . -25.35 -14.26 -10.12
O2D HEA I . -25.85 -13.18 -8.27
C11 HEA I . -39.57 -13.18 -8.27
O11 HEA I . -39.76 -14.60 -8.20
C12 HEA I . -39.60 -12.58 -6.88
C13 HEA I . -40.05 -13.59 -5.84
C14 HEA I . -40.51 -12.83 -4.63
C15 HEA I . -41.47 -13.31 -3.83
C16 HEA I . -41.91 -12.50 -2.62
C17 HEA I . -42.20 -11.08 -3.07
C18 HEA I . -41.75 -10.07 -2.04
C19 HEA I . -42.64 -9.23 -1.47
C20 HEA I . -42.17 -8.23 -0.44
C21 HEA I . -42.70 -6.84 -0.74
C22 HEA I . -42.60 -5.99 0.51
C23 HEA I . -41.89 -4.86 0.53
C24 HEA I . -41.82 -4.05 1.80
C25 HEA I . -41.18 -4.38 -0.70
C26 HEA I . -42.12 -14.63 -4.13
C27 HEA I . -44.07 -9.28 -1.85
FE HEA J . -29.47 -24.15 -18.75
CHA HEA J . -27.58 -21.31 -18.49
CHB HEA J . -28.59 -24.72 -22.03
CHC HEA J . -31.57 -26.97 -18.90
CHD HEA J . -30.07 -23.99 -15.29
NA HEA J . -28.50 -23.06 -20.09
C1A HEA J . -27.39 -22.22 -19.63
C2A HEA J . -26.14 -22.29 -20.44
C3A HEA J . -26.47 -23.29 -21.46
C4A HEA J . -27.86 -23.75 -21.21
CMA HEA J . -25.57 -23.76 -22.53
OMA HEA J . -25.75 -24.81 -23.12
CAA HEA J . -24.83 -21.55 -20.27
CBA HEA J . -24.88 -20.23 -21.05
CGA HEA J . -23.58 -19.48 -20.91
O1A HEA J . -22.55 -20.00 -21.39
O2A HEA J . -23.59 -18.38 -20.32
NB HEA J . -29.99 -25.59 -20.23
C1B HEA J . -29.55 -25.69 -21.50
C2B HEA J . -30.08 -26.80 -22.31
C3B HEA J . -30.97 -27.48 -21.36
C4B HEA J . -30.83 -26.64 -20.13
CMB HEA J . -29.78 -27.17 -23.74
NC HEA J . -30.61 -25.26 -17.36
C1C HEA J . -31.39 -26.36 -17.58
C2C HEA J . -32.08 -26.94 -16.41
C3C HEA J . -31.63 -26.03 -15.34
C4C HEA J . -30.73 -25.07 -16.03
CMC HEA J . -33.00 -28.14 -16.37
CAC HEA J . -31.93 -26.05 -13.89
CBC HEA J . -33.13 -26.46 -13.47
ND HEA J . -28.91 -22.86 -17.17
C1D HEA J . -29.21 -22.94 -15.85
C2D HEA J . -28.65 -21.87 -14.99
C3D HEA J . -27.89 -21.06 -15.95
C4D HEA J . -28.13 -21.77 -17.23
CMD HEA J . -28.81 -21.67 -13.51
CAD HEA J . -27.09 -19.80 -15.72
CBD HEA J . -25.92 -20.04 -14.77
CGD HEA J . -25.21 -18.72 -14.53
O1D HEA J . -24.44 -18.28 -15.42
O2D HEA J . -25.43 -18.10 -13.46
C11 HEA J . -31.80 -28.68 -21.59
O11 HEA J . -31.64 -29.59 -20.49
C12 HEA J . -33.25 -28.25 -21.71
C13 HEA J . -34.07 -29.41 -22.25
C14 HEA J . -35.36 -28.84 -22.78
C15 HEA J . -35.54 -28.74 -24.10
C16 HEA J . -36.85 -28.17 -24.60
C17 HEA J . -37.92 -29.22 -24.39
C18 HEA J . -37.73 -30.32 -25.40
C19 HEA J . -38.64 -30.52 -26.36
C20 HEA J . -38.41 -31.62 -27.37
C21 HEA J . -38.20 -31.01 -28.74
C22 HEA J . -37.04 -30.05 -28.69
C23 HEA J . -35.94 -30.25 -29.44
C24 HEA J . -34.80 -29.29 -29.37
C25 HEA J . -35.88 -31.45 -30.34
C26 HEA J . -34.46 -29.16 -25.06
C27 HEA J . -39.87 -29.66 -26.43
CU CU K . -25.16 -26.06 -17.50
C1 HQO L . -30.62 -5.29 1.14
O1 HQO L . -30.47 -3.95 0.96
C2 HQO L . -31.85 -5.82 1.51
C3 HQO L . -32.04 -7.19 1.70
N1 HQO L . -31.04 -8.07 1.53
O4 HQO L . -31.24 -9.28 1.71
C5 HQO L . -29.74 -7.65 1.15
C6 HQO L . -28.71 -8.57 0.99
C7 HQO L . -27.45 -8.09 0.61
C8 HQO L . -27.20 -6.73 0.40
C9 HQO L . -28.21 -5.79 0.57
C10 HQO L . -29.48 -6.22 0.94
C11 HQO L . -33.40 -7.70 2.11
FE HEA M . 21.30 20.76 23.44
CHA HEA M . 20.46 18.22 21.40
CHB HEA M . 21.20 18.91 26.33
CHC HEA M . 21.05 23.67 25.25
CHD HEA M . 22.72 22.48 20.81
NA HEA M . 20.67 18.91 23.81
C1A HEA M . 20.90 17.91 22.77
C2A HEA M . 21.49 16.62 23.26
C3A HEA M . 21.69 16.87 24.72
C4A HEA M . 21.22 18.26 25.00
CMA HEA M . 22.27 15.88 25.69
OMA HEA M . 21.87 15.71 26.84
CAA HEA M . 21.85 15.35 22.52
CBA HEA M . 20.64 14.49 22.16
CGA HEA M . 21.02 13.05 21.93
O1A HEA M . 20.19 12.16 22.21
O2A HEA M . 22.15 12.79 21.45
NB HEA M . 21.15 21.22 25.48
C1B HEA M . 21.13 20.37 26.53
C2B HEA M . 21.01 21.02 27.86
C3B HEA M . 20.97 22.46 27.55
C4B HEA M . 21.07 22.44 26.05
CMB HEA M . 20.96 20.37 29.21
NC HEA M . 21.80 22.77 23.09
C1C HEA M . 21.66 23.83 23.92
C2C HEA M . 22.10 25.16 23.40
C3C HEA M . 22.60 24.77 22.07
C4C HEA M . 22.38 23.30 21.99
CMC HEA M . 22.06 26.50 24.08
CAC HEA M . 23.20 25.63 21.02
CBC HEA M . 22.92 26.92 20.93
ND HEA M . 21.54 20.39 21.39
C1D HEA M . 22.12 21.17 20.46
C2D HEA M . 22.14 20.62 19.07
C3D HEA M . 21.46 19.32 19.22
C4D HEA M . 21.14 19.31 20.67
CMD HEA M . 22.71 21.24 17.82
CAD HEA M . 21.17 18.30 18.14
CBD HEA M . 20.08 18.81 17.21
CGD HEA M . 19.56 17.68 16.33
O1D HEA M . 20.34 17.07 15.58
O2D HEA M . 18.34 17.42 16.39
C11 HEA M . 20.86 23.58 28.50
O11 HEA M . 21.57 24.73 28.04
C12 HEA M . 19.40 23.93 28.76
C13 HEA M . 19.08 25.44 28.67
C14 HEA M . 17.78 25.73 29.39
C15 HEA M . 17.52 26.91 30.00
C16 HEA M . 16.19 27.10 30.70
C17 HEA M . 15.93 25.92 31.64
C18 HEA M . 14.48 25.50 31.65
C19 HEA M . 13.74 25.52 32.77
C20 HEA M . 12.29 25.08 32.72
C21 HEA M . 12.00 24.08 33.84
C22 HEA M . 10.52 23.96 34.08
C23 HEA M . 9.86 22.79 33.95
C24 HEA M . 8.38 22.74 34.20
C25 HEA M . 10.59 21.53 33.57
C26 HEA M . 18.53 28.01 29.99
C27 HEA M . 14.34 25.96 34.08
FE HEA N . 32.79 22.31 15.17
CHA HEA N . 30.95 19.44 14.87
CHB HEA N . 35.74 20.78 14.26
CHC HEA N . 34.58 25.29 15.66
CHD HEA N . 29.80 24.12 15.58
NA HEA N . 33.29 20.41 14.91
C1A HEA N . 32.30 19.52 14.31
C2A HEA N . 32.79 18.66 13.20
C3A HEA N . 34.20 19.09 13.05
C4A HEA N . 34.45 20.13 14.06
CMA HEA N . 35.17 18.55 12.05
OMA HEA N . 36.18 19.16 11.75
CAA HEA N . 32.03 17.63 12.41
CBA HEA N . 32.14 16.30 13.14
CGA HEA N . 31.39 15.21 12.40
O1A HEA N . 31.81 14.89 11.26
O2A HEA N . 30.39 14.71 12.94
NB HEA N . 34.82 22.91 14.99
C1B HEA N . 35.89 22.20 14.62
C2B HEA N . 37.21 22.89 14.58
C3B HEA N . 36.84 24.26 15.00
C4B HEA N . 35.37 24.14 15.22
CMB HEA N . 38.56 22.36 14.20
NC HEA N . 32.29 24.32 15.54
C1C HEA N . 33.12 25.39 15.71
C2C HEA N . 32.50 26.70 15.97
C3C HEA N . 31.08 26.34 15.95
C4C HEA N . 31.05 24.88 15.68
CMC HEA N . 33.20 28.03 16.18
CAC HEA N . 29.90 27.23 16.13
CBC HEA N . 29.99 28.28 16.92
ND HEA N . 30.73 21.84 15.22
C1D HEA N . 29.67 22.67 15.38
C2D HEA N . 28.33 22.02 15.36
C3D HEA N . 28.65 20.59 15.14
C4D HEA N . 30.14 20.64 15.07
CMD HEA N . 26.97 22.66 15.51
CAD HEA N . 27.73 19.40 15.03
CBD HEA N . 26.75 19.52 13.85
CGD HEA N . 25.81 18.33 13.84
O1D HEA N . 26.21 17.24 13.40
O2D HEA N . 24.64 18.50 14.28
C11 HEA N . 37.71 25.44 15.17
O11 HEA N . 37.10 26.57 14.53
C12 HEA N . 37.89 25.70 16.66
C13 HEA N . 39.01 26.70 16.90
C14 HEA N . 39.44 26.59 18.34
C15 HEA N . 40.60 25.99 18.65
C16 HEA N . 41.02 25.88 20.09
C17 HEA N . 41.52 27.24 20.58
C18 HEA N . 42.88 27.48 20.00
C19 HEA N . 43.96 27.54 20.78
C20 HEA N . 45.34 27.78 20.19
C21 HEA N . 46.19 26.53 20.38
C22 HEA N . 45.52 25.35 19.73
C23 HEA N . 46.11 24.68 18.73
C24 HEA N . 45.42 23.51 18.10
C25 HEA N . 47.47 25.10 18.25
C26 HEA N . 41.46 25.41 17.55
C27 HEA N . 43.83 27.36 22.27
CU CU O . 31.63 22.62 10.89
C1 HQO P . 7.01 18.05 23.85
O1 HQO P . 6.40 16.95 24.37
C2 HQO P . 7.23 19.17 24.63
C3 HQO P . 7.85 20.31 24.12
N1 HQO P . 8.26 20.39 22.84
O4 HQO P . 8.81 21.43 22.43
C5 HQO P . 8.10 19.31 21.95
C6 HQO P . 8.51 19.38 20.62
C7 HQO P . 8.32 18.28 19.80
C8 HQO P . 7.70 17.11 20.25
C9 HQO P . 7.27 17.00 21.57
C10 HQO P . 7.44 18.08 22.43
C11 HQO P . 8.05 21.49 25.03
#